data_3FXY
#
_entry.id   3FXY
#
_cell.length_a   69.941
_cell.length_b   92.360
_cell.length_c   111.669
_cell.angle_alpha   90.00
_cell.angle_beta   95.92
_cell.angle_gamma   90.00
#
_symmetry.space_group_name_H-M   'P 1 21 1'
#
loop_
_entity.id
_entity.type
_entity.pdbx_description
1 polymer 'Acidic mammalian chitinase'
2 water water
#
_entity_poly.entity_id   1
_entity_poly.type   'polypeptide(L)'
_entity_poly.pdbx_seq_one_letter_code
;YQLTCYFTNWAQYRPGLGRFMPDDINPCLCTHLIYAFAGMQNNEITTIEWNDVTLYQAFNGLKNKNSQLKTLLAIGGWNF
GTAPFTAMVSTPENRQTFITSVIKFLRQYEFDGLDFDWEYPGSRGSPPQDKHLFTVLVQEMREAFEQEAKQINKPRLMVT
AAVAAGISNIQSGYEIPQLSQYLDYIHVMTYDLHGSWEGYTGENSPLYKYPTDTGSNAYLNVDYVMNYWKDNGAPAEKLI
VGFPTYGHNFILSNPSNTGIGAPTSGAGPAGPYAKESGIWAYYEICTFLKNGATQGWDAPQEVPYAYQGNVWVGYDNVKS
FDIKAQWLKHNKFGGAMVWAIDLDDFTGTFCNQGKFPLISTLKKALGLQSASCTAPAQPIEPITAAPGSHHHHHH
;
_entity_poly.pdbx_strand_id   A,B,C,D
#
# COMPACT_ATOMS: atom_id res chain seq x y z
N TYR A 1 -26.76 -20.57 -20.90
CA TYR A 1 -27.82 -20.25 -19.90
C TYR A 1 -27.77 -21.18 -18.69
N GLN A 2 -28.32 -20.72 -17.57
CA GLN A 2 -28.42 -21.52 -16.36
C GLN A 2 -29.83 -22.06 -16.19
N LEU A 3 -29.94 -23.27 -15.66
CA LEU A 3 -31.24 -23.82 -15.25
C LEU A 3 -31.11 -24.36 -13.83
N THR A 4 -31.71 -23.63 -12.91
CA THR A 4 -31.53 -23.82 -11.49
C THR A 4 -32.82 -24.37 -10.89
N CYS A 5 -32.74 -25.56 -10.29
CA CYS A 5 -33.92 -26.25 -9.81
C CYS A 5 -33.90 -26.42 -8.28
N TYR A 6 -34.91 -25.85 -7.62
CA TYR A 6 -35.07 -25.98 -6.17
C TYR A 6 -35.71 -27.32 -5.83
N PHE A 7 -35.06 -28.05 -4.93
CA PHE A 7 -35.61 -29.28 -4.32
C PHE A 7 -36.01 -28.95 -2.89
N THR A 8 -37.17 -29.45 -2.46
CA THR A 8 -37.66 -29.13 -1.12
C THR A 8 -37.67 -30.35 -0.19
N ASN A 9 -37.12 -30.17 1.01
CA ASN A 9 -36.94 -31.29 1.93
C ASN A 9 -38.21 -31.77 2.63
N TRP A 10 -39.36 -31.18 2.28
CA TRP A 10 -40.65 -31.62 2.82
C TRP A 10 -41.47 -32.46 1.84
N ALA A 11 -41.01 -32.53 0.59
CA ALA A 11 -41.64 -33.35 -0.45
C ALA A 11 -41.57 -34.86 -0.15
N GLN A 12 -40.60 -35.25 0.67
CA GLN A 12 -40.49 -36.61 1.20
C GLN A 12 -41.77 -37.13 1.92
N TYR A 13 -42.57 -36.21 2.46
CA TYR A 13 -43.73 -36.60 3.26
C TYR A 13 -45.03 -36.82 2.49
N ARG A 14 -45.00 -36.54 1.19
CA ARG A 14 -46.19 -36.69 0.35
C ARG A 14 -46.51 -38.16 0.08
N PRO A 15 -47.81 -38.51 0.05
CA PRO A 15 -48.20 -39.91 -0.13
C PRO A 15 -48.01 -40.46 -1.55
N GLY A 16 -47.81 -41.77 -1.65
CA GLY A 16 -47.76 -42.48 -2.93
C GLY A 16 -46.86 -41.84 -3.97
N LEU A 17 -47.43 -41.57 -5.14
CA LEU A 17 -46.67 -41.03 -6.27
C LEU A 17 -46.18 -39.59 -6.07
N GLY A 18 -46.59 -38.96 -4.97
CA GLY A 18 -46.15 -37.60 -4.64
C GLY A 18 -44.80 -37.51 -3.93
N ARG A 19 -44.40 -38.59 -3.26
CA ARG A 19 -43.13 -38.64 -2.55
C ARG A 19 -41.98 -38.37 -3.51
N PHE A 20 -41.14 -37.40 -3.14
CA PHE A 20 -39.99 -37.01 -3.95
C PHE A 20 -38.75 -36.94 -3.07
N MET A 21 -37.77 -37.76 -3.41
CA MET A 21 -36.49 -37.84 -2.69
C MET A 21 -35.37 -37.33 -3.61
N PRO A 22 -34.18 -37.04 -3.05
CA PRO A 22 -33.09 -36.55 -3.91
C PRO A 22 -32.80 -37.46 -5.11
N ASP A 23 -32.88 -38.77 -4.92
CA ASP A 23 -32.62 -39.73 -6.00
C ASP A 23 -33.68 -39.75 -7.13
N ASP A 24 -34.77 -39.01 -6.95
CA ASP A 24 -35.77 -38.85 -8.02
C ASP A 24 -35.39 -37.74 -9.01
N ILE A 25 -34.32 -37.01 -8.70
CA ILE A 25 -33.83 -35.95 -9.58
C ILE A 25 -32.97 -36.55 -10.71
N ASN A 26 -33.32 -36.22 -11.94
CA ASN A 26 -32.46 -36.50 -13.09
C ASN A 26 -31.24 -35.56 -13.04
N PRO A 27 -30.04 -36.12 -12.81
CA PRO A 27 -28.82 -35.30 -12.66
C PRO A 27 -28.45 -34.48 -13.90
N CYS A 28 -28.98 -34.87 -15.05
CA CYS A 28 -28.66 -34.18 -16.31
C CYS A 28 -29.73 -33.20 -16.75
N LEU A 29 -30.71 -32.95 -15.88
CA LEU A 29 -31.82 -32.08 -16.22
C LEU A 29 -31.51 -30.59 -16.00
N CYS A 30 -30.96 -30.27 -14.83
CA CYS A 30 -30.66 -28.88 -14.46
C CYS A 30 -29.15 -28.62 -14.39
N THR A 31 -28.74 -27.35 -14.44
CA THR A 31 -27.33 -26.99 -14.30
C THR A 31 -26.95 -26.75 -12.83
N HIS A 32 -27.90 -26.23 -12.07
CA HIS A 32 -27.74 -25.99 -10.64
C HIS A 32 -28.91 -26.63 -9.90
N LEU A 33 -28.63 -27.22 -8.73
CA LEU A 33 -29.67 -27.69 -7.83
C LEU A 33 -29.55 -27.02 -6.46
N ILE A 34 -30.69 -26.57 -5.91
CA ILE A 34 -30.71 -25.87 -4.63
C ILE A 34 -31.60 -26.60 -3.64
N TYR A 35 -31.04 -26.88 -2.46
CA TYR A 35 -31.71 -27.62 -1.39
C TYR A 35 -32.40 -26.64 -0.44
N ALA A 36 -33.73 -26.71 -0.38
CA ALA A 36 -34.52 -25.87 0.54
C ALA A 36 -35.11 -26.73 1.66
N PHE A 37 -34.91 -26.38 2.93
CA PHE A 37 -34.16 -25.22 3.42
C PHE A 37 -33.25 -25.65 4.58
N ALA A 38 -32.22 -24.85 4.86
CA ALA A 38 -31.47 -24.93 6.11
C ALA A 38 -32.04 -23.92 7.11
N GLY A 39 -31.77 -24.15 8.40
CA GLY A 39 -32.22 -23.22 9.45
C GLY A 39 -31.07 -22.52 10.15
N MET A 40 -31.34 -22.04 11.36
CA MET A 40 -30.33 -21.31 12.13
C MET A 40 -30.55 -21.51 13.63
N GLN A 41 -29.45 -21.70 14.37
CA GLN A 41 -29.44 -21.76 15.83
C GLN A 41 -28.22 -21.00 16.33
N ASN A 42 -28.43 -20.04 17.23
CA ASN A 42 -27.36 -19.21 17.79
C ASN A 42 -26.41 -18.68 16.71
N ASN A 43 -27.00 -18.13 15.66
CA ASN A 43 -26.27 -17.52 14.52
C ASN A 43 -25.41 -18.48 13.71
N GLU A 44 -25.78 -19.75 13.73
CA GLU A 44 -25.06 -20.79 12.99
C GLU A 44 -26.05 -21.61 12.17
N ILE A 45 -25.65 -21.94 10.93
CA ILE A 45 -26.49 -22.72 10.02
C ILE A 45 -26.72 -24.14 10.56
N THR A 46 -27.96 -24.63 10.41
CA THR A 46 -28.34 -25.95 10.89
C THR A 46 -29.24 -26.66 9.89
N THR A 47 -29.44 -27.96 10.11
CA THR A 47 -30.48 -28.73 9.41
C THR A 47 -31.86 -28.37 9.99
N ILE A 48 -32.91 -28.86 9.34
CA ILE A 48 -34.30 -28.63 9.78
C ILE A 48 -35.09 -29.94 9.89
N GLU A 49 -34.78 -30.91 9.03
CA GLU A 49 -35.43 -32.21 9.08
C GLU A 49 -34.50 -33.23 9.69
N TRP A 50 -35.11 -34.20 10.40
CA TRP A 50 -34.39 -35.27 11.09
C TRP A 50 -33.39 -36.00 10.20
N ASN A 51 -33.74 -36.15 8.92
CA ASN A 51 -32.93 -36.92 7.97
C ASN A 51 -32.15 -36.09 6.94
N ASP A 52 -32.03 -34.78 7.20
CA ASP A 52 -31.34 -33.87 6.26
C ASP A 52 -29.94 -34.33 5.85
N VAL A 53 -29.16 -34.86 6.78
CA VAL A 53 -27.78 -35.29 6.51
C VAL A 53 -27.74 -36.41 5.47
N THR A 54 -28.67 -37.36 5.62
CA THR A 54 -28.85 -38.44 4.66
C THR A 54 -29.27 -37.92 3.28
N LEU A 55 -30.21 -36.97 3.28
CA LEU A 55 -30.67 -36.36 2.04
C LEU A 55 -29.58 -35.51 1.38
N TYR A 56 -28.79 -34.80 2.18
CA TYR A 56 -27.63 -34.03 1.67
C TYR A 56 -26.66 -34.93 0.90
N GLN A 57 -26.37 -36.10 1.48
CA GLN A 57 -25.45 -37.06 0.89
C GLN A 57 -25.96 -37.57 -0.46
N ALA A 58 -27.25 -37.92 -0.52
CA ALA A 58 -27.88 -38.35 -1.78
C ALA A 58 -27.95 -37.20 -2.80
N PHE A 59 -28.28 -36.01 -2.31
CA PHE A 59 -28.43 -34.81 -3.13
C PHE A 59 -27.10 -34.47 -3.81
N ASN A 60 -26.04 -34.36 -3.01
CA ASN A 60 -24.73 -33.97 -3.53
C ASN A 60 -24.04 -35.12 -4.27
N GLY A 61 -24.49 -36.34 -4.01
CA GLY A 61 -24.04 -37.53 -4.74
C GLY A 61 -24.39 -37.52 -6.21
N LEU A 62 -25.44 -36.77 -6.56
CA LEU A 62 -25.91 -36.65 -7.95
C LEU A 62 -24.84 -36.08 -8.89
N LYS A 63 -23.93 -35.30 -8.31
CA LYS A 63 -22.80 -34.69 -9.03
C LYS A 63 -21.81 -35.72 -9.58
N ASN A 64 -21.82 -36.94 -9.03
CA ASN A 64 -21.03 -38.04 -9.57
C ASN A 64 -21.45 -38.39 -11.00
N LYS A 65 -22.70 -38.10 -11.33
CA LYS A 65 -23.28 -38.45 -12.64
C LYS A 65 -23.28 -37.31 -13.65
N ASN A 66 -22.90 -36.11 -13.19
CA ASN A 66 -22.87 -34.91 -14.02
C ASN A 66 -21.75 -34.00 -13.53
N SER A 67 -20.67 -33.94 -14.32
CA SER A 67 -19.45 -33.22 -13.92
C SER A 67 -19.54 -31.68 -13.97
N GLN A 68 -20.67 -31.15 -14.44
CA GLN A 68 -20.86 -29.72 -14.47
C GLN A 68 -21.94 -29.25 -13.49
N LEU A 69 -22.67 -30.20 -12.92
CA LEU A 69 -23.72 -29.90 -11.95
C LEU A 69 -23.16 -29.30 -10.65
N LYS A 70 -23.75 -28.19 -10.23
CA LYS A 70 -23.37 -27.56 -8.98
C LYS A 70 -24.55 -27.52 -8.02
N THR A 71 -24.28 -27.69 -6.73
CA THR A 71 -25.33 -27.70 -5.72
C THR A 71 -25.17 -26.55 -4.74
N LEU A 72 -26.29 -26.04 -4.25
CA LEU A 72 -26.31 -25.01 -3.24
C LEU A 72 -27.31 -25.37 -2.15
N LEU A 73 -27.06 -24.86 -0.96
CA LEU A 73 -28.00 -24.99 0.14
C LEU A 73 -28.70 -23.66 0.38
N ALA A 74 -30.03 -23.70 0.42
CA ALA A 74 -30.83 -22.51 0.68
C ALA A 74 -31.15 -22.38 2.18
N ILE A 75 -30.85 -21.22 2.75
CA ILE A 75 -31.20 -20.94 4.15
C ILE A 75 -32.38 -19.96 4.23
N GLY A 76 -33.38 -20.30 5.06
CA GLY A 76 -34.52 -19.43 5.29
C GLY A 76 -35.85 -20.03 4.86
N GLY A 77 -36.53 -19.32 3.96
CA GLY A 77 -37.87 -19.70 3.53
C GLY A 77 -38.95 -18.89 4.21
N TRP A 78 -40.19 -19.17 3.85
CA TRP A 78 -41.36 -18.44 4.36
C TRP A 78 -41.56 -18.61 5.87
N ASN A 79 -41.74 -19.85 6.33
CA ASN A 79 -42.00 -20.13 7.75
C ASN A 79 -40.90 -19.64 8.71
N PHE A 80 -39.66 -19.63 8.23
CA PHE A 80 -38.49 -19.18 9.00
C PHE A 80 -38.62 -17.74 9.50
N GLY A 81 -39.27 -16.89 8.69
CA GLY A 81 -39.49 -15.50 9.04
C GLY A 81 -38.25 -14.66 8.89
N THR A 82 -38.23 -13.52 9.56
CA THR A 82 -37.14 -12.56 9.42
C THR A 82 -36.28 -12.42 10.67
N ALA A 83 -36.88 -12.65 11.84
CA ALA A 83 -36.21 -12.44 13.15
C ALA A 83 -34.79 -13.01 13.29
N PRO A 84 -34.56 -14.29 12.92
CA PRO A 84 -33.19 -14.81 13.06
C PRO A 84 -32.18 -14.10 12.14
N PHE A 85 -32.62 -13.68 10.96
CA PHE A 85 -31.75 -12.96 10.02
C PHE A 85 -31.41 -11.57 10.56
N THR A 86 -32.43 -10.86 11.05
CA THR A 86 -32.25 -9.55 11.70
C THR A 86 -31.21 -9.60 12.83
N ALA A 87 -31.36 -10.57 13.73
CA ALA A 87 -30.44 -10.71 14.86
C ALA A 87 -29.01 -11.06 14.41
N MET A 88 -28.91 -11.94 13.41
CA MET A 88 -27.61 -12.38 12.90
C MET A 88 -26.81 -11.27 12.20
N VAL A 89 -27.50 -10.40 11.46
CA VAL A 89 -26.80 -9.34 10.72
C VAL A 89 -26.54 -8.09 11.57
N SER A 90 -27.12 -8.05 12.77
CA SER A 90 -27.09 -6.86 13.62
C SER A 90 -25.69 -6.45 14.12
N THR A 91 -24.79 -7.42 14.23
CA THR A 91 -23.41 -7.12 14.65
C THR A 91 -22.41 -7.85 13.74
N PRO A 92 -21.22 -7.27 13.53
CA PRO A 92 -20.20 -7.97 12.74
C PRO A 92 -19.77 -9.30 13.35
N GLU A 93 -19.80 -9.38 14.68
CA GLU A 93 -19.40 -10.61 15.39
C GLU A 93 -20.36 -11.77 15.11
N ASN A 94 -21.67 -11.49 15.10
CA ASN A 94 -22.69 -12.48 14.74
C ASN A 94 -22.58 -12.90 13.27
N ARG A 95 -22.29 -11.93 12.41
CA ARG A 95 -22.09 -12.22 10.98
C ARG A 95 -20.90 -13.15 10.74
N GLN A 96 -19.77 -12.88 11.41
CA GLN A 96 -18.58 -13.74 11.27
C GLN A 96 -18.87 -15.16 11.76
N THR A 97 -19.56 -15.27 12.88
CA THR A 97 -19.94 -16.57 13.45
C THR A 97 -20.78 -17.37 12.44
N PHE A 98 -21.79 -16.72 11.86
CA PHE A 98 -22.63 -17.33 10.83
C PHE A 98 -21.81 -17.77 9.61
N ILE A 99 -21.04 -16.83 9.07
CA ILE A 99 -20.20 -17.08 7.90
C ILE A 99 -19.24 -18.26 8.12
N THR A 100 -18.54 -18.26 9.25
CA THR A 100 -17.66 -19.39 9.62
C THR A 100 -18.44 -20.70 9.64
N SER A 101 -19.61 -20.71 10.28
CA SER A 101 -20.45 -21.91 10.33
C SER A 101 -20.87 -22.39 8.95
N VAL A 102 -21.22 -21.45 8.06
CA VAL A 102 -21.62 -21.77 6.67
C VAL A 102 -20.47 -22.42 5.87
N ILE A 103 -19.28 -21.82 5.88
CA ILE A 103 -18.13 -22.41 5.18
C ILE A 103 -17.91 -23.86 5.65
N LYS A 104 -17.92 -24.07 6.96
CA LYS A 104 -17.72 -25.41 7.54
C LYS A 104 -18.80 -26.39 7.12
N PHE A 105 -20.05 -25.94 7.19
CA PHE A 105 -21.23 -26.75 6.87
C PHE A 105 -21.23 -27.19 5.40
N LEU A 106 -21.03 -26.24 4.49
CA LEU A 106 -21.04 -26.54 3.06
C LEU A 106 -19.91 -27.48 2.66
N ARG A 107 -18.73 -27.30 3.24
CA ARG A 107 -17.59 -28.17 2.96
C ARG A 107 -17.76 -29.58 3.55
N GLN A 108 -18.37 -29.67 4.74
CA GLN A 108 -18.61 -30.98 5.37
C GLN A 108 -19.55 -31.86 4.54
N TYR A 109 -20.63 -31.26 4.02
CA TYR A 109 -21.67 -32.00 3.32
C TYR A 109 -21.55 -31.96 1.80
N GLU A 110 -20.53 -31.25 1.31
CA GLU A 110 -20.18 -31.20 -0.12
C GLU A 110 -21.15 -30.38 -1.01
N PHE A 111 -21.58 -29.23 -0.51
CA PHE A 111 -22.33 -28.25 -1.31
C PHE A 111 -21.36 -27.27 -1.95
N ASP A 112 -21.72 -26.73 -3.12
CA ASP A 112 -20.89 -25.76 -3.83
C ASP A 112 -21.17 -24.29 -3.51
N GLY A 113 -22.19 -24.05 -2.70
CA GLY A 113 -22.54 -22.68 -2.34
C GLY A 113 -23.77 -22.52 -1.46
N LEU A 114 -24.10 -21.27 -1.17
CA LEU A 114 -25.24 -20.94 -0.34
C LEU A 114 -26.19 -19.98 -1.08
N ASP A 115 -27.48 -20.29 -1.00
CA ASP A 115 -28.54 -19.42 -1.52
C ASP A 115 -29.26 -18.78 -0.33
N PHE A 116 -29.27 -17.46 -0.28
CA PHE A 116 -30.00 -16.74 0.75
C PHE A 116 -31.48 -16.66 0.39
N ASP A 117 -32.34 -17.13 1.29
CA ASP A 117 -33.79 -17.02 1.09
C ASP A 117 -34.45 -16.25 2.24
N TRP A 118 -33.95 -15.04 2.48
CA TRP A 118 -34.51 -14.14 3.47
C TRP A 118 -35.71 -13.45 2.82
N GLU A 119 -36.90 -13.71 3.35
CA GLU A 119 -38.10 -13.12 2.80
C GLU A 119 -38.79 -12.20 3.80
N TYR A 120 -38.44 -10.91 3.86
CA TYR A 120 -37.40 -10.26 3.06
C TYR A 120 -36.71 -9.27 3.99
N PRO A 121 -35.50 -8.82 3.62
CA PRO A 121 -34.96 -7.68 4.37
C PRO A 121 -35.87 -6.47 4.16
N GLY A 122 -36.14 -5.72 5.24
CA GLY A 122 -36.93 -4.50 5.14
C GLY A 122 -38.44 -4.68 5.12
N SER A 123 -38.90 -5.92 5.07
CA SER A 123 -40.35 -6.19 5.09
C SER A 123 -40.70 -7.47 5.84
N ARG A 124 -42.00 -7.69 6.02
CA ARG A 124 -42.52 -8.88 6.68
C ARG A 124 -41.95 -9.05 8.10
N GLY A 125 -41.77 -7.94 8.81
CA GLY A 125 -41.25 -7.95 10.18
C GLY A 125 -39.85 -7.39 10.32
N SER A 126 -39.07 -7.43 9.25
CA SER A 126 -37.67 -6.99 9.24
C SER A 126 -37.56 -5.46 9.22
N PRO A 127 -36.81 -4.86 10.17
CA PRO A 127 -36.65 -3.39 10.23
C PRO A 127 -35.85 -2.78 9.08
N PRO A 128 -35.96 -1.44 8.87
CA PRO A 128 -35.37 -0.71 7.73
C PRO A 128 -33.86 -0.87 7.55
N GLN A 129 -33.13 -1.05 8.64
CA GLN A 129 -31.66 -1.16 8.59
C GLN A 129 -31.17 -2.44 7.93
N ASP A 130 -32.06 -3.44 7.83
CA ASP A 130 -31.72 -4.73 7.24
C ASP A 130 -31.44 -4.68 5.73
N LYS A 131 -32.04 -3.71 5.05
CA LYS A 131 -31.77 -3.46 3.64
C LYS A 131 -30.27 -3.31 3.38
N HIS A 132 -29.64 -2.39 4.12
CA HIS A 132 -28.20 -2.20 3.99
C HIS A 132 -27.39 -3.33 4.62
N LEU A 133 -27.86 -3.85 5.76
CA LEU A 133 -27.11 -4.93 6.43
C LEU A 133 -27.06 -6.24 5.65
N PHE A 134 -28.06 -6.47 4.80
CA PHE A 134 -28.04 -7.59 3.85
C PHE A 134 -26.89 -7.45 2.85
N THR A 135 -26.74 -6.26 2.27
CA THR A 135 -25.59 -5.95 1.43
C THR A 135 -24.28 -6.28 2.16
N VAL A 136 -24.17 -5.82 3.40
CA VAL A 136 -22.95 -6.01 4.20
C VAL A 136 -22.69 -7.48 4.45
N LEU A 137 -23.74 -8.21 4.83
CA LEU A 137 -23.70 -9.66 5.01
C LEU A 137 -23.20 -10.38 3.76
N VAL A 138 -23.78 -10.04 2.61
CA VAL A 138 -23.43 -10.69 1.35
C VAL A 138 -21.99 -10.33 0.95
N GLN A 139 -21.60 -9.08 1.14
CA GLN A 139 -20.23 -8.63 0.90
C GLN A 139 -19.23 -9.48 1.69
N GLU A 140 -19.46 -9.60 3.00
CA GLU A 140 -18.58 -10.35 3.89
C GLU A 140 -18.56 -11.85 3.56
N MET A 141 -19.71 -12.41 3.20
CA MET A 141 -19.77 -13.82 2.80
C MET A 141 -18.94 -14.09 1.54
N ARG A 142 -19.09 -13.24 0.53
CA ARG A 142 -18.31 -13.33 -0.71
C ARG A 142 -16.80 -13.26 -0.43
N GLU A 143 -16.40 -12.27 0.38
CA GLU A 143 -15.00 -12.09 0.79
C GLU A 143 -14.42 -13.30 1.49
N ALA A 144 -15.17 -13.85 2.45
CA ALA A 144 -14.73 -15.02 3.21
C ALA A 144 -14.63 -16.26 2.32
N PHE A 145 -15.58 -16.41 1.39
CA PHE A 145 -15.54 -17.48 0.37
C PHE A 145 -14.29 -17.36 -0.51
N GLU A 146 -13.98 -16.14 -0.93
CA GLU A 146 -12.81 -15.85 -1.75
C GLU A 146 -11.53 -16.24 -1.03
N GLN A 147 -11.45 -15.85 0.25
CA GLN A 147 -10.27 -16.15 1.09
C GLN A 147 -10.13 -17.64 1.38
N GLU A 148 -11.23 -18.30 1.71
CA GLU A 148 -11.22 -19.73 2.04
C GLU A 148 -10.71 -20.58 0.86
N ALA A 149 -11.07 -20.17 -0.35
CA ALA A 149 -10.68 -20.85 -1.58
C ALA A 149 -9.16 -20.94 -1.71
N LYS A 150 -8.47 -19.87 -1.33
CA LYS A 150 -7.00 -19.81 -1.35
C LYS A 150 -6.38 -20.62 -0.22
N GLN A 151 -7.13 -20.75 0.88
CA GLN A 151 -6.67 -21.49 2.06
C GLN A 151 -6.70 -23.00 1.83
N ILE A 152 -7.79 -23.52 1.26
CA ILE A 152 -7.90 -24.96 1.02
C ILE A 152 -7.62 -25.39 -0.42
N ASN A 153 -7.21 -24.43 -1.24
CA ASN A 153 -6.82 -24.67 -2.65
C ASN A 153 -7.90 -25.37 -3.47
N LYS A 154 -9.12 -24.83 -3.39
CA LYS A 154 -10.27 -25.33 -4.17
C LYS A 154 -11.02 -24.14 -4.77
N PRO A 155 -11.81 -24.38 -5.84
CA PRO A 155 -12.69 -23.31 -6.34
C PRO A 155 -13.56 -22.71 -5.23
N ARG A 156 -13.78 -21.40 -5.34
CA ARG A 156 -14.59 -20.64 -4.41
C ARG A 156 -16.01 -21.21 -4.30
N LEU A 157 -16.56 -21.18 -3.09
CA LEU A 157 -17.98 -21.44 -2.87
C LEU A 157 -18.79 -20.30 -3.48
N MET A 158 -19.98 -20.63 -3.97
CA MET A 158 -20.88 -19.66 -4.60
C MET A 158 -21.77 -18.99 -3.55
N VAL A 159 -22.14 -17.74 -3.81
CA VAL A 159 -23.14 -17.06 -3.01
C VAL A 159 -24.25 -16.49 -3.92
N THR A 160 -25.49 -16.91 -3.66
CA THR A 160 -26.65 -16.43 -4.44
C THR A 160 -27.78 -16.01 -3.50
N ALA A 161 -28.83 -15.40 -4.06
CA ALA A 161 -30.01 -15.05 -3.27
C ALA A 161 -31.30 -15.13 -4.07
N ALA A 162 -32.34 -15.64 -3.42
CA ALA A 162 -33.71 -15.51 -3.93
C ALA A 162 -34.23 -14.17 -3.46
N VAL A 163 -34.82 -13.40 -4.38
CA VAL A 163 -35.23 -12.02 -4.08
C VAL A 163 -36.67 -11.74 -4.45
N ALA A 164 -37.23 -10.70 -3.84
CA ALA A 164 -38.63 -10.29 -4.05
C ALA A 164 -38.96 -9.89 -5.49
N ALA A 165 -40.19 -10.16 -5.90
CA ALA A 165 -40.74 -9.66 -7.16
C ALA A 165 -41.69 -8.47 -6.96
N GLY A 166 -42.18 -8.29 -5.73
CA GLY A 166 -43.04 -7.15 -5.41
C GLY A 166 -42.24 -5.86 -5.35
N ILE A 167 -42.73 -4.84 -6.04
CA ILE A 167 -41.97 -3.59 -6.20
C ILE A 167 -41.66 -2.90 -4.88
N SER A 168 -42.66 -2.76 -4.00
CA SER A 168 -42.42 -2.15 -2.69
C SER A 168 -41.45 -2.97 -1.83
N ASN A 169 -41.56 -4.29 -1.90
CA ASN A 169 -40.62 -5.18 -1.19
C ASN A 169 -39.20 -5.04 -1.74
N ILE A 170 -39.08 -4.89 -3.06
CA ILE A 170 -37.80 -4.66 -3.72
C ILE A 170 -37.18 -3.35 -3.24
N GLN A 171 -37.99 -2.30 -3.24
CA GLN A 171 -37.54 -0.96 -2.87
C GLN A 171 -37.14 -0.82 -1.41
N SER A 172 -37.82 -1.56 -0.52
CA SER A 172 -37.47 -1.53 0.90
C SER A 172 -36.43 -2.60 1.28
N GLY A 173 -36.06 -3.47 0.34
CA GLY A 173 -35.24 -4.63 0.64
C GLY A 173 -33.80 -4.67 0.18
N TYR A 174 -33.52 -4.07 -0.97
CA TYR A 174 -32.21 -4.26 -1.61
C TYR A 174 -31.54 -2.98 -2.15
N GLU A 175 -30.24 -2.89 -1.90
CA GLU A 175 -29.40 -1.89 -2.54
C GLU A 175 -28.86 -2.56 -3.80
N ILE A 176 -29.61 -2.45 -4.90
CA ILE A 176 -29.41 -3.30 -6.09
C ILE A 176 -28.02 -3.21 -6.73
N PRO A 177 -27.57 -1.99 -7.11
CA PRO A 177 -26.25 -1.90 -7.74
C PRO A 177 -25.13 -2.53 -6.90
N GLN A 178 -25.05 -2.21 -5.60
CA GLN A 178 -23.96 -2.73 -4.76
C GLN A 178 -24.11 -4.23 -4.45
N LEU A 179 -25.32 -4.66 -4.12
CA LEU A 179 -25.59 -6.06 -3.83
C LEU A 179 -25.23 -6.96 -5.02
N SER A 180 -25.54 -6.49 -6.24
CA SER A 180 -25.33 -7.27 -7.46
C SER A 180 -23.86 -7.52 -7.80
N GLN A 181 -22.97 -6.71 -7.21
CA GLN A 181 -21.52 -6.91 -7.39
C GLN A 181 -20.97 -8.11 -6.61
N TYR A 182 -21.68 -8.55 -5.57
CA TYR A 182 -21.22 -9.65 -4.71
C TYR A 182 -21.88 -11.00 -5.00
N LEU A 183 -23.19 -10.97 -5.28
CA LEU A 183 -23.95 -12.19 -5.60
C LEU A 183 -23.52 -12.77 -6.94
N ASP A 184 -23.39 -14.08 -7.01
CA ASP A 184 -23.10 -14.77 -8.27
C ASP A 184 -24.33 -14.84 -9.17
N TYR A 185 -25.47 -15.12 -8.55
CA TYR A 185 -26.78 -15.17 -9.22
C TYR A 185 -27.88 -14.59 -8.35
N ILE A 186 -28.86 -13.99 -9.01
CA ILE A 186 -30.02 -13.35 -8.39
C ILE A 186 -31.26 -14.10 -8.88
N HIS A 187 -31.88 -14.86 -7.98
CA HIS A 187 -33.02 -15.70 -8.30
C HIS A 187 -34.30 -14.91 -8.00
N VAL A 188 -34.88 -14.30 -9.03
CA VAL A 188 -36.04 -13.44 -8.82
C VAL A 188 -37.31 -14.30 -8.76
N MET A 189 -38.04 -14.16 -7.66
CA MET A 189 -39.21 -15.01 -7.39
C MET A 189 -40.47 -14.50 -8.10
N THR A 190 -40.44 -14.59 -9.43
CA THR A 190 -41.52 -14.08 -10.29
C THR A 190 -42.69 -15.07 -10.36
N TYR A 191 -43.28 -15.32 -9.21
CA TYR A 191 -44.48 -16.14 -9.06
C TYR A 191 -45.25 -15.67 -7.81
N ASP A 192 -46.42 -16.26 -7.57
CA ASP A 192 -47.38 -15.77 -6.57
C ASP A 192 -47.74 -14.31 -6.83
N LEU A 193 -47.75 -13.94 -8.10
CA LEU A 193 -48.03 -12.55 -8.48
C LEU A 193 -49.51 -12.22 -8.27
N HIS A 194 -50.34 -13.26 -8.27
CA HIS A 194 -51.76 -13.18 -7.89
C HIS A 194 -52.16 -14.41 -7.09
N GLY A 195 -53.21 -14.28 -6.28
CA GLY A 195 -53.76 -15.39 -5.49
C GLY A 195 -55.12 -15.04 -4.91
N SER A 196 -55.73 -16.02 -4.25
CA SER A 196 -57.08 -15.87 -3.67
C SER A 196 -57.14 -14.79 -2.60
N TRP A 197 -55.97 -14.45 -2.04
CA TRP A 197 -55.84 -13.39 -1.06
C TRP A 197 -56.24 -12.02 -1.59
N GLU A 198 -56.33 -11.91 -2.91
CA GLU A 198 -56.74 -10.66 -3.57
C GLU A 198 -58.24 -10.52 -3.72
N GLY A 199 -58.96 -11.64 -3.63
CA GLY A 199 -60.42 -11.65 -3.74
C GLY A 199 -60.97 -11.75 -5.15
N TYR A 200 -60.11 -12.02 -6.13
CA TYR A 200 -60.50 -12.19 -7.53
C TYR A 200 -59.45 -13.04 -8.26
N THR A 201 -59.86 -13.64 -9.38
CA THR A 201 -58.96 -14.50 -10.17
C THR A 201 -57.79 -13.71 -10.75
N GLY A 202 -56.66 -14.39 -10.87
CA GLY A 202 -55.45 -13.81 -11.44
C GLY A 202 -54.41 -14.89 -11.66
N GLU A 203 -53.43 -14.59 -12.51
CA GLU A 203 -52.42 -15.56 -12.88
C GLU A 203 -51.22 -15.57 -11.94
N ASN A 204 -50.64 -16.76 -11.76
CA ASN A 204 -49.53 -16.98 -10.84
C ASN A 204 -48.24 -16.30 -11.34
N SER A 205 -47.94 -16.49 -12.63
CA SER A 205 -46.74 -15.91 -13.23
C SER A 205 -47.03 -15.44 -14.66
N PRO A 206 -47.87 -14.39 -14.80
CA PRO A 206 -48.17 -13.89 -16.15
C PRO A 206 -46.94 -13.20 -16.73
N LEU A 207 -46.68 -13.42 -18.02
CA LEU A 207 -45.52 -12.80 -18.66
C LEU A 207 -45.71 -11.29 -18.78
N TYR A 208 -46.89 -10.87 -19.21
CA TYR A 208 -47.22 -9.47 -19.41
C TYR A 208 -48.42 -9.08 -18.56
N LYS A 209 -48.67 -7.78 -18.46
CA LYS A 209 -49.85 -7.27 -17.79
C LYS A 209 -51.12 -7.67 -18.54
N TYR A 210 -52.24 -7.73 -17.81
CA TYR A 210 -53.56 -7.89 -18.40
C TYR A 210 -53.99 -6.51 -18.88
N PRO A 211 -54.67 -6.43 -20.04
CA PRO A 211 -55.01 -5.13 -20.65
C PRO A 211 -55.65 -4.10 -19.72
N THR A 212 -56.37 -4.58 -18.71
CA THR A 212 -57.04 -3.70 -17.74
C THR A 212 -56.20 -3.37 -16.51
N ASP A 213 -55.00 -3.96 -16.41
CA ASP A 213 -54.08 -3.67 -15.30
C ASP A 213 -53.64 -2.21 -15.35
N THR A 214 -54.00 -1.44 -14.32
CA THR A 214 -53.55 -0.06 -14.18
C THR A 214 -52.83 0.12 -12.85
N GLY A 215 -52.09 1.21 -12.71
CA GLY A 215 -51.40 1.54 -11.45
C GLY A 215 -50.41 0.47 -11.03
N SER A 216 -50.44 0.11 -9.75
CA SER A 216 -49.49 -0.87 -9.20
C SER A 216 -49.78 -2.31 -9.67
N ASN A 217 -51.00 -2.56 -10.11
CA ASN A 217 -51.37 -3.85 -10.68
C ASN A 217 -50.62 -4.12 -11.98
N ALA A 218 -50.17 -3.05 -12.64
CA ALA A 218 -49.44 -3.16 -13.89
C ALA A 218 -48.01 -3.68 -13.69
N TYR A 219 -47.59 -3.79 -12.42
CA TYR A 219 -46.26 -4.27 -12.09
C TYR A 219 -46.24 -5.78 -11.86
N LEU A 220 -47.43 -6.40 -11.84
CA LEU A 220 -47.57 -7.80 -11.46
C LEU A 220 -47.41 -8.79 -12.62
N ASN A 221 -46.25 -8.74 -13.26
CA ASN A 221 -45.93 -9.61 -14.39
C ASN A 221 -44.43 -9.77 -14.52
N VAL A 222 -43.99 -10.89 -15.09
CA VAL A 222 -42.57 -11.21 -15.24
C VAL A 222 -41.81 -10.12 -15.98
N ASP A 223 -42.38 -9.65 -17.09
CA ASP A 223 -41.79 -8.62 -17.93
C ASP A 223 -41.39 -7.38 -17.12
N TYR A 224 -42.33 -6.82 -16.35
CA TYR A 224 -42.06 -5.61 -15.58
C TYR A 224 -41.03 -5.83 -14.49
N VAL A 225 -41.20 -6.92 -13.73
CA VAL A 225 -40.33 -7.21 -12.58
C VAL A 225 -38.88 -7.39 -13.00
N MET A 226 -38.66 -8.23 -14.01
CA MET A 226 -37.30 -8.52 -14.47
C MET A 226 -36.62 -7.27 -15.01
N ASN A 227 -37.39 -6.44 -15.72
CA ASN A 227 -36.88 -5.18 -16.23
C ASN A 227 -36.63 -4.14 -15.14
N TYR A 228 -37.40 -4.19 -14.06
CA TYR A 228 -37.13 -3.35 -12.90
C TYR A 228 -35.75 -3.64 -12.29
N TRP A 229 -35.42 -4.92 -12.12
CA TRP A 229 -34.13 -5.33 -11.59
C TRP A 229 -32.99 -4.91 -12.50
N LYS A 230 -33.18 -5.11 -13.81
CA LYS A 230 -32.21 -4.75 -14.84
C LYS A 230 -31.92 -3.24 -14.81
N ASP A 231 -32.99 -2.45 -14.87
CA ASP A 231 -32.89 -0.97 -14.95
C ASP A 231 -32.28 -0.34 -13.70
N ASN A 232 -32.36 -1.04 -12.57
CA ASN A 232 -31.92 -0.50 -11.31
C ASN A 232 -30.60 -1.05 -10.74
N GLY A 233 -29.86 -1.79 -11.56
CA GLY A 233 -28.47 -2.12 -11.23
C GLY A 233 -28.00 -3.57 -11.21
N ALA A 234 -28.88 -4.50 -11.58
CA ALA A 234 -28.52 -5.92 -11.60
C ALA A 234 -28.16 -6.40 -13.01
N PRO A 235 -26.94 -6.94 -13.20
CA PRO A 235 -26.51 -7.40 -14.52
C PRO A 235 -27.41 -8.50 -15.07
N ALA A 236 -27.82 -8.34 -16.33
CA ALA A 236 -28.74 -9.26 -16.99
C ALA A 236 -28.32 -10.72 -16.84
N GLU A 237 -27.01 -10.96 -17.00
CA GLU A 237 -26.46 -12.31 -16.92
C GLU A 237 -26.58 -12.96 -15.53
N LYS A 238 -26.65 -12.13 -14.49
CA LYS A 238 -26.80 -12.62 -13.12
C LYS A 238 -28.27 -12.82 -12.75
N LEU A 239 -29.17 -12.26 -13.55
CA LEU A 239 -30.61 -12.32 -13.29
C LEU A 239 -31.24 -13.60 -13.81
N ILE A 240 -31.87 -14.34 -12.91
CA ILE A 240 -32.45 -15.63 -13.23
C ILE A 240 -33.96 -15.55 -13.03
N VAL A 241 -34.71 -15.91 -14.06
CA VAL A 241 -36.18 -15.75 -14.07
C VAL A 241 -36.86 -16.89 -13.33
N GLY A 242 -37.79 -16.55 -12.44
CA GLY A 242 -38.54 -17.56 -11.67
C GLY A 242 -39.66 -18.22 -12.45
N PHE A 243 -39.62 -19.55 -12.51
CA PHE A 243 -40.63 -20.35 -13.20
C PHE A 243 -41.35 -21.26 -12.21
N PRO A 244 -42.68 -21.11 -12.07
CA PRO A 244 -43.45 -21.95 -11.14
C PRO A 244 -44.02 -23.24 -11.73
N THR A 245 -43.71 -24.39 -11.09
CA THR A 245 -44.27 -25.68 -11.50
C THR A 245 -45.56 -26.03 -10.72
N TYR A 246 -46.32 -24.99 -10.38
CA TYR A 246 -47.58 -25.13 -9.66
C TYR A 246 -48.44 -23.94 -10.07
N GLY A 247 -49.73 -23.99 -9.72
CA GLY A 247 -50.60 -22.82 -9.87
C GLY A 247 -51.42 -22.55 -8.62
N HIS A 248 -52.09 -21.39 -8.61
CA HIS A 248 -53.00 -21.04 -7.53
C HIS A 248 -54.45 -21.28 -7.93
N ASN A 249 -55.22 -21.86 -7.03
CA ASN A 249 -56.66 -22.05 -7.27
C ASN A 249 -57.55 -21.16 -6.39
N PHE A 250 -58.81 -21.06 -6.81
CA PHE A 250 -59.75 -20.06 -6.29
C PHE A 250 -61.13 -20.70 -6.26
N ILE A 251 -62.00 -20.22 -5.38
CA ILE A 251 -63.43 -20.54 -5.48
C ILE A 251 -64.16 -19.37 -6.16
N LEU A 252 -64.80 -19.67 -7.28
CA LEU A 252 -65.54 -18.66 -8.02
C LEU A 252 -66.82 -18.30 -7.26
N SER A 253 -66.97 -17.00 -6.99
CA SER A 253 -68.21 -16.47 -6.38
C SER A 253 -69.42 -16.66 -7.28
N ASN A 254 -69.18 -16.57 -8.59
CA ASN A 254 -70.20 -16.82 -9.61
C ASN A 254 -69.63 -17.70 -10.73
N PRO A 255 -70.01 -18.99 -10.75
CA PRO A 255 -69.48 -19.96 -11.73
C PRO A 255 -69.66 -19.55 -13.18
N SER A 256 -70.57 -18.62 -13.44
CA SER A 256 -70.79 -18.14 -14.82
C SER A 256 -69.77 -17.08 -15.26
N ASN A 257 -69.00 -16.56 -14.31
CA ASN A 257 -67.90 -15.61 -14.59
C ASN A 257 -66.55 -16.29 -14.36
N THR A 258 -65.85 -16.59 -15.45
CA THR A 258 -64.63 -17.40 -15.39
C THR A 258 -63.39 -16.69 -15.96
N GLY A 259 -63.50 -15.38 -16.18
CA GLY A 259 -62.40 -14.60 -16.72
C GLY A 259 -61.35 -14.20 -15.70
N ILE A 260 -60.33 -13.48 -16.16
CA ILE A 260 -59.33 -12.85 -15.29
C ILE A 260 -60.02 -11.69 -14.56
N GLY A 261 -59.86 -11.65 -13.24
CA GLY A 261 -60.47 -10.63 -12.41
C GLY A 261 -61.90 -10.91 -12.00
N ALA A 262 -62.35 -12.16 -12.17
CA ALA A 262 -63.67 -12.60 -11.72
C ALA A 262 -63.69 -12.71 -10.19
N PRO A 263 -64.78 -12.30 -9.53
CA PRO A 263 -64.83 -12.35 -8.06
C PRO A 263 -64.64 -13.78 -7.52
N THR A 264 -63.90 -13.88 -6.42
CA THR A 264 -63.70 -15.16 -5.74
C THR A 264 -64.07 -15.04 -4.27
N SER A 265 -64.45 -16.16 -3.67
CA SER A 265 -64.86 -16.21 -2.28
C SER A 265 -63.85 -16.89 -1.35
N GLY A 266 -62.71 -17.31 -1.90
CA GLY A 266 -61.68 -17.93 -1.10
C GLY A 266 -60.72 -18.76 -1.91
N ALA A 267 -59.74 -19.33 -1.22
CA ALA A 267 -58.77 -20.24 -1.84
C ALA A 267 -59.46 -21.50 -2.31
N GLY A 268 -59.01 -22.00 -3.45
CA GLY A 268 -59.43 -23.33 -3.90
C GLY A 268 -58.83 -24.37 -2.98
N PRO A 269 -59.24 -25.64 -3.14
CA PRO A 269 -58.84 -26.68 -2.20
C PRO A 269 -57.39 -27.13 -2.39
N ALA A 270 -56.74 -27.51 -1.30
CA ALA A 270 -55.45 -28.18 -1.37
C ALA A 270 -55.64 -29.56 -2.02
N GLY A 271 -54.66 -29.98 -2.82
CA GLY A 271 -54.70 -31.29 -3.46
C GLY A 271 -54.28 -32.39 -2.49
N PRO A 272 -54.49 -33.67 -2.86
CA PRO A 272 -54.21 -34.75 -1.92
C PRO A 272 -52.71 -35.09 -1.78
N TYR A 273 -51.89 -34.52 -2.65
CA TYR A 273 -50.45 -34.81 -2.67
C TYR A 273 -49.61 -33.73 -1.96
N ALA A 274 -49.72 -32.49 -2.44
CA ALA A 274 -48.98 -31.38 -1.86
C ALA A 274 -49.66 -30.84 -0.60
N LYS A 275 -50.99 -30.99 -0.53
CA LYS A 275 -51.79 -30.53 0.61
C LYS A 275 -51.52 -29.08 1.02
N GLU A 276 -51.37 -28.21 0.02
CA GLU A 276 -51.15 -26.79 0.24
C GLU A 276 -52.38 -26.02 -0.23
N SER A 277 -52.97 -25.26 0.70
CA SER A 277 -54.19 -24.52 0.44
C SER A 277 -54.01 -23.48 -0.66
N GLY A 278 -54.97 -23.45 -1.59
CA GLY A 278 -54.93 -22.52 -2.71
C GLY A 278 -53.84 -22.82 -3.73
N ILE A 279 -53.28 -24.02 -3.67
CA ILE A 279 -52.20 -24.43 -4.58
C ILE A 279 -52.39 -25.85 -5.09
N TRP A 280 -52.15 -26.04 -6.39
CA TRP A 280 -51.99 -27.38 -6.95
C TRP A 280 -50.65 -27.49 -7.67
N ALA A 281 -49.91 -28.55 -7.36
CA ALA A 281 -48.73 -28.94 -8.14
C ALA A 281 -49.17 -29.16 -9.59
N TYR A 282 -48.24 -29.02 -10.53
CA TYR A 282 -48.58 -29.23 -11.94
C TYR A 282 -49.24 -30.59 -12.20
N TYR A 283 -48.72 -31.64 -11.56
CA TYR A 283 -49.32 -32.97 -11.72
C TYR A 283 -50.74 -33.06 -11.15
N GLU A 284 -51.00 -32.31 -10.08
CA GLU A 284 -52.36 -32.17 -9.53
C GLU A 284 -53.30 -31.44 -10.49
N ILE A 285 -52.78 -30.44 -11.20
CA ILE A 285 -53.56 -29.74 -12.23
C ILE A 285 -53.92 -30.68 -13.39
N CYS A 286 -52.99 -31.56 -13.77
CA CYS A 286 -53.26 -32.54 -14.83
C CYS A 286 -54.45 -33.45 -14.52
N THR A 287 -54.61 -33.82 -13.25
CA THR A 287 -55.77 -34.58 -12.79
C THR A 287 -57.06 -33.78 -12.98
N PHE A 288 -56.99 -32.48 -12.70
CA PHE A 288 -58.09 -31.54 -12.85
C PHE A 288 -58.54 -31.50 -14.31
N LEU A 289 -57.56 -31.46 -15.22
CA LEU A 289 -57.83 -31.47 -16.67
C LEU A 289 -58.40 -32.82 -17.12
N LYS A 290 -57.87 -33.91 -16.58
CA LYS A 290 -58.36 -35.27 -16.87
C LYS A 290 -59.82 -35.46 -16.46
N ASN A 291 -60.24 -34.73 -15.43
CA ASN A 291 -61.64 -34.75 -14.97
C ASN A 291 -62.55 -33.74 -15.68
N GLY A 292 -62.14 -33.33 -16.88
CA GLY A 292 -63.01 -32.55 -17.77
C GLY A 292 -63.02 -31.04 -17.63
N ALA A 293 -62.08 -30.49 -16.86
CA ALA A 293 -62.03 -29.03 -16.69
C ALA A 293 -61.84 -28.31 -18.03
N THR A 294 -62.53 -27.18 -18.20
CA THR A 294 -62.42 -26.36 -19.41
C THR A 294 -61.09 -25.61 -19.44
N GLN A 295 -60.36 -25.73 -20.55
CA GLN A 295 -59.05 -25.09 -20.72
C GLN A 295 -59.18 -23.72 -21.39
N GLY A 296 -58.61 -22.72 -20.75
CA GLY A 296 -58.59 -21.37 -21.29
C GLY A 296 -57.17 -20.88 -21.51
N TRP A 297 -57.01 -19.96 -22.46
CA TRP A 297 -55.71 -19.33 -22.71
C TRP A 297 -55.82 -17.82 -22.51
N ASP A 298 -55.12 -17.32 -21.49
CA ASP A 298 -55.07 -15.89 -21.18
C ASP A 298 -54.01 -15.24 -22.11
N ALA A 299 -54.42 -15.04 -23.37
CA ALA A 299 -53.53 -14.61 -24.46
C ALA A 299 -52.65 -13.37 -24.19
N PRO A 300 -53.24 -12.27 -23.68
CA PRO A 300 -52.42 -11.09 -23.39
C PRO A 300 -51.27 -11.34 -22.41
N GLN A 301 -51.44 -12.31 -21.51
CA GLN A 301 -50.45 -12.61 -20.48
C GLN A 301 -49.63 -13.88 -20.77
N GLU A 302 -50.01 -14.59 -21.82
CA GLU A 302 -49.30 -15.77 -22.31
C GLU A 302 -49.26 -16.93 -21.31
N VAL A 303 -50.35 -17.14 -20.58
CA VAL A 303 -50.46 -18.23 -19.61
C VAL A 303 -51.84 -18.90 -19.67
N PRO A 304 -51.90 -20.21 -19.33
CA PRO A 304 -53.18 -20.89 -19.35
C PRO A 304 -53.96 -20.69 -18.06
N TYR A 305 -55.24 -21.04 -18.12
CA TYR A 305 -56.05 -21.21 -16.91
C TYR A 305 -57.09 -22.30 -17.18
N ALA A 306 -57.70 -22.80 -16.12
CA ALA A 306 -58.71 -23.84 -16.25
C ALA A 306 -59.76 -23.71 -15.16
N TYR A 307 -60.96 -24.23 -15.46
CA TYR A 307 -62.05 -24.15 -14.49
C TYR A 307 -63.03 -25.31 -14.64
N GLN A 308 -63.62 -25.70 -13.52
CA GLN A 308 -64.67 -26.70 -13.49
C GLN A 308 -65.65 -26.31 -12.39
N GLY A 309 -66.88 -25.97 -12.77
CA GLY A 309 -67.89 -25.52 -11.83
C GLY A 309 -67.44 -24.26 -11.12
N ASN A 310 -67.36 -24.33 -9.79
CA ASN A 310 -66.93 -23.19 -8.98
C ASN A 310 -65.43 -23.16 -8.66
N VAL A 311 -64.64 -24.03 -9.29
CA VAL A 311 -63.19 -24.06 -9.04
C VAL A 311 -62.44 -23.57 -10.28
N TRP A 312 -61.49 -22.64 -10.06
CA TRP A 312 -60.70 -21.98 -11.11
C TRP A 312 -59.24 -22.06 -10.71
N VAL A 313 -58.36 -22.34 -11.68
CA VAL A 313 -56.91 -22.35 -11.42
C VAL A 313 -56.11 -21.57 -12.49
N GLY A 314 -55.19 -20.74 -12.02
CA GLY A 314 -54.22 -20.06 -12.88
C GLY A 314 -52.85 -20.70 -12.70
N TYR A 315 -52.21 -21.06 -13.81
CA TYR A 315 -50.99 -21.87 -13.77
C TYR A 315 -50.09 -21.71 -14.99
N ASP A 316 -49.12 -22.62 -15.12
CA ASP A 316 -48.19 -22.64 -16.23
C ASP A 316 -48.13 -24.05 -16.84
N ASN A 317 -48.08 -24.12 -18.16
CA ASN A 317 -47.95 -25.39 -18.86
C ASN A 317 -46.70 -25.39 -19.78
N VAL A 318 -46.59 -26.39 -20.66
CA VAL A 318 -45.46 -26.47 -21.60
C VAL A 318 -45.40 -25.23 -22.50
N LYS A 319 -46.56 -24.83 -23.03
CA LYS A 319 -46.66 -23.66 -23.91
C LYS A 319 -46.15 -22.38 -23.26
N SER A 320 -46.62 -22.09 -22.05
CA SER A 320 -46.26 -20.86 -21.34
C SER A 320 -44.81 -20.86 -20.91
N PHE A 321 -44.31 -22.00 -20.45
CA PHE A 321 -42.90 -22.15 -20.10
C PHE A 321 -42.00 -21.89 -21.31
N ASP A 322 -42.36 -22.45 -22.46
CA ASP A 322 -41.60 -22.23 -23.69
C ASP A 322 -41.61 -20.77 -24.14
N ILE A 323 -42.79 -20.14 -24.08
CA ILE A 323 -42.94 -18.72 -24.45
C ILE A 323 -42.04 -17.82 -23.58
N LYS A 324 -42.07 -18.05 -22.27
CA LYS A 324 -41.26 -17.27 -21.34
C LYS A 324 -39.77 -17.58 -21.47
N ALA A 325 -39.44 -18.83 -21.78
CA ALA A 325 -38.05 -19.22 -22.05
C ALA A 325 -37.50 -18.48 -23.25
N GLN A 326 -38.28 -18.44 -24.33
CA GLN A 326 -37.91 -17.70 -25.53
C GLN A 326 -37.73 -16.21 -25.22
N TRP A 327 -38.68 -15.65 -24.45
CA TRP A 327 -38.63 -14.24 -24.00
C TRP A 327 -37.36 -13.90 -23.24
N LEU A 328 -37.00 -14.80 -22.31
CA LEU A 328 -35.81 -14.71 -21.48
C LEU A 328 -34.56 -14.58 -22.34
N LYS A 329 -34.49 -15.41 -23.39
CA LYS A 329 -33.37 -15.38 -24.32
C LYS A 329 -33.30 -14.07 -25.11
N HIS A 330 -34.45 -13.59 -25.59
CA HIS A 330 -34.50 -12.32 -26.33
C HIS A 330 -34.01 -11.15 -25.51
N ASN A 331 -34.25 -11.21 -24.21
CA ASN A 331 -33.86 -10.14 -23.28
C ASN A 331 -32.51 -10.39 -22.60
N LYS A 332 -31.86 -11.50 -22.95
CA LYS A 332 -30.51 -11.85 -22.50
C LYS A 332 -30.33 -11.98 -20.98
N PHE A 333 -31.32 -12.59 -20.33
CA PHE A 333 -31.20 -12.93 -18.91
C PHE A 333 -30.36 -14.20 -18.75
N GLY A 334 -29.89 -14.45 -17.52
CA GLY A 334 -28.92 -15.52 -17.25
C GLY A 334 -29.48 -16.92 -17.32
N GLY A 335 -30.80 -17.03 -17.28
CA GLY A 335 -31.46 -18.32 -17.35
C GLY A 335 -32.73 -18.35 -16.53
N ALA A 336 -33.14 -19.56 -16.16
CA ALA A 336 -34.39 -19.80 -15.43
C ALA A 336 -34.11 -20.50 -14.11
N MET A 337 -34.94 -20.22 -13.11
CA MET A 337 -34.96 -21.05 -11.91
C MET A 337 -36.36 -21.63 -11.69
N VAL A 338 -36.43 -22.78 -11.04
CA VAL A 338 -37.69 -23.50 -10.93
C VAL A 338 -38.07 -23.76 -9.46
N TRP A 339 -39.25 -23.27 -9.09
CA TRP A 339 -39.91 -23.66 -7.85
C TRP A 339 -41.18 -24.49 -8.16
N ALA A 340 -41.14 -25.81 -7.99
CA ALA A 340 -39.98 -26.57 -7.54
C ALA A 340 -39.91 -27.87 -8.33
N ILE A 341 -38.74 -28.51 -8.33
CA ILE A 341 -38.52 -29.75 -9.11
C ILE A 341 -39.53 -30.85 -8.75
N ASP A 342 -39.88 -30.93 -7.47
CA ASP A 342 -40.80 -31.93 -6.95
C ASP A 342 -42.28 -31.65 -7.25
N LEU A 343 -42.56 -30.51 -7.87
CA LEU A 343 -43.93 -30.15 -8.26
C LEU A 343 -44.26 -30.41 -9.72
N ASP A 344 -43.22 -30.59 -10.55
CA ASP A 344 -43.37 -31.03 -11.95
C ASP A 344 -43.89 -32.47 -11.97
N ASP A 345 -44.39 -32.92 -13.11
CA ASP A 345 -44.84 -34.31 -13.25
C ASP A 345 -43.63 -35.22 -13.40
N PHE A 346 -42.95 -35.48 -12.28
CA PHE A 346 -41.67 -36.19 -12.29
C PHE A 346 -41.79 -37.67 -12.65
N THR A 347 -42.91 -38.30 -12.27
CA THR A 347 -43.17 -39.69 -12.66
C THR A 347 -43.58 -39.80 -14.13
N GLY A 348 -44.19 -38.74 -14.65
CA GLY A 348 -44.76 -38.73 -15.99
C GLY A 348 -46.11 -39.43 -16.10
N THR A 349 -46.71 -39.79 -14.94
CA THR A 349 -47.95 -40.58 -14.93
C THR A 349 -49.24 -39.74 -14.87
N PHE A 350 -49.11 -38.44 -14.60
CA PHE A 350 -50.29 -37.57 -14.46
C PHE A 350 -50.69 -36.83 -15.73
N CYS A 351 -49.70 -36.40 -16.51
CA CYS A 351 -49.91 -35.45 -17.61
C CYS A 351 -49.74 -36.02 -19.03
N ASN A 352 -49.21 -37.25 -19.12
CA ASN A 352 -48.87 -37.88 -20.42
C ASN A 352 -48.02 -36.97 -21.33
N GLN A 353 -46.99 -36.35 -20.75
CA GLN A 353 -46.12 -35.45 -21.50
C GLN A 353 -44.65 -35.82 -21.30
N GLY A 354 -44.41 -37.04 -20.82
CA GLY A 354 -43.08 -37.51 -20.45
C GLY A 354 -42.75 -37.16 -19.02
N LYS A 355 -41.62 -37.65 -18.53
CA LYS A 355 -41.13 -37.31 -17.19
C LYS A 355 -40.56 -35.89 -17.20
N PHE A 356 -40.83 -35.14 -16.13
CA PHE A 356 -40.45 -33.73 -16.02
C PHE A 356 -40.81 -32.89 -17.24
N PRO A 357 -42.09 -32.85 -17.64
CA PRO A 357 -42.47 -32.16 -18.87
C PRO A 357 -42.14 -30.66 -18.86
N LEU A 358 -42.39 -29.99 -17.74
CA LEU A 358 -42.14 -28.56 -17.62
C LEU A 358 -40.67 -28.18 -17.57
N ILE A 359 -39.87 -28.93 -16.81
CA ILE A 359 -38.43 -28.62 -16.73
C ILE A 359 -37.67 -29.09 -17.98
N SER A 360 -38.11 -30.20 -18.56
CA SER A 360 -37.59 -30.64 -19.88
C SER A 360 -37.77 -29.56 -20.96
N THR A 361 -38.92 -28.86 -20.91
CA THR A 361 -39.19 -27.74 -21.81
C THR A 361 -38.10 -26.66 -21.70
N LEU A 362 -37.74 -26.31 -20.47
CA LEU A 362 -36.71 -25.31 -20.23
C LEU A 362 -35.32 -25.79 -20.66
N LYS A 363 -34.99 -27.05 -20.41
CA LYS A 363 -33.70 -27.62 -20.85
C LYS A 363 -33.55 -27.49 -22.36
N LYS A 364 -34.60 -27.89 -23.10
CA LYS A 364 -34.63 -27.80 -24.56
C LYS A 364 -34.53 -26.35 -25.04
N ALA A 365 -35.38 -25.47 -24.49
CA ALA A 365 -35.42 -24.07 -24.93
C ALA A 365 -34.14 -23.30 -24.65
N LEU A 366 -33.44 -23.65 -23.57
CA LEU A 366 -32.20 -22.97 -23.20
C LEU A 366 -30.96 -23.62 -23.81
N GLY A 367 -31.16 -24.73 -24.51
CA GLY A 367 -30.10 -25.41 -25.26
C GLY A 367 -28.97 -25.95 -24.39
N LEU A 368 -29.33 -26.45 -23.21
CA LEU A 368 -28.35 -26.99 -22.28
C LEU A 368 -27.61 -28.20 -22.87
N GLN A 369 -26.30 -28.19 -22.71
CA GLN A 369 -25.43 -29.31 -23.09
C GLN A 369 -25.65 -30.50 -22.15
N SER A 370 -25.37 -31.70 -22.64
CA SER A 370 -25.49 -32.92 -21.84
C SER A 370 -24.22 -33.77 -21.83
N ALA A 371 -23.16 -33.26 -22.45
CA ALA A 371 -21.87 -33.95 -22.54
C ALA A 371 -21.27 -34.29 -21.18
N SER A 372 -21.54 -33.47 -20.17
CA SER A 372 -21.01 -33.63 -18.83
C SER A 372 -21.65 -34.78 -18.05
N CYS A 373 -22.70 -35.35 -18.61
CA CYS A 373 -23.43 -36.45 -17.98
C CYS A 373 -22.98 -37.81 -18.50
N THR A 374 -21.92 -37.81 -19.31
CA THR A 374 -21.40 -39.02 -19.94
C THR A 374 -21.06 -40.11 -18.93
N ALA A 375 -21.28 -41.36 -19.32
CA ALA A 375 -20.98 -42.52 -18.47
C ALA A 375 -20.24 -43.58 -19.27
N PRO A 376 -19.06 -43.99 -18.77
CA PRO A 376 -18.21 -44.93 -19.50
C PRO A 376 -18.56 -46.40 -19.33
N ALA A 377 -17.95 -47.24 -20.16
CA ALA A 377 -17.98 -48.68 -19.98
C ALA A 377 -17.02 -49.10 -18.84
N GLN A 378 -17.33 -48.62 -17.64
CA GLN A 378 -16.64 -49.00 -16.41
C GLN A 378 -17.74 -49.20 -15.35
N PRO A 379 -17.72 -50.34 -14.64
CA PRO A 379 -18.88 -50.75 -13.82
C PRO A 379 -19.07 -49.92 -12.54
N TYR B 1 12.83 4.29 -23.61
CA TYR B 1 11.64 4.67 -22.79
C TYR B 1 11.61 3.92 -21.46
N GLN B 2 11.07 4.59 -20.44
CA GLN B 2 10.81 3.98 -19.14
C GLN B 2 9.38 3.48 -19.08
N LEU B 3 9.18 2.36 -18.38
CA LEU B 3 7.85 1.92 -17.97
C LEU B 3 7.87 1.73 -16.46
N THR B 4 7.24 2.66 -15.76
CA THR B 4 7.30 2.74 -14.31
C THR B 4 5.98 2.28 -13.73
N CYS B 5 6.00 1.20 -12.96
CA CYS B 5 4.77 0.59 -12.46
C CYS B 5 4.68 0.69 -10.94
N TYR B 6 3.58 1.29 -10.46
CA TYR B 6 3.34 1.43 -9.03
C TYR B 6 2.69 0.18 -8.43
N PHE B 7 3.28 -0.32 -7.35
CA PHE B 7 2.72 -1.39 -6.53
C PHE B 7 2.14 -0.76 -5.26
N THR B 8 0.95 -1.19 -4.85
CA THR B 8 0.32 -0.66 -3.65
C THR B 8 0.25 -1.69 -2.53
N ASN B 9 0.67 -1.27 -1.32
CA ASN B 9 0.78 -2.17 -0.17
C ASN B 9 -0.55 -2.48 0.53
N TRP B 10 -1.66 -1.99 -0.03
CA TRP B 10 -3.00 -2.33 0.47
C TRP B 10 -3.71 -3.35 -0.43
N ALA B 11 -3.08 -3.69 -1.56
CA ALA B 11 -3.62 -4.70 -2.48
C ALA B 11 -3.57 -6.11 -1.87
N GLN B 12 -2.72 -6.29 -0.88
CA GLN B 12 -2.64 -7.53 -0.10
C GLN B 12 -3.94 -7.87 0.63
N TYR B 13 -4.75 -6.86 0.94
CA TYR B 13 -5.97 -7.08 1.73
C TYR B 13 -7.20 -7.46 0.91
N ARG B 14 -7.02 -7.49 -0.40
CA ARG B 14 -8.11 -7.83 -1.32
C ARG B 14 -8.40 -9.34 -1.27
N PRO B 15 -9.69 -9.73 -1.30
CA PRO B 15 -10.07 -11.14 -1.13
C PRO B 15 -9.73 -12.05 -2.31
N GLY B 16 -9.27 -13.26 -2.00
CA GLY B 16 -9.00 -14.30 -2.99
C GLY B 16 -8.20 -13.83 -4.20
N LEU B 17 -8.84 -13.91 -5.37
CA LEU B 17 -8.21 -13.54 -6.65
C LEU B 17 -7.74 -12.08 -6.72
N GLY B 18 -8.33 -11.23 -5.89
CA GLY B 18 -7.97 -9.82 -5.82
C GLY B 18 -6.63 -9.55 -5.15
N ARG B 19 -6.19 -10.48 -4.29
CA ARG B 19 -4.97 -10.32 -3.50
C ARG B 19 -3.72 -10.25 -4.38
N PHE B 20 -2.94 -9.19 -4.19
CA PHE B 20 -1.74 -8.96 -4.99
C PHE B 20 -0.54 -8.63 -4.11
N MET B 21 0.49 -9.46 -4.23
CA MET B 21 1.70 -9.37 -3.43
C MET B 21 2.88 -9.10 -4.36
N PRO B 22 4.01 -8.60 -3.80
CA PRO B 22 5.19 -8.35 -4.63
C PRO B 22 5.60 -9.51 -5.54
N ASP B 23 5.49 -10.75 -5.09
CA ASP B 23 5.88 -11.90 -5.93
C ASP B 23 4.90 -12.22 -7.08
N ASP B 24 3.79 -11.49 -7.15
CA ASP B 24 2.88 -11.54 -8.30
C ASP B 24 3.32 -10.63 -9.45
N ILE B 25 4.40 -9.88 -9.24
CA ILE B 25 4.95 -8.98 -10.25
C ILE B 25 5.87 -9.77 -11.17
N ASN B 26 5.67 -9.63 -12.47
CA ASN B 26 6.58 -10.16 -13.46
C ASN B 26 7.77 -9.20 -13.57
N PRO B 27 8.99 -9.65 -13.22
CA PRO B 27 10.17 -8.78 -13.19
C PRO B 27 10.59 -8.23 -14.56
N CYS B 28 10.05 -8.80 -15.63
CA CYS B 28 10.42 -8.44 -16.99
C CYS B 28 9.41 -7.51 -17.68
N LEU B 29 8.41 -7.07 -16.91
CA LEU B 29 7.34 -6.23 -17.45
C LEU B 29 7.71 -4.74 -17.48
N CYS B 30 8.21 -4.23 -16.36
CA CYS B 30 8.50 -2.80 -16.21
C CYS B 30 9.99 -2.55 -16.03
N THR B 31 10.43 -1.34 -16.35
CA THR B 31 11.84 -0.95 -16.12
C THR B 31 12.05 -0.44 -14.69
N HIS B 32 11.02 0.23 -14.16
CA HIS B 32 11.02 0.79 -12.82
C HIS B 32 9.79 0.28 -12.06
N LEU B 33 9.97 -0.09 -10.79
CA LEU B 33 8.86 -0.46 -9.92
C LEU B 33 8.83 0.47 -8.70
N ILE B 34 7.67 1.06 -8.42
CA ILE B 34 7.55 1.97 -7.28
C ILE B 34 6.59 1.44 -6.21
N TYR B 35 7.08 1.41 -4.97
CA TYR B 35 6.33 0.90 -3.82
C TYR B 35 5.55 2.04 -3.15
N ALA B 36 4.21 1.93 -3.16
CA ALA B 36 3.34 2.88 -2.48
C ALA B 36 2.64 2.22 -1.27
N PHE B 37 2.66 2.83 -0.08
CA PHE B 37 3.38 4.07 0.24
C PHE B 37 4.17 3.90 1.54
N ALA B 38 5.18 4.76 1.73
CA ALA B 38 5.84 4.95 3.01
C ALA B 38 5.24 6.16 3.73
N GLY B 39 5.45 6.23 5.04
CA GLY B 39 4.95 7.33 5.87
C GLY B 39 6.07 8.18 6.46
N MET B 40 5.71 8.98 7.48
CA MET B 40 6.66 9.87 8.13
C MET B 40 6.30 10.03 9.61
N GLN B 41 7.31 9.95 10.47
CA GLN B 41 7.15 10.18 11.90
C GLN B 41 8.39 10.90 12.41
N ASN B 42 8.18 11.97 13.18
CA ASN B 42 9.26 12.80 13.71
C ASN B 42 10.25 13.24 12.63
N ASN B 43 9.68 13.63 11.48
CA ASN B 43 10.44 14.05 10.30
C ASN B 43 11.34 12.97 9.69
N GLU B 44 11.06 11.71 10.02
CA GLU B 44 11.80 10.59 9.46
C GLU B 44 10.88 9.65 8.69
N ILE B 45 11.37 9.13 7.56
CA ILE B 45 10.61 8.17 6.75
C ILE B 45 10.36 6.87 7.52
N THR B 46 9.19 6.27 7.31
CA THR B 46 8.80 5.08 8.05
C THR B 46 7.82 4.20 7.25
N THR B 47 7.63 2.97 7.73
CA THR B 47 6.64 2.05 7.17
C THR B 47 5.21 2.49 7.52
N ILE B 48 4.22 1.87 6.87
CA ILE B 48 2.81 2.14 7.15
C ILE B 48 2.08 0.83 7.49
N GLU B 49 2.23 -0.17 6.62
CA GLU B 49 1.57 -1.46 6.83
C GLU B 49 2.39 -2.37 7.74
N TRP B 50 1.70 -3.29 8.40
CA TRP B 50 2.28 -4.19 9.40
C TRP B 50 3.44 -5.05 8.88
N ASN B 51 3.41 -5.39 7.60
CA ASN B 51 4.39 -6.31 7.00
C ASN B 51 5.25 -5.65 5.91
N ASP B 52 5.32 -4.32 5.93
CA ASP B 52 6.08 -3.59 4.91
C ASP B 52 7.53 -4.04 4.76
N VAL B 53 8.21 -4.30 5.88
CA VAL B 53 9.60 -4.74 5.86
C VAL B 53 9.77 -6.04 5.06
N THR B 54 8.89 -7.00 5.32
CA THR B 54 8.87 -8.28 4.61
C THR B 54 8.55 -8.07 3.13
N LEU B 55 7.59 -7.20 2.84
CA LEU B 55 7.22 -6.89 1.46
C LEU B 55 8.34 -6.17 0.71
N TYR B 56 9.02 -5.23 1.38
CA TYR B 56 10.19 -4.54 0.81
C TYR B 56 11.18 -5.57 0.27
N GLN B 57 11.48 -6.57 1.11
CA GLN B 57 12.44 -7.63 0.77
C GLN B 57 12.07 -8.39 -0.49
N ALA B 58 10.81 -8.83 -0.57
CA ALA B 58 10.30 -9.55 -1.74
C ALA B 58 10.28 -8.66 -2.99
N PHE B 59 9.91 -7.39 -2.80
CA PHE B 59 9.79 -6.40 -3.87
C PHE B 59 11.16 -6.10 -4.50
N ASN B 60 12.16 -5.89 -3.65
CA ASN B 60 13.49 -5.57 -4.13
C ASN B 60 14.25 -6.81 -4.60
N GLY B 61 13.87 -7.96 -4.04
CA GLY B 61 14.37 -9.27 -4.48
C GLY B 61 14.07 -9.59 -5.94
N LEU B 62 13.04 -8.94 -6.49
CA LEU B 62 12.67 -9.10 -7.91
C LEU B 62 13.80 -8.71 -8.88
N LYS B 63 14.71 -7.85 -8.40
CA LYS B 63 15.88 -7.41 -9.18
C LYS B 63 16.91 -8.53 -9.44
N ASN B 64 16.82 -9.63 -8.69
CA ASN B 64 17.67 -10.79 -8.94
C ASN B 64 17.32 -11.53 -10.23
N LYS B 65 16.10 -11.30 -10.71
CA LYS B 65 15.59 -11.92 -11.94
C LYS B 65 15.70 -11.01 -13.17
N ASN B 66 15.90 -9.71 -12.94
CA ASN B 66 16.10 -8.74 -14.02
C ASN B 66 17.07 -7.65 -13.58
N SER B 67 18.32 -7.74 -14.04
CA SER B 67 19.37 -6.80 -13.65
C SER B 67 19.10 -5.34 -14.04
N GLN B 68 18.26 -5.13 -15.07
CA GLN B 68 17.94 -3.79 -15.55
C GLN B 68 16.91 -3.09 -14.64
N LEU B 69 16.18 -3.88 -13.87
CA LEU B 69 15.10 -3.38 -13.02
C LEU B 69 15.61 -2.52 -11.87
N LYS B 70 14.98 -1.37 -11.66
CA LYS B 70 15.27 -0.50 -10.52
C LYS B 70 13.98 -0.26 -9.74
N THR B 71 14.11 -0.05 -8.44
CA THR B 71 12.96 0.16 -7.57
C THR B 71 13.02 1.49 -6.85
N LEU B 72 11.85 2.06 -6.57
CA LEU B 72 11.78 3.27 -5.76
C LEU B 72 10.69 3.09 -4.71
N LEU B 73 10.85 3.81 -3.60
CA LEU B 73 9.84 3.84 -2.55
C LEU B 73 9.10 5.18 -2.63
N ALA B 74 7.78 5.12 -2.71
CA ALA B 74 6.97 6.34 -2.75
C ALA B 74 6.50 6.75 -1.36
N ILE B 75 6.74 8.02 -1.02
CA ILE B 75 6.28 8.56 0.26
C ILE B 75 5.09 9.51 0.05
N GLY B 76 4.08 9.37 0.89
CA GLY B 76 2.94 10.28 0.87
C GLY B 76 1.64 9.60 0.47
N GLY B 77 1.00 10.14 -0.57
CA GLY B 77 -0.28 9.64 -1.03
C GLY B 77 -1.44 10.51 -0.60
N TRP B 78 -2.65 10.08 -0.96
CA TRP B 78 -3.86 10.88 -0.77
C TRP B 78 -4.25 11.01 0.70
N ASN B 79 -4.40 9.89 1.40
CA ASN B 79 -4.77 9.90 2.81
C ASN B 79 -3.71 10.57 3.70
N PHE B 80 -2.44 10.44 3.32
CA PHE B 80 -1.32 11.05 4.04
C PHE B 80 -1.51 12.55 4.20
N GLY B 81 -1.99 13.21 3.14
CA GLY B 81 -2.23 14.64 3.15
C GLY B 81 -0.94 15.44 3.07
N THR B 82 -0.98 16.68 3.55
CA THR B 82 0.12 17.62 3.37
C THR B 82 0.88 17.94 4.66
N ALA B 83 0.19 17.85 5.80
CA ALA B 83 0.71 18.34 7.08
C ALA B 83 2.13 17.89 7.47
N PRO B 84 2.44 16.58 7.38
CA PRO B 84 3.80 16.14 7.73
C PRO B 84 4.89 16.67 6.78
N PHE B 85 4.56 16.84 5.51
CA PHE B 85 5.50 17.43 4.54
C PHE B 85 5.76 18.91 4.88
N THR B 86 4.67 19.63 5.14
CA THR B 86 4.71 21.06 5.50
C THR B 86 5.63 21.30 6.71
N ALA B 87 5.47 20.48 7.74
CA ALA B 87 6.29 20.55 8.94
C ALA B 87 7.76 20.19 8.65
N MET B 88 7.97 19.21 7.78
CA MET B 88 9.31 18.71 7.47
C MET B 88 10.15 19.70 6.65
N VAL B 89 9.53 20.45 5.75
CA VAL B 89 10.27 21.37 4.87
C VAL B 89 10.47 22.75 5.50
N SER B 90 9.81 22.98 6.63
CA SER B 90 9.79 24.28 7.32
C SER B 90 11.16 24.80 7.74
N THR B 91 12.05 23.91 8.18
CA THR B 91 13.40 24.29 8.61
C THR B 91 14.48 23.47 7.91
N PRO B 92 15.68 24.06 7.72
CA PRO B 92 16.81 23.29 7.16
C PRO B 92 17.13 22.06 8.00
N GLU B 93 16.86 22.16 9.31
CA GLU B 93 17.13 21.09 10.26
C GLU B 93 16.22 19.88 10.06
N ASN B 94 14.92 20.14 9.87
CA ASN B 94 13.93 19.09 9.61
C ASN B 94 14.17 18.40 8.26
N ARG B 95 14.59 19.17 7.26
CA ARG B 95 14.90 18.61 5.95
C ARG B 95 16.12 17.68 6.01
N GLN B 96 17.14 18.08 6.76
CA GLN B 96 18.34 17.26 6.92
C GLN B 96 18.06 15.96 7.66
N THR B 97 17.22 16.05 8.69
CA THR B 97 16.74 14.90 9.45
C THR B 97 16.05 13.90 8.53
N PHE B 98 15.15 14.41 7.67
CA PHE B 98 14.43 13.59 6.69
C PHE B 98 15.33 12.99 5.62
N ILE B 99 16.14 13.82 4.99
CA ILE B 99 17.06 13.39 3.94
C ILE B 99 17.99 12.27 4.44
N THR B 100 18.54 12.45 5.62
CA THR B 100 19.41 11.47 6.26
C THR B 100 18.68 10.15 6.52
N SER B 101 17.46 10.24 7.08
CA SER B 101 16.63 9.05 7.30
C SER B 101 16.31 8.30 6.00
N VAL B 102 16.05 9.05 4.93
CA VAL B 102 15.74 8.47 3.62
C VAL B 102 16.92 7.63 3.09
N ILE B 103 18.11 8.22 3.04
CA ILE B 103 19.32 7.51 2.60
C ILE B 103 19.53 6.20 3.37
N LYS B 104 19.43 6.27 4.70
CA LYS B 104 19.56 5.09 5.56
C LYS B 104 18.49 4.05 5.24
N PHE B 105 17.23 4.49 5.17
CA PHE B 105 16.07 3.64 4.91
C PHE B 105 16.17 2.91 3.56
N LEU B 106 16.47 3.67 2.50
CA LEU B 106 16.56 3.10 1.14
C LEU B 106 17.71 2.10 0.99
N ARG B 107 18.88 2.44 1.53
CA ARG B 107 20.03 1.54 1.48
C ARG B 107 19.81 0.29 2.34
N GLN B 108 19.21 0.48 3.52
CA GLN B 108 18.90 -0.63 4.42
C GLN B 108 18.00 -1.67 3.75
N TYR B 109 16.95 -1.22 3.07
CA TYR B 109 15.96 -2.11 2.48
C TYR B 109 16.18 -2.41 0.99
N GLU B 110 17.22 -1.81 0.41
CA GLU B 110 17.67 -2.08 -0.98
C GLU B 110 16.75 -1.51 -2.08
N PHE B 111 16.26 -0.29 -1.86
CA PHE B 111 15.58 0.48 -2.89
C PHE B 111 16.59 1.32 -3.67
N ASP B 112 16.26 1.70 -4.90
CA ASP B 112 17.16 2.49 -5.76
C ASP B 112 16.86 3.98 -5.76
N GLY B 113 15.79 4.38 -5.08
CA GLY B 113 15.44 5.80 -4.99
C GLY B 113 14.15 6.10 -4.25
N LEU B 114 13.85 7.40 -4.17
CA LEU B 114 12.63 7.90 -3.54
C LEU B 114 11.71 8.56 -4.56
N ASP B 115 10.43 8.25 -4.47
CA ASP B 115 9.41 8.96 -5.24
C ASP B 115 8.57 9.80 -4.28
N PHE B 116 8.51 11.11 -4.52
CA PHE B 116 7.67 11.99 -3.71
C PHE B 116 6.22 11.95 -4.21
N ASP B 117 5.31 11.57 -3.34
CA ASP B 117 3.87 11.67 -3.65
C ASP B 117 3.18 12.65 -2.69
N TRP B 118 3.73 13.86 -2.60
CA TRP B 118 3.17 14.93 -1.82
C TRP B 118 1.93 15.47 -2.56
N GLU B 119 0.77 15.30 -1.95
CA GLU B 119 -0.50 15.70 -2.56
C GLU B 119 -1.24 16.72 -1.67
N TYR B 120 -1.03 18.02 -1.87
CA TYR B 120 -0.10 18.59 -2.85
C TYR B 120 0.59 19.79 -2.19
N PRO B 121 1.78 20.18 -2.68
CA PRO B 121 2.36 21.43 -2.17
C PRO B 121 1.50 22.63 -2.56
N GLY B 122 1.32 23.57 -1.64
CA GLY B 122 0.53 24.78 -1.90
C GLY B 122 -0.97 24.58 -2.07
N SER B 123 -1.46 23.41 -1.65
CA SER B 123 -2.88 23.09 -1.66
C SER B 123 -3.22 22.01 -0.63
N ARG B 124 -4.50 21.91 -0.28
CA ARG B 124 -4.99 20.90 0.66
C ARG B 124 -4.46 21.14 2.08
N GLY B 125 -4.46 22.40 2.49
CA GLY B 125 -3.97 22.78 3.82
C GLY B 125 -2.49 23.15 3.86
N SER B 126 -1.84 23.10 2.71
CA SER B 126 -0.41 23.43 2.60
C SER B 126 -0.23 24.90 2.25
N PRO B 127 0.49 25.65 3.10
CA PRO B 127 0.72 27.10 2.91
C PRO B 127 1.54 27.41 1.64
N PRO B 128 1.41 28.65 1.10
CA PRO B 128 1.95 28.98 -0.21
C PRO B 128 3.47 28.89 -0.34
N GLN B 129 4.18 28.97 0.79
CA GLN B 129 5.64 28.94 0.80
C GLN B 129 6.20 27.52 0.57
N ASP B 130 5.35 26.52 0.73
CA ASP B 130 5.73 25.12 0.48
C ASP B 130 6.10 24.84 -0.98
N LYS B 131 5.49 25.60 -1.91
CA LYS B 131 5.80 25.49 -3.34
C LYS B 131 7.30 25.66 -3.59
N HIS B 132 7.89 26.72 -3.01
CA HIS B 132 9.32 26.95 -3.12
C HIS B 132 10.13 25.98 -2.27
N LEU B 133 9.66 25.71 -1.04
CA LEU B 133 10.37 24.83 -0.11
C LEU B 133 10.48 23.39 -0.63
N PHE B 134 9.56 23.00 -1.50
CA PHE B 134 9.61 21.69 -2.16
C PHE B 134 10.79 21.63 -3.13
N THR B 135 11.00 22.71 -3.89
CA THR B 135 12.15 22.82 -4.78
C THR B 135 13.45 22.72 -3.97
N VAL B 136 13.50 23.43 -2.84
CA VAL B 136 14.64 23.42 -1.93
C VAL B 136 14.90 22.00 -1.39
N LEU B 137 13.84 21.32 -0.96
CA LEU B 137 13.93 19.94 -0.51
C LEU B 137 14.56 19.00 -1.55
N VAL B 138 14.06 19.06 -2.78
CA VAL B 138 14.53 18.17 -3.85
C VAL B 138 15.99 18.48 -4.18
N GLN B 139 16.31 19.78 -4.26
CA GLN B 139 17.68 20.26 -4.45
C GLN B 139 18.64 19.63 -3.44
N GLU B 140 18.30 19.78 -2.15
CA GLU B 140 19.11 19.26 -1.04
C GLU B 140 19.21 17.75 -0.99
N MET B 141 18.14 17.06 -1.39
CA MET B 141 18.15 15.60 -1.43
C MET B 141 19.01 15.11 -2.58
N ARG B 142 18.86 15.75 -3.74
CA ARG B 142 19.62 15.40 -4.94
C ARG B 142 21.12 15.51 -4.68
N GLU B 143 21.53 16.61 -4.06
CA GLU B 143 22.94 16.81 -3.70
C GLU B 143 23.43 15.79 -2.68
N ALA B 144 22.63 15.54 -1.63
CA ALA B 144 22.96 14.54 -0.62
C ALA B 144 23.10 13.15 -1.22
N PHE B 145 22.20 12.79 -2.14
CA PHE B 145 22.26 11.54 -2.91
C PHE B 145 23.55 11.44 -3.73
N GLU B 146 23.96 12.56 -4.33
CA GLU B 146 25.21 12.62 -5.08
C GLU B 146 26.43 12.43 -4.18
N GLN B 147 26.41 13.10 -3.04
CA GLN B 147 27.48 13.01 -2.05
C GLN B 147 27.64 11.58 -1.48
N GLU B 148 26.51 10.97 -1.10
CA GLU B 148 26.51 9.62 -0.55
C GLU B 148 27.01 8.58 -1.56
N ALA B 149 26.62 8.76 -2.83
CA ALA B 149 27.07 7.87 -3.91
C ALA B 149 28.59 7.79 -4.01
N LYS B 150 29.27 8.95 -3.94
CA LYS B 150 30.73 9.01 -3.95
C LYS B 150 31.33 8.46 -2.66
N GLN B 151 30.62 8.69 -1.56
CA GLN B 151 31.00 8.21 -0.23
C GLN B 151 31.11 6.69 -0.21
N ILE B 152 30.02 6.01 -0.60
CA ILE B 152 29.92 4.57 -0.46
C ILE B 152 30.35 3.80 -1.71
N ASN B 153 30.71 4.55 -2.77
CA ASN B 153 31.11 4.01 -4.07
C ASN B 153 30.08 3.07 -4.72
N LYS B 154 28.86 3.58 -4.84
CA LYS B 154 27.77 2.88 -5.53
C LYS B 154 27.02 3.89 -6.42
N PRO B 155 26.23 3.39 -7.41
CA PRO B 155 25.43 4.33 -8.20
C PRO B 155 24.48 5.16 -7.32
N ARG B 156 24.36 6.44 -7.66
CA ARG B 156 23.50 7.39 -6.95
C ARG B 156 22.05 6.91 -6.81
N LEU B 157 21.45 7.19 -5.65
CA LEU B 157 20.01 7.00 -5.46
C LEU B 157 19.23 7.98 -6.35
N MET B 158 18.08 7.54 -6.84
CA MET B 158 17.24 8.40 -7.68
C MET B 158 16.27 9.24 -6.83
N VAL B 159 15.95 10.43 -7.33
CA VAL B 159 14.89 11.25 -6.76
C VAL B 159 13.86 11.64 -7.83
N THR B 160 12.62 11.15 -7.63
CA THR B 160 11.54 11.40 -8.56
C THR B 160 10.33 11.99 -7.83
N ALA B 161 9.30 12.37 -8.58
CA ALA B 161 8.06 12.89 -7.99
C ALA B 161 6.82 12.54 -8.81
N ALA B 162 5.75 12.17 -8.11
CA ALA B 162 4.42 12.08 -8.72
C ALA B 162 3.78 13.46 -8.60
N VAL B 163 3.37 14.04 -9.74
CA VAL B 163 2.89 15.42 -9.76
C VAL B 163 1.44 15.60 -10.26
N ALA B 164 0.84 16.73 -9.85
CA ALA B 164 -0.56 17.06 -10.15
C ALA B 164 -0.87 17.21 -11.64
N ALA B 165 -2.10 16.83 -11.99
CA ALA B 165 -2.63 17.02 -13.33
C ALA B 165 -3.55 18.24 -13.41
N GLY B 166 -4.12 18.63 -12.28
CA GLY B 166 -5.00 19.80 -12.21
C GLY B 166 -4.25 21.13 -12.28
N ILE B 167 -4.60 21.95 -13.26
CA ILE B 167 -3.86 23.20 -13.56
C ILE B 167 -3.74 24.13 -12.36
N SER B 168 -4.83 24.29 -11.61
CA SER B 168 -4.83 25.09 -10.38
C SER B 168 -3.86 24.54 -9.31
N ASN B 169 -3.78 23.22 -9.20
CA ASN B 169 -2.82 22.57 -8.29
C ASN B 169 -1.37 22.68 -8.77
N ILE B 170 -1.18 22.61 -10.09
CA ILE B 170 0.14 22.77 -10.69
C ILE B 170 0.71 24.18 -10.45
N GLN B 171 -0.14 25.18 -10.65
CA GLN B 171 0.27 26.60 -10.50
C GLN B 171 0.62 26.96 -9.07
N SER B 172 -0.15 26.43 -8.12
CA SER B 172 0.08 26.68 -6.71
C SER B 172 1.11 25.73 -6.09
N GLY B 173 1.47 24.68 -6.82
CA GLY B 173 2.28 23.58 -6.27
C GLY B 173 3.75 23.51 -6.61
N TYR B 174 4.12 23.95 -7.82
CA TYR B 174 5.46 23.66 -8.35
C TYR B 174 6.13 24.83 -9.08
N GLU B 175 7.40 25.05 -8.73
CA GLU B 175 8.29 25.90 -9.52
C GLU B 175 8.88 25.03 -10.62
N ILE B 176 8.12 24.82 -11.69
CA ILE B 176 8.48 23.85 -12.75
C ILE B 176 9.91 23.97 -13.31
N PRO B 177 10.35 25.18 -13.73
CA PRO B 177 11.69 25.29 -14.33
C PRO B 177 12.83 24.74 -13.46
N GLN B 178 12.83 25.09 -12.17
CA GLN B 178 13.93 24.71 -11.29
C GLN B 178 13.80 23.26 -10.77
N LEU B 179 12.59 22.90 -10.35
CA LEU B 179 12.31 21.56 -9.81
C LEU B 179 12.63 20.45 -10.81
N SER B 180 12.31 20.69 -12.08
CA SER B 180 12.51 19.72 -13.15
C SER B 180 13.98 19.38 -13.40
N GLN B 181 14.87 20.33 -13.14
CA GLN B 181 16.32 20.12 -13.28
C GLN B 181 16.87 19.14 -12.25
N TYR B 182 16.31 19.17 -11.03
CA TYR B 182 16.80 18.34 -9.93
C TYR B 182 16.20 16.94 -9.88
N LEU B 183 14.94 16.81 -10.28
CA LEU B 183 14.27 15.51 -10.32
C LEU B 183 14.81 14.66 -11.47
N ASP B 184 14.85 13.35 -11.25
CA ASP B 184 15.27 12.39 -12.29
C ASP B 184 14.14 12.08 -13.27
N TYR B 185 12.93 11.93 -12.73
CA TYR B 185 11.74 11.70 -13.53
C TYR B 185 10.56 12.42 -12.90
N ILE B 186 9.62 12.81 -13.75
CA ILE B 186 8.43 13.51 -13.33
C ILE B 186 7.24 12.64 -13.75
N HIS B 187 6.60 12.03 -12.76
CA HIS B 187 5.48 11.13 -12.99
C HIS B 187 4.19 11.91 -12.91
N VAL B 188 3.59 12.21 -14.05
CA VAL B 188 2.42 13.09 -14.09
C VAL B 188 1.14 12.28 -13.99
N MET B 189 0.32 12.60 -12.99
CA MET B 189 -0.86 11.81 -12.65
C MET B 189 -2.04 12.12 -13.56
N THR B 190 -1.88 11.83 -14.86
CA THR B 190 -2.89 12.12 -15.88
C THR B 190 -4.01 11.08 -15.86
N TYR B 191 -4.78 11.11 -14.77
CA TYR B 191 -5.95 10.26 -14.57
C TYR B 191 -6.82 10.89 -13.47
N ASP B 192 -7.97 10.27 -13.16
CA ASP B 192 -9.02 10.89 -12.35
C ASP B 192 -9.36 12.30 -12.89
N LEU B 193 -9.42 12.42 -14.21
CA LEU B 193 -9.68 13.71 -14.84
C LEU B 193 -11.19 14.01 -14.84
N HIS B 194 -11.98 12.94 -14.90
CA HIS B 194 -13.43 13.02 -14.67
C HIS B 194 -13.89 11.92 -13.72
N GLY B 195 -15.02 12.16 -13.06
CA GLY B 195 -15.62 11.21 -12.12
C GLY B 195 -16.94 11.71 -11.60
N SER B 196 -17.60 10.89 -10.79
CA SER B 196 -18.97 11.14 -10.32
C SER B 196 -19.14 12.42 -9.51
N TRP B 197 -18.01 12.97 -9.05
CA TRP B 197 -18.01 14.22 -8.32
C TRP B 197 -18.52 15.39 -9.16
N GLU B 198 -18.48 15.21 -10.49
CA GLU B 198 -18.94 16.23 -11.44
C GLU B 198 -20.45 16.18 -11.72
N GLY B 199 -21.09 15.05 -11.40
CA GLY B 199 -22.53 14.90 -11.64
C GLY B 199 -22.91 14.46 -13.05
N TYR B 200 -21.91 14.20 -13.88
CA TYR B 200 -22.11 13.73 -15.25
C TYR B 200 -21.05 12.69 -15.58
N THR B 201 -21.39 11.78 -16.51
CA THR B 201 -20.42 10.79 -16.98
C THR B 201 -19.26 11.46 -17.71
N GLY B 202 -18.05 10.98 -17.45
CA GLY B 202 -16.86 11.44 -18.14
C GLY B 202 -15.75 10.40 -18.04
N GLU B 203 -14.72 10.58 -18.85
CA GLU B 203 -13.65 9.59 -18.94
C GLU B 203 -12.56 9.79 -17.88
N ASN B 204 -12.05 8.68 -17.36
CA ASN B 204 -10.95 8.70 -16.37
C ASN B 204 -9.72 9.43 -16.93
N SER B 205 -9.34 9.08 -18.14
CA SER B 205 -8.10 9.60 -18.73
C SER B 205 -8.23 9.81 -20.24
N PRO B 206 -9.06 10.79 -20.66
CA PRO B 206 -9.19 11.07 -22.10
C PRO B 206 -7.88 11.63 -22.68
N LEU B 207 -7.51 11.20 -23.89
CA LEU B 207 -6.27 11.67 -24.51
C LEU B 207 -6.37 13.12 -25.01
N TYR B 208 -7.51 13.44 -25.65
CA TYR B 208 -7.75 14.77 -26.23
C TYR B 208 -9.03 15.38 -25.65
N LYS B 209 -9.12 16.71 -25.74
CA LYS B 209 -10.31 17.46 -25.28
C LYS B 209 -11.56 17.13 -26.12
N SER B 216 -11.82 26.05 -18.65
CA SER B 216 -11.17 25.17 -17.69
C SER B 216 -11.45 23.69 -17.97
N ASN B 217 -12.51 23.42 -18.73
CA ASN B 217 -12.86 22.06 -19.12
C ASN B 217 -11.95 21.51 -20.22
N ALA B 218 -11.34 22.41 -20.98
CA ALA B 218 -10.43 22.03 -22.07
C ALA B 218 -9.07 21.55 -21.57
N TYR B 219 -8.81 21.71 -20.27
CA TYR B 219 -7.56 21.28 -19.66
C TYR B 219 -7.60 19.81 -19.23
N LEU B 220 -8.81 19.26 -19.12
CA LEU B 220 -9.01 17.94 -18.51
C LEU B 220 -8.79 16.78 -19.49
N ASN B 221 -7.56 16.70 -20.00
CA ASN B 221 -7.14 15.63 -20.90
C ASN B 221 -5.63 15.45 -20.85
N VAL B 222 -5.16 14.26 -21.24
CA VAL B 222 -3.73 13.93 -21.22
C VAL B 222 -2.88 14.93 -22.04
N ASP B 223 -3.35 15.26 -23.24
CA ASP B 223 -2.60 16.12 -24.16
C ASP B 223 -2.31 17.50 -23.58
N TYR B 224 -3.35 18.15 -23.03
CA TYR B 224 -3.16 19.49 -22.47
C TYR B 224 -2.23 19.47 -21.25
N VAL B 225 -2.41 18.48 -20.38
CA VAL B 225 -1.64 18.37 -19.14
C VAL B 225 -0.15 18.11 -19.39
N MET B 226 0.14 17.14 -20.26
CA MET B 226 1.53 16.80 -20.61
C MET B 226 2.24 17.94 -21.32
N ASN B 227 1.52 18.63 -22.20
CA ASN B 227 2.07 19.79 -22.90
C ASN B 227 2.23 21.01 -22.01
N TYR B 228 1.32 21.19 -21.04
CA TYR B 228 1.44 22.24 -20.03
C TYR B 228 2.71 22.12 -19.20
N TRP B 229 3.03 20.89 -18.77
CA TRP B 229 4.24 20.62 -18.00
C TRP B 229 5.48 20.90 -18.82
N LYS B 230 5.50 20.41 -20.06
CA LYS B 230 6.61 20.64 -20.99
C LYS B 230 6.80 22.13 -21.31
N ASP B 231 5.69 22.80 -21.62
CA ASP B 231 5.74 24.21 -22.04
C ASP B 231 6.17 25.15 -20.92
N ASN B 232 6.00 24.69 -19.67
CA ASN B 232 6.26 25.53 -18.51
C ASN B 232 7.56 25.24 -17.75
N GLY B 233 8.44 24.43 -18.34
CA GLY B 233 9.77 24.22 -17.78
C GLY B 233 10.31 22.80 -17.70
N ALA B 234 9.43 21.81 -17.80
CA ALA B 234 9.82 20.40 -17.67
C ALA B 234 10.33 19.84 -18.99
N PRO B 235 11.59 19.34 -19.00
CA PRO B 235 12.10 18.67 -20.19
C PRO B 235 11.30 17.42 -20.53
N ALA B 236 11.10 17.18 -21.82
CA ALA B 236 10.26 16.08 -22.31
C ALA B 236 10.76 14.69 -21.90
N GLU B 237 12.08 14.52 -21.95
CA GLU B 237 12.72 13.23 -21.63
C GLU B 237 12.49 12.80 -20.15
N LYS B 238 12.26 13.78 -19.29
CA LYS B 238 12.01 13.52 -17.87
C LYS B 238 10.53 13.35 -17.55
N LEU B 239 9.67 13.81 -18.46
CA LEU B 239 8.22 13.70 -18.30
C LEU B 239 7.70 12.30 -18.63
N ILE B 240 6.95 11.74 -17.69
CA ILE B 240 6.44 10.37 -17.77
C ILE B 240 4.91 10.42 -17.70
N VAL B 241 4.24 9.86 -18.71
CA VAL B 241 2.77 9.94 -18.84
C VAL B 241 2.07 8.91 -17.94
N GLY B 242 1.02 9.35 -17.25
CA GLY B 242 0.28 8.48 -16.33
C GLY B 242 -0.83 7.68 -17.01
N PHE B 243 -0.76 6.36 -16.84
CA PHE B 243 -1.69 5.40 -17.44
C PHE B 243 -2.44 4.67 -16.31
N PRO B 244 -3.79 4.78 -16.28
CA PRO B 244 -4.60 4.08 -15.28
C PRO B 244 -5.10 2.69 -15.72
N THR B 245 -4.85 1.67 -14.91
CA THR B 245 -5.38 0.31 -15.18
C THR B 245 -6.69 0.08 -14.41
N TYR B 246 -7.47 1.15 -14.29
CA TYR B 246 -8.75 1.14 -13.59
C TYR B 246 -9.62 2.21 -14.25
N GLY B 247 -10.91 2.19 -13.94
CA GLY B 247 -11.81 3.25 -14.40
C GLY B 247 -12.67 3.79 -13.27
N HIS B 248 -13.36 4.91 -13.54
CA HIS B 248 -14.36 5.44 -12.61
C HIS B 248 -15.75 5.01 -13.04
N ASN B 249 -16.57 4.60 -12.08
CA ASN B 249 -17.95 4.25 -12.38
C ASN B 249 -18.98 5.21 -11.74
N PHE B 250 -20.21 5.13 -12.27
CA PHE B 250 -21.25 6.11 -12.00
C PHE B 250 -22.60 5.40 -11.92
N ILE B 251 -23.54 5.97 -11.16
CA ILE B 251 -24.95 5.60 -11.27
C ILE B 251 -25.65 6.61 -12.18
N LEU B 252 -26.22 6.12 -13.28
CA LEU B 252 -26.98 6.97 -14.21
C LEU B 252 -28.32 7.38 -13.60
N SER B 253 -28.60 8.67 -13.62
CA SER B 253 -29.88 9.23 -13.19
C SER B 253 -31.03 8.66 -14.02
N ASN B 254 -30.76 8.45 -15.31
CA ASN B 254 -31.70 7.80 -16.22
C ASN B 254 -30.93 6.82 -17.07
N PRO B 255 -31.31 5.53 -17.02
CA PRO B 255 -30.56 4.47 -17.71
C PRO B 255 -30.52 4.64 -19.23
N SER B 256 -31.46 5.38 -19.81
CA SER B 256 -31.47 5.65 -21.25
C SER B 256 -30.32 6.56 -21.69
N ASN B 257 -29.92 7.51 -20.83
CA ASN B 257 -28.80 8.38 -21.17
C ASN B 257 -27.46 7.73 -20.86
N THR B 258 -26.83 7.20 -21.91
CA THR B 258 -25.68 6.31 -21.77
C THR B 258 -24.41 6.91 -22.35
N GLY B 259 -24.51 8.14 -22.87
CA GLY B 259 -23.37 8.78 -23.51
C GLY B 259 -22.43 9.47 -22.55
N ILE B 260 -21.48 10.22 -23.11
CA ILE B 260 -20.61 11.13 -22.37
C ILE B 260 -21.44 12.35 -21.96
N GLY B 261 -21.29 12.79 -20.71
CA GLY B 261 -22.03 13.94 -20.18
C GLY B 261 -23.45 13.62 -19.74
N ALA B 262 -23.75 12.34 -19.56
CA ALA B 262 -25.03 11.88 -19.02
C ALA B 262 -25.13 12.18 -17.53
N PRO B 263 -26.29 12.68 -17.06
CA PRO B 263 -26.48 12.99 -15.64
C PRO B 263 -26.34 11.77 -14.74
N THR B 264 -25.66 11.95 -13.61
CA THR B 264 -25.43 10.86 -12.64
C THR B 264 -25.82 11.29 -11.22
N SER B 265 -26.16 10.30 -10.39
CA SER B 265 -26.68 10.56 -9.04
C SER B 265 -25.68 10.24 -7.93
N GLY B 266 -24.49 9.79 -8.32
CA GLY B 266 -23.43 9.47 -7.38
C GLY B 266 -22.49 8.41 -7.94
N ALA B 267 -21.53 8.00 -7.12
CA ALA B 267 -20.51 7.02 -7.49
C ALA B 267 -21.13 5.65 -7.74
N GLY B 268 -20.55 4.90 -8.68
CA GLY B 268 -20.96 3.54 -8.94
C GLY B 268 -20.54 2.61 -7.81
N PRO B 269 -21.00 1.35 -7.85
CA PRO B 269 -20.74 0.43 -6.75
C PRO B 269 -19.29 -0.04 -6.72
N ALA B 270 -18.79 -0.31 -5.52
CA ALA B 270 -17.46 -0.88 -5.34
C ALA B 270 -17.45 -2.31 -5.88
N GLY B 271 -16.36 -2.68 -6.53
CA GLY B 271 -16.17 -4.05 -6.99
C GLY B 271 -15.92 -4.97 -5.80
N PRO B 272 -16.11 -6.28 -5.98
CA PRO B 272 -15.91 -7.22 -4.89
C PRO B 272 -14.43 -7.44 -4.54
N TYR B 273 -13.53 -7.00 -5.41
CA TYR B 273 -12.10 -7.24 -5.22
C TYR B 273 -11.33 -6.03 -4.70
N ALA B 274 -11.41 -4.90 -5.41
CA ALA B 274 -10.69 -3.68 -5.02
C ALA B 274 -11.39 -2.92 -3.90
N LYS B 275 -12.70 -3.13 -3.77
CA LYS B 275 -13.49 -2.59 -2.65
C LYS B 275 -13.49 -1.06 -2.61
N GLU B 276 -13.49 -0.43 -3.78
CA GLU B 276 -13.43 1.03 -3.87
C GLU B 276 -14.66 1.59 -4.59
N SER B 277 -15.52 2.27 -3.83
CA SER B 277 -16.68 2.96 -4.40
C SER B 277 -16.22 3.93 -5.49
N GLY B 278 -16.94 3.93 -6.61
CA GLY B 278 -16.63 4.82 -7.73
C GLY B 278 -15.48 4.36 -8.60
N ILE B 279 -14.90 3.20 -8.28
CA ILE B 279 -13.71 2.66 -8.94
C ILE B 279 -13.89 1.17 -9.27
N TRP B 280 -13.52 0.79 -10.49
CA TRP B 280 -13.36 -0.62 -10.82
C TRP B 280 -11.98 -0.88 -11.40
N ALA B 281 -11.29 -1.88 -10.86
CA ALA B 281 -10.07 -2.41 -11.49
C ALA B 281 -10.38 -2.86 -12.92
N TYR B 282 -9.36 -2.84 -13.79
CA TYR B 282 -9.56 -3.32 -15.15
C TYR B 282 -10.18 -4.71 -15.19
N TYR B 283 -9.73 -5.60 -14.32
CA TYR B 283 -10.28 -6.96 -14.29
C TYR B 283 -11.73 -7.00 -13.81
N GLU B 284 -12.09 -6.06 -12.92
CA GLU B 284 -13.49 -5.90 -12.50
C GLU B 284 -14.36 -5.40 -13.65
N ILE B 285 -13.81 -4.53 -14.50
CA ILE B 285 -14.51 -4.08 -15.70
C ILE B 285 -14.74 -5.22 -16.70
N CYS B 286 -13.76 -6.13 -16.82
CA CYS B 286 -13.91 -7.30 -17.69
C CYS B 286 -15.12 -8.16 -17.27
N THR B 287 -15.33 -8.28 -15.96
CA THR B 287 -16.52 -8.95 -15.41
C THR B 287 -17.81 -8.26 -15.85
N PHE B 288 -17.81 -6.92 -15.72
CA PHE B 288 -18.92 -6.07 -16.16
C PHE B 288 -19.29 -6.38 -17.62
N LEU B 289 -18.27 -6.39 -18.48
CA LEU B 289 -18.42 -6.77 -19.88
C LEU B 289 -18.92 -8.21 -20.06
N LYS B 290 -18.27 -9.17 -19.39
CA LYS B 290 -18.68 -10.59 -19.43
C LYS B 290 -20.15 -10.80 -19.07
N ASN B 291 -20.64 -10.01 -18.13
CA ASN B 291 -22.01 -10.15 -17.62
C ASN B 291 -23.06 -9.29 -18.34
N GLY B 292 -22.70 -8.79 -19.51
CA GLY B 292 -23.68 -8.21 -20.43
C GLY B 292 -23.64 -6.71 -20.68
N ALA B 293 -22.65 -6.02 -20.13
CA ALA B 293 -22.50 -4.58 -20.35
C ALA B 293 -22.28 -4.29 -21.82
N THR B 294 -22.87 -3.19 -22.30
CA THR B 294 -22.71 -2.71 -23.66
C THR B 294 -21.41 -1.90 -23.79
N GLN B 295 -20.65 -2.16 -24.84
CA GLN B 295 -19.38 -1.47 -25.08
C GLN B 295 -19.54 -0.21 -25.91
N GLY B 296 -18.94 0.87 -25.43
CA GLY B 296 -18.95 2.15 -26.15
C GLY B 296 -17.54 2.64 -26.44
N TRP B 297 -17.42 3.47 -27.47
CA TRP B 297 -16.14 4.11 -27.80
C TRP B 297 -16.32 5.62 -27.89
N ASP B 298 -15.47 6.33 -27.16
CA ASP B 298 -15.43 7.79 -27.16
C ASP B 298 -14.34 8.21 -28.15
N ALA B 299 -14.73 8.37 -29.42
CA ALA B 299 -13.77 8.50 -30.52
C ALA B 299 -12.85 9.74 -30.49
N PRO B 300 -13.40 10.95 -30.30
CA PRO B 300 -12.50 12.10 -30.22
C PRO B 300 -11.48 12.04 -29.08
N GLN B 301 -11.81 11.32 -28.00
CA GLN B 301 -10.93 11.26 -26.82
C GLN B 301 -10.13 9.96 -26.75
N GLU B 302 -10.44 9.04 -27.66
CA GLU B 302 -9.69 7.79 -27.89
C GLU B 302 -9.68 6.83 -26.69
N VAL B 303 -10.81 6.76 -25.97
CA VAL B 303 -10.95 5.91 -24.78
C VAL B 303 -12.32 5.20 -24.75
N PRO B 304 -12.38 3.98 -24.17
CA PRO B 304 -13.65 3.27 -24.11
C PRO B 304 -14.54 3.66 -22.92
N TYR B 305 -15.81 3.26 -23.01
CA TYR B 305 -16.72 3.30 -21.89
C TYR B 305 -17.72 2.14 -22.02
N ALA B 306 -18.42 1.84 -20.94
CA ALA B 306 -19.39 0.75 -20.94
C ALA B 306 -20.54 1.06 -19.99
N TYR B 307 -21.70 0.46 -20.28
CA TYR B 307 -22.93 0.75 -19.54
C TYR B 307 -23.88 -0.44 -19.56
N GLN B 308 -24.65 -0.55 -18.49
CA GLN B 308 -25.67 -1.57 -18.33
C GLN B 308 -26.60 -1.11 -17.21
N GLY B 309 -27.91 -1.11 -17.47
CA GLY B 309 -28.89 -0.63 -16.50
C GLY B 309 -28.57 0.81 -16.13
N ASN B 310 -28.52 1.08 -14.83
CA ASN B 310 -28.17 2.41 -14.35
C ASN B 310 -26.69 2.55 -13.94
N VAL B 311 -25.81 1.72 -14.50
CA VAL B 311 -24.38 1.76 -14.16
C VAL B 311 -23.52 2.09 -15.39
N TRP B 312 -22.56 2.99 -15.22
CA TRP B 312 -21.70 3.47 -16.30
C TRP B 312 -20.24 3.50 -15.83
N VAL B 313 -19.31 3.13 -16.72
CA VAL B 313 -17.88 3.17 -16.39
C VAL B 313 -17.06 3.76 -17.53
N GLY B 314 -16.16 4.68 -17.19
CA GLY B 314 -15.22 5.27 -18.15
C GLY B 314 -13.85 4.72 -17.81
N TYR B 315 -13.16 4.19 -18.82
CA TYR B 315 -11.94 3.45 -18.53
C TYR B 315 -10.92 3.46 -19.67
N ASP B 316 -9.93 2.58 -19.57
CA ASP B 316 -8.93 2.35 -20.61
C ASP B 316 -8.82 0.86 -20.91
N ASN B 317 -8.64 0.53 -22.18
CA ASN B 317 -8.39 -0.85 -22.61
C ASN B 317 -7.11 -0.95 -23.41
N VAL B 318 -6.88 -2.09 -24.06
CA VAL B 318 -5.66 -2.32 -24.85
C VAL B 318 -5.57 -1.29 -25.98
N LYS B 319 -6.69 -1.04 -26.66
CA LYS B 319 -6.74 -0.08 -27.76
C LYS B 319 -6.32 1.32 -27.33
N SER B 320 -6.90 1.82 -26.22
CA SER B 320 -6.58 3.17 -25.74
C SER B 320 -5.14 3.30 -25.25
N PHE B 321 -4.67 2.29 -24.51
CA PHE B 321 -3.27 2.20 -24.09
C PHE B 321 -2.32 2.25 -25.31
N ASP B 322 -2.60 1.44 -26.32
CA ASP B 322 -1.79 1.42 -27.55
C ASP B 322 -1.72 2.79 -28.22
N ILE B 323 -2.88 3.43 -28.38
CA ILE B 323 -2.99 4.77 -28.97
C ILE B 323 -2.18 5.81 -28.18
N LYS B 324 -2.31 5.78 -26.85
CA LYS B 324 -1.60 6.71 -25.97
C LYS B 324 -0.09 6.48 -25.97
N ALA B 325 0.30 5.21 -26.08
CA ALA B 325 1.72 4.83 -26.14
C ALA B 325 2.38 5.38 -27.41
N GLN B 326 1.65 5.28 -28.53
CA GLN B 326 2.14 5.81 -29.80
C GLN B 326 2.25 7.33 -29.75
N TRP B 327 1.25 7.98 -29.17
CA TRP B 327 1.24 9.44 -28.96
C TRP B 327 2.44 9.88 -28.12
N LEU B 328 2.64 9.18 -27.00
CA LEU B 328 3.74 9.40 -26.07
C LEU B 328 5.11 9.37 -26.77
N LYS B 329 5.30 8.37 -27.62
CA LYS B 329 6.54 8.20 -28.36
C LYS B 329 6.72 9.31 -29.40
N HIS B 330 5.64 9.62 -30.11
CA HIS B 330 5.66 10.65 -31.14
C HIS B 330 5.89 12.05 -30.57
N ASN B 331 5.54 12.26 -29.30
CA ASN B 331 5.81 13.53 -28.62
C ASN B 331 7.12 13.50 -27.83
N LYS B 332 7.85 12.40 -27.97
CA LYS B 332 9.18 12.22 -27.37
C LYS B 332 9.24 12.41 -25.84
N PHE B 333 8.20 11.97 -25.15
CA PHE B 333 8.22 11.92 -23.69
C PHE B 333 9.08 10.75 -23.21
N GLY B 334 9.48 10.80 -21.94
CA GLY B 334 10.41 9.82 -21.37
C GLY B 334 9.88 8.41 -21.20
N GLY B 335 8.55 8.26 -21.20
CA GLY B 335 7.94 6.95 -21.06
C GLY B 335 6.57 7.00 -20.40
N ALA B 336 6.18 5.90 -19.79
CA ALA B 336 4.87 5.76 -19.17
C ALA B 336 4.98 5.28 -17.72
N MET B 337 4.07 5.74 -16.87
CA MET B 337 3.91 5.14 -15.54
C MET B 337 2.48 4.60 -15.36
N VAL B 338 2.34 3.60 -14.49
CA VAL B 338 1.11 2.85 -14.37
C VAL B 338 0.56 2.88 -12.94
N TRP B 339 -0.66 3.38 -12.79
CA TRP B 339 -1.41 3.22 -11.55
C TRP B 339 -2.60 2.30 -11.80
N ALA B 340 -2.56 1.04 -11.35
CA ALA B 340 -1.43 0.44 -10.64
C ALA B 340 -1.26 -0.99 -11.15
N ILE B 341 -0.11 -1.60 -10.89
CA ILE B 341 0.19 -2.96 -11.38
C ILE B 341 -0.82 -4.01 -10.85
N ASP B 342 -1.33 -3.79 -9.65
CA ASP B 342 -2.29 -4.70 -9.00
C ASP B 342 -3.73 -4.58 -9.50
N LEU B 343 -3.98 -3.60 -10.37
CA LEU B 343 -5.32 -3.36 -10.92
C LEU B 343 -5.49 -3.87 -12.36
N ASP B 344 -4.39 -4.25 -13.00
CA ASP B 344 -4.41 -4.94 -14.29
C ASP B 344 -4.90 -6.38 -14.06
N ASP B 345 -5.30 -7.07 -15.13
CA ASP B 345 -5.68 -8.49 -15.01
C ASP B 345 -4.43 -9.35 -14.87
N PHE B 346 -3.89 -9.40 -13.65
CA PHE B 346 -2.62 -10.07 -13.38
C PHE B 346 -2.70 -11.60 -13.43
N THR B 347 -3.83 -12.15 -13.00
CA THR B 347 -4.06 -13.60 -13.06
C THR B 347 -4.33 -14.05 -14.50
N GLY B 348 -4.86 -13.13 -15.31
CA GLY B 348 -5.30 -13.44 -16.67
C GLY B 348 -6.63 -14.18 -16.75
N THR B 349 -7.32 -14.32 -15.61
CA THR B 349 -8.56 -15.10 -15.54
C THR B 349 -9.84 -14.30 -15.83
N PHE B 350 -9.69 -12.98 -15.99
CA PHE B 350 -10.85 -12.10 -16.10
C PHE B 350 -11.16 -11.63 -17.54
N CYS B 351 -10.12 -11.33 -18.31
CA CYS B 351 -10.28 -10.60 -19.57
C CYS B 351 -10.05 -11.42 -20.84
N ASN B 352 -9.57 -12.65 -20.67
CA ASN B 352 -9.18 -13.54 -21.80
C ASN B 352 -8.11 -12.90 -22.69
N GLN B 353 -7.26 -12.08 -22.09
CA GLN B 353 -6.26 -11.32 -22.84
C GLN B 353 -4.82 -11.63 -22.39
N GLY B 354 -4.65 -12.75 -21.69
CA GLY B 354 -3.36 -13.09 -21.08
C GLY B 354 -3.11 -12.35 -19.77
N LYS B 355 -1.97 -12.62 -19.16
CA LYS B 355 -1.60 -11.99 -17.89
C LYS B 355 -1.06 -10.57 -18.13
N PHE B 356 -1.46 -9.64 -17.28
CA PHE B 356 -1.12 -8.21 -17.42
C PHE B 356 -1.36 -7.67 -18.84
N PRO B 357 -2.61 -7.75 -19.34
CA PRO B 357 -2.88 -7.34 -20.73
C PRO B 357 -2.58 -5.86 -21.01
N LEU B 358 -2.93 -4.99 -20.06
CA LEU B 358 -2.73 -3.55 -20.24
C LEU B 358 -1.27 -3.13 -20.16
N ILE B 359 -0.56 -3.60 -19.14
CA ILE B 359 0.87 -3.26 -18.98
C ILE B 359 1.75 -3.93 -20.04
N SER B 360 1.42 -5.17 -20.40
CA SER B 360 2.09 -5.87 -21.50
C SER B 360 1.99 -5.09 -22.81
N THR B 361 0.81 -4.49 -23.07
CA THR B 361 0.60 -3.60 -24.20
C THR B 361 1.66 -2.50 -24.25
N LEU B 362 1.94 -1.90 -23.09
CA LEU B 362 2.91 -0.82 -22.98
C LEU B 362 4.34 -1.31 -23.18
N LYS B 363 4.70 -2.40 -22.50
CA LYS B 363 6.04 -3.00 -22.66
C LYS B 363 6.39 -3.19 -24.13
N LYS B 364 5.48 -3.82 -24.86
CA LYS B 364 5.66 -4.08 -26.29
C LYS B 364 5.78 -2.78 -27.08
N ALA B 365 4.86 -1.85 -26.82
CA ALA B 365 4.82 -0.57 -27.54
C ALA B 365 6.08 0.26 -27.34
N LEU B 366 6.61 0.24 -26.12
CA LEU B 366 7.78 1.07 -25.76
C LEU B 366 9.12 0.36 -26.02
N GLY B 367 9.03 -0.88 -26.50
CA GLY B 367 10.19 -1.63 -26.98
C GLY B 367 11.18 -2.08 -25.91
N LEU B 368 10.67 -2.39 -24.72
CA LEU B 368 11.52 -2.79 -23.59
C LEU B 368 12.28 -4.08 -23.87
N GLN B 369 13.53 -4.12 -23.41
CA GLN B 369 14.41 -5.27 -23.60
C GLN B 369 15.53 -5.25 -22.57
N SER B 370 15.85 -6.42 -22.04
CA SER B 370 17.03 -6.61 -21.21
C SER B 370 17.57 -8.02 -21.40
N ALA B 371 18.89 -8.17 -21.28
CA ALA B 371 19.56 -9.46 -21.40
C ALA B 371 19.00 -10.52 -20.45
N SER B 372 18.77 -10.13 -19.20
CA SER B 372 18.17 -11.01 -18.18
C SER B 372 16.84 -11.62 -18.64
N CYS B 373 16.08 -10.85 -19.39
CA CYS B 373 14.74 -11.23 -19.83
C CYS B 373 14.77 -11.82 -21.23
N THR B 374 15.70 -12.77 -21.44
CA THR B 374 15.78 -13.57 -22.66
C THR B 374 16.04 -15.00 -22.21
N ALA B 375 15.95 -15.95 -23.16
CA ALA B 375 16.11 -17.36 -22.86
C ALA B 375 16.97 -18.05 -23.92
N PRO B 376 18.31 -17.98 -23.77
CA PRO B 376 19.24 -18.58 -24.74
C PRO B 376 19.20 -20.11 -24.69
N ALA B 377 19.89 -20.74 -25.64
CA ALA B 377 19.95 -22.20 -25.73
C ALA B 377 20.93 -22.79 -24.71
N GLN B 378 20.70 -22.46 -23.45
CA GLN B 378 21.43 -23.02 -22.31
C GLN B 378 20.40 -23.34 -21.24
N PRO B 379 20.57 -24.45 -20.50
CA PRO B 379 19.51 -24.80 -19.55
C PRO B 379 19.66 -24.12 -18.19
N TYR C 1 50.02 33.75 -30.78
CA TYR C 1 48.86 33.83 -29.83
C TYR C 1 48.94 32.77 -28.75
N GLN C 2 48.42 33.10 -27.57
CA GLN C 2 48.31 32.16 -26.47
C GLN C 2 46.85 31.74 -26.31
N LEU C 3 46.63 30.49 -25.90
CA LEU C 3 45.29 30.02 -25.53
C LEU C 3 45.33 29.46 -24.12
N THR C 4 44.72 30.18 -23.20
CA THR C 4 44.87 29.90 -21.78
C THR C 4 43.56 29.40 -21.19
N CYS C 5 43.58 28.18 -20.64
CA CYS C 5 42.35 27.53 -20.19
C CYS C 5 42.33 27.26 -18.69
N TYR C 6 41.32 27.82 -18.00
CA TYR C 6 41.11 27.59 -16.58
C TYR C 6 40.46 26.25 -16.29
N PHE C 7 41.11 25.45 -15.44
CA PHE C 7 40.53 24.23 -14.88
C PHE C 7 40.08 24.51 -13.45
N THR C 8 38.91 23.99 -13.09
CA THR C 8 38.35 24.25 -11.75
C THR C 8 38.25 23.00 -10.87
N ASN C 9 38.77 23.12 -9.64
CA ASN C 9 38.87 22.00 -8.71
C ASN C 9 37.56 21.59 -8.00
N TRP C 10 36.46 22.22 -8.37
CA TRP C 10 35.14 21.81 -7.89
C TRP C 10 34.34 21.02 -8.92
N ALA C 11 34.83 20.98 -10.17
CA ALA C 11 34.18 20.24 -11.24
C ALA C 11 34.18 18.72 -11.00
N GLN C 12 35.08 18.28 -10.13
CA GLN C 12 35.20 16.87 -9.74
C GLN C 12 33.96 16.33 -9.03
N TYR C 13 33.13 17.24 -8.51
CA TYR C 13 31.96 16.86 -7.72
C TYR C 13 30.67 16.75 -8.53
N ARG C 14 30.75 17.12 -9.81
CA ARG C 14 29.60 17.08 -10.72
C ARG C 14 29.19 15.65 -11.08
N PRO C 15 27.88 15.38 -11.13
CA PRO C 15 27.41 14.01 -11.34
C PRO C 15 27.61 13.50 -12.77
N GLY C 16 27.82 12.19 -12.91
CA GLY C 16 27.91 11.52 -14.21
C GLY C 16 28.81 12.18 -15.23
N LEU C 17 28.26 12.39 -16.42
CA LEU C 17 28.98 12.98 -17.54
C LEU C 17 29.52 14.39 -17.28
N GLY C 18 29.04 15.02 -16.22
CA GLY C 18 29.53 16.34 -15.80
C GLY C 18 30.87 16.33 -15.09
N ARG C 19 31.20 15.21 -14.44
CA ARG C 19 32.46 15.08 -13.70
C ARG C 19 33.67 15.34 -14.59
N PHE C 20 34.55 16.24 -14.13
CA PHE C 20 35.73 16.63 -14.91
C PHE C 20 36.98 16.67 -14.02
N MET C 21 37.97 15.86 -14.40
CA MET C 21 39.24 15.73 -13.68
C MET C 21 40.38 16.23 -14.58
N PRO C 22 41.58 16.48 -14.00
CA PRO C 22 42.72 16.92 -14.80
C PRO C 22 43.03 16.03 -16.01
N ASP C 23 42.80 14.72 -15.88
CA ASP C 23 43.07 13.77 -16.97
C ASP C 23 42.00 13.79 -18.07
N ASP C 24 40.96 14.59 -17.87
CA ASP C 24 39.96 14.85 -18.91
C ASP C 24 40.37 15.99 -19.85
N ILE C 25 41.45 16.68 -19.48
CA ILE C 25 42.02 17.75 -20.31
C ILE C 25 42.85 17.15 -21.45
N ASN C 26 42.55 17.57 -22.68
CA ASN C 26 43.39 17.31 -23.84
C ASN C 26 44.63 18.19 -23.76
N PRO C 27 45.82 17.57 -23.61
CA PRO C 27 47.07 18.33 -23.42
C PRO C 27 47.46 19.25 -24.58
N CYS C 28 46.97 18.95 -25.77
CA CYS C 28 47.32 19.70 -26.98
C CYS C 28 46.35 20.85 -27.28
N LEU C 29 45.26 20.93 -26.52
CA LEU C 29 44.21 21.91 -26.76
C LEU C 29 44.65 23.34 -26.48
N CYS C 30 45.20 23.59 -25.30
CA CYS C 30 45.57 24.95 -24.87
C CYS C 30 47.09 25.10 -24.75
N THR C 31 47.57 26.34 -24.80
CA THR C 31 49.00 26.62 -24.62
C THR C 31 49.35 26.74 -23.13
N HIS C 32 48.40 27.27 -22.35
CA HIS C 32 48.56 27.44 -20.92
C HIS C 32 47.33 26.90 -20.21
N LEU C 33 47.56 26.23 -19.08
CA LEU C 33 46.47 25.74 -18.24
C LEU C 33 46.59 26.33 -16.85
N ILE C 34 45.48 26.85 -16.34
CA ILE C 34 45.47 27.47 -15.02
C ILE C 34 44.56 26.71 -14.05
N TYR C 35 45.10 26.42 -12.87
CA TYR C 35 44.41 25.65 -11.84
C TYR C 35 43.74 26.61 -10.85
N ALA C 36 42.41 26.53 -10.77
CA ALA C 36 41.60 27.34 -9.86
C ALA C 36 40.92 26.46 -8.81
N PHE C 37 41.04 26.77 -7.51
CA PHE C 37 41.84 27.88 -6.96
C PHE C 37 42.70 27.37 -5.80
N ALA C 38 43.79 28.08 -5.50
CA ALA C 38 44.51 27.94 -4.24
C ALA C 38 43.97 28.95 -3.22
N GLY C 39 44.26 28.72 -1.94
CA GLY C 39 43.82 29.60 -0.87
C GLY C 39 44.97 30.29 -0.17
N MET C 40 44.71 30.78 1.05
CA MET C 40 45.72 31.45 1.85
C MET C 40 45.48 31.26 3.35
N GLN C 41 46.56 30.99 4.07
CA GLN C 41 46.56 30.91 5.54
C GLN C 41 47.88 31.44 6.04
N ASN C 42 47.86 32.23 7.11
CA ASN C 42 49.08 32.80 7.69
C ASN C 42 49.94 33.52 6.66
N ASN C 43 49.28 34.22 5.73
CA ASN C 43 49.95 34.92 4.61
C ASN C 43 50.74 34.00 3.69
N GLU C 44 50.29 32.76 3.57
CA GLU C 44 50.96 31.75 2.76
C GLU C 44 49.95 31.04 1.87
N ILE C 45 50.38 30.68 0.66
CA ILE C 45 49.52 29.97 -0.27
C ILE C 45 49.23 28.55 0.25
N THR C 46 47.99 28.09 0.06
CA THR C 46 47.56 26.75 0.52
C THR C 46 46.62 26.11 -0.49
N THR C 47 46.44 24.80 -0.36
CA THR C 47 45.36 24.09 -1.07
C THR C 47 44.00 24.48 -0.46
N ILE C 48 42.91 24.16 -1.16
CA ILE C 48 41.56 24.34 -0.61
C ILE C 48 40.70 23.08 -0.64
N GLU C 49 40.99 22.17 -1.56
CA GLU C 49 40.32 20.86 -1.60
C GLU C 49 41.19 19.75 -1.00
N TRP C 50 40.56 18.80 -0.31
CA TRP C 50 41.25 17.72 0.39
C TRP C 50 42.20 16.90 -0.49
N ASN C 51 41.86 16.78 -1.78
CA ASN C 51 42.65 15.99 -2.73
C ASN C 51 43.44 16.82 -3.76
N ASP C 52 43.66 18.10 -3.46
CA ASP C 52 44.36 19.02 -4.38
C ASP C 52 45.75 18.55 -4.76
N VAL C 53 46.49 17.98 -3.80
CA VAL C 53 47.83 17.48 -4.07
C VAL C 53 47.81 16.37 -5.14
N THR C 54 46.84 15.46 -5.04
CA THR C 54 46.67 14.42 -6.07
C THR C 54 46.34 15.06 -7.43
N LEU C 55 45.42 16.03 -7.42
CA LEU C 55 45.01 16.73 -8.64
C LEU C 55 46.14 17.54 -9.28
N TYR C 56 46.95 18.21 -8.47
CA TYR C 56 48.11 18.98 -8.95
C TYR C 56 49.04 18.09 -9.77
N GLN C 57 49.28 16.90 -9.26
CA GLN C 57 50.18 15.93 -9.88
C GLN C 57 49.68 15.48 -11.25
N ALA C 58 48.40 15.14 -11.33
CA ALA C 58 47.77 14.79 -12.62
C ALA C 58 47.75 16.00 -13.57
N PHE C 59 47.36 17.16 -13.05
CA PHE C 59 47.33 18.42 -13.80
C PHE C 59 48.68 18.73 -14.44
N ASN C 60 49.72 18.76 -13.61
CA ASN C 60 51.06 19.09 -14.10
C ASN C 60 51.71 17.95 -14.86
N GLY C 61 51.21 16.74 -14.63
CA GLY C 61 51.63 15.56 -15.38
C GLY C 61 51.24 15.58 -16.85
N LEU C 62 50.30 16.46 -17.20
CA LEU C 62 49.89 16.64 -18.61
C LEU C 62 51.03 17.17 -19.49
N LYS C 63 51.96 17.90 -18.87
CA LYS C 63 53.15 18.45 -19.55
C LYS C 63 54.12 17.38 -20.07
N ASN C 64 53.91 16.13 -19.66
CA ASN C 64 54.66 15.00 -20.22
C ASN C 64 54.27 14.72 -21.68
N LYS C 65 53.08 15.19 -22.06
CA LYS C 65 52.50 14.95 -23.38
C LYS C 65 52.54 16.17 -24.31
N ASN C 66 52.84 17.34 -23.75
CA ASN C 66 52.96 18.58 -24.52
C ASN C 66 54.19 19.38 -24.09
N SER C 67 55.20 19.44 -24.96
CA SER C 67 56.52 19.98 -24.60
C SER C 67 56.60 21.49 -24.41
N GLN C 68 55.56 22.22 -24.78
CA GLN C 68 55.56 23.67 -24.61
C GLN C 68 54.46 24.13 -23.66
N LEU C 69 53.66 23.18 -23.17
CA LEU C 69 52.57 23.48 -22.24
C LEU C 69 53.09 24.05 -20.93
N LYS C 70 52.45 25.12 -20.47
CA LYS C 70 52.81 25.72 -19.19
C LYS C 70 51.59 25.77 -18.29
N THR C 71 51.81 25.51 -17.00
CA THR C 71 50.73 25.48 -16.03
C THR C 71 50.93 26.57 -15.00
N LEU C 72 49.80 27.10 -14.53
CA LEU C 72 49.81 28.09 -13.48
C LEU C 72 48.80 27.73 -12.39
N LEU C 73 49.08 28.17 -11.16
CA LEU C 73 48.13 28.05 -10.07
C LEU C 73 47.47 29.40 -9.85
N ALA C 74 46.13 29.43 -9.87
CA ALA C 74 45.40 30.66 -9.62
C ALA C 74 45.03 30.76 -8.15
N ILE C 75 45.34 31.89 -7.53
CA ILE C 75 45.00 32.14 -6.13
C ILE C 75 43.82 33.11 -5.98
N GLY C 76 42.87 32.73 -5.13
CA GLY C 76 41.77 33.61 -4.76
C GLY C 76 40.44 33.16 -5.30
N GLY C 77 39.83 33.97 -6.15
CA GLY C 77 38.51 33.69 -6.68
C GLY C 77 37.41 34.49 -5.98
N TRP C 78 36.18 34.24 -6.39
CA TRP C 78 35.03 35.01 -5.92
C TRP C 78 34.74 34.81 -4.44
N ASN C 79 34.55 33.55 -4.04
CA ASN C 79 34.21 33.20 -2.67
C ASN C 79 35.27 33.61 -1.66
N PHE C 80 36.54 33.54 -2.08
CA PHE C 80 37.69 33.94 -1.26
C PHE C 80 37.58 35.37 -0.72
N GLY C 81 37.03 36.26 -1.52
CA GLY C 81 36.87 37.67 -1.11
C GLY C 81 38.20 38.41 -1.15
N THR C 82 38.32 39.44 -0.32
CA THR C 82 39.45 40.37 -0.42
C THR C 82 40.29 40.53 0.86
N ALA C 83 39.70 40.13 2.00
CA ALA C 83 40.34 40.36 3.31
C ALA C 83 41.75 39.77 3.46
N PRO C 84 41.95 38.48 3.06
CA PRO C 84 43.30 37.95 3.21
C PRO C 84 44.32 38.62 2.28
N PHE C 85 43.88 39.05 1.11
CA PHE C 85 44.73 39.79 0.18
C PHE C 85 45.12 41.14 0.79
N THR C 86 44.13 41.84 1.35
CA THR C 86 44.37 43.10 2.03
C THR C 86 45.37 42.95 3.18
N ALA C 87 45.13 41.97 4.06
CA ALA C 87 46.04 41.66 5.16
C ALA C 87 47.46 41.34 4.68
N MET C 88 47.57 40.50 3.65
CA MET C 88 48.87 40.09 3.09
C MET C 88 49.69 41.23 2.47
N VAL C 89 49.05 42.13 1.75
CA VAL C 89 49.77 43.23 1.09
C VAL C 89 50.05 44.43 2.00
N SER C 90 49.43 44.44 3.17
CA SER C 90 49.50 45.58 4.09
C SER C 90 50.91 45.88 4.62
N THR C 91 51.76 44.86 4.71
CA THR C 91 53.13 45.01 5.22
C THR C 91 54.20 44.31 4.35
N PRO C 92 55.43 44.86 4.31
CA PRO C 92 56.54 44.21 3.59
C PRO C 92 56.81 42.78 4.07
N GLU C 93 56.71 42.54 5.37
CA GLU C 93 56.94 41.21 5.96
C GLU C 93 55.91 40.18 5.50
N ASN C 94 54.64 40.57 5.49
CA ASN C 94 53.56 39.71 5.01
C ASN C 94 53.67 39.38 3.53
N ARG C 95 54.10 40.36 2.73
CA ARG C 95 54.34 40.13 1.31
C ARG C 95 55.52 39.17 1.11
N GLN C 96 56.59 39.37 1.88
CA GLN C 96 57.77 38.49 1.84
C GLN C 96 57.44 37.05 2.26
N THR C 97 56.63 36.91 3.30
CA THR C 97 56.15 35.61 3.76
C THR C 97 55.35 34.91 2.65
N PHE C 98 54.50 35.69 1.97
CA PHE C 98 53.71 35.17 0.85
C PHE C 98 54.56 34.70 -0.32
N ILE C 99 55.45 35.57 -0.78
CA ILE C 99 56.30 35.30 -1.95
C ILE C 99 57.20 34.07 -1.73
N THR C 100 57.82 34.00 -0.55
CA THR C 100 58.59 32.84 -0.12
C THR C 100 57.77 31.55 -0.25
N SER C 101 56.55 31.57 0.30
CA SER C 101 55.65 30.42 0.25
C SER C 101 55.25 30.04 -1.17
N VAL C 102 54.99 31.05 -2.00
CA VAL C 102 54.61 30.85 -3.41
C VAL C 102 55.72 30.15 -4.21
N ILE C 103 56.94 30.68 -4.13
CA ILE C 103 58.08 30.05 -4.79
C ILE C 103 58.19 28.56 -4.42
N LYS C 104 58.18 28.27 -3.12
CA LYS C 104 58.29 26.89 -2.61
C LYS C 104 57.15 25.98 -3.09
N PHE C 105 55.94 26.52 -3.08
CA PHE C 105 54.73 25.77 -3.41
C PHE C 105 54.73 25.41 -4.90
N LEU C 106 55.00 26.40 -5.75
CA LEU C 106 55.01 26.19 -7.20
C LEU C 106 56.08 25.19 -7.62
N ARG C 107 57.27 25.28 -7.00
CA ARG C 107 58.36 24.35 -7.32
C ARG C 107 58.09 22.93 -6.82
N GLN C 108 57.55 22.83 -5.60
CA GLN C 108 57.19 21.54 -5.00
C GLN C 108 56.23 20.74 -5.89
N TYR C 109 55.20 21.41 -6.39
CA TYR C 109 54.13 20.75 -7.14
C TYR C 109 54.29 20.85 -8.65
N GLU C 110 55.34 21.53 -9.09
CA GLU C 110 55.72 21.65 -10.50
C GLU C 110 54.77 22.51 -11.35
N PHE C 111 54.37 23.65 -10.80
CA PHE C 111 53.68 24.67 -11.58
C PHE C 111 54.73 25.59 -12.20
N ASP C 112 54.37 26.21 -13.33
CA ASP C 112 55.25 27.16 -14.02
C ASP C 112 55.01 28.63 -13.64
N GLY C 113 53.98 28.87 -12.83
CA GLY C 113 53.65 30.25 -12.46
C GLY C 113 52.45 30.42 -11.55
N LEU C 114 52.21 31.68 -11.17
CA LEU C 114 51.07 32.07 -10.36
C LEU C 114 50.18 33.04 -11.10
N ASP C 115 48.87 32.77 -11.06
CA ASP C 115 47.86 33.69 -11.58
C ASP C 115 47.09 34.30 -10.40
N PHE C 116 47.16 35.63 -10.27
CA PHE C 116 46.41 36.34 -9.23
C PHE C 116 44.94 36.49 -9.61
N ASP C 117 44.04 36.02 -8.74
CA ASP C 117 42.60 36.18 -8.96
C ASP C 117 41.94 36.94 -7.81
N TRP C 118 42.55 38.06 -7.45
CA TRP C 118 42.01 38.96 -6.44
C TRP C 118 40.85 39.73 -7.07
N GLU C 119 39.65 39.51 -6.55
CA GLU C 119 38.45 40.16 -7.07
C GLU C 119 37.76 41.03 -5.99
N TYR C 120 38.13 42.31 -5.89
CA TYR C 120 39.19 42.94 -6.68
C TYR C 120 39.98 43.83 -5.73
N PRO C 121 41.18 44.29 -6.14
CA PRO C 121 41.79 45.37 -5.36
C PRO C 121 40.90 46.61 -5.42
N GLY C 122 40.74 47.29 -4.30
CA GLY C 122 39.97 48.54 -4.24
C GLY C 122 38.47 48.39 -4.40
N SER C 123 37.99 47.15 -4.52
CA SER C 123 36.57 46.86 -4.65
C SER C 123 36.18 45.69 -3.79
N ARG C 124 34.87 45.50 -3.63
CA ARG C 124 34.31 44.33 -2.95
C ARG C 124 34.87 44.14 -1.54
N GLY C 125 35.00 45.24 -0.81
CA GLY C 125 35.48 45.20 0.58
C GLY C 125 36.92 45.64 0.75
N SER C 126 37.67 45.63 -0.35
CA SER C 126 39.08 46.01 -0.31
C SER C 126 39.24 47.54 -0.28
N PRO C 127 40.04 48.06 0.68
CA PRO C 127 40.27 49.50 0.84
C PRO C 127 41.12 50.11 -0.29
N PRO C 128 41.03 51.45 -0.48
CA PRO C 128 41.63 52.16 -1.63
C PRO C 128 43.15 52.02 -1.76
N GLN C 129 43.85 51.81 -0.65
CA GLN C 129 45.31 51.65 -0.68
C GLN C 129 45.74 50.36 -1.37
N ASP C 130 44.81 49.42 -1.52
CA ASP C 130 45.11 48.14 -2.18
C ASP C 130 45.41 48.26 -3.67
N LYS C 131 44.95 49.34 -4.29
CA LYS C 131 45.27 49.62 -5.69
C LYS C 131 46.78 49.73 -5.88
N HIS C 132 47.45 50.58 -5.10
CA HIS C 132 48.90 50.71 -5.22
C HIS C 132 49.65 49.52 -4.64
N LEU C 133 49.14 48.94 -3.55
CA LEU C 133 49.81 47.82 -2.90
C LEU C 133 49.82 46.54 -3.75
N PHE C 134 48.81 46.38 -4.61
CA PHE C 134 48.81 45.28 -5.58
C PHE C 134 49.96 45.41 -6.58
N THR C 135 50.20 46.64 -7.04
CA THR C 135 51.35 46.93 -7.91
C THR C 135 52.66 46.53 -7.21
N VAL C 136 52.78 46.91 -5.94
CA VAL C 136 53.98 46.66 -5.14
C VAL C 136 54.20 45.16 -4.93
N LEU C 137 53.13 44.44 -4.59
CA LEU C 137 53.18 42.98 -4.48
C LEU C 137 53.68 42.30 -5.77
N VAL C 138 53.14 42.73 -6.91
CA VAL C 138 53.52 42.12 -8.19
C VAL C 138 54.98 42.44 -8.55
N GLN C 139 55.39 43.70 -8.33
CA GLN C 139 56.78 44.11 -8.48
C GLN C 139 57.73 43.18 -7.70
N GLU C 140 57.44 43.02 -6.42
CA GLU C 140 58.27 42.19 -5.53
C GLU C 140 58.26 40.72 -5.93
N MET C 141 57.10 40.20 -6.34
CA MET C 141 57.01 38.81 -6.78
C MET C 141 57.82 38.56 -8.04
N ARG C 142 57.61 39.41 -9.06
CA ARG C 142 58.37 39.34 -10.32
C ARG C 142 59.88 39.33 -10.06
N GLU C 143 60.33 40.23 -9.18
CA GLU C 143 61.75 40.32 -8.80
C GLU C 143 62.27 39.07 -8.11
N ALA C 144 61.49 38.50 -7.19
CA ALA C 144 61.87 37.28 -6.50
C ALA C 144 61.94 36.10 -7.47
N PHE C 145 60.95 36.02 -8.37
CA PHE C 145 60.95 35.03 -9.45
C PHE C 145 62.21 35.15 -10.32
N GLU C 146 62.55 36.39 -10.70
CA GLU C 146 63.77 36.67 -11.48
C GLU C 146 65.04 36.18 -10.80
N GLN C 147 65.14 36.42 -9.50
CA GLN C 147 66.33 36.05 -8.73
C GLN C 147 66.43 34.53 -8.51
N GLU C 148 65.30 33.91 -8.16
CA GLU C 148 65.21 32.45 -7.97
C GLU C 148 65.57 31.67 -9.23
N ALA C 149 65.22 32.20 -10.39
CA ALA C 149 65.51 31.56 -11.67
C ALA C 149 67.01 31.42 -11.90
N LYS C 150 67.75 32.50 -11.65
CA LYS C 150 69.21 32.51 -11.72
C LYS C 150 69.80 31.61 -10.62
N GLN C 151 69.18 31.65 -9.44
CA GLN C 151 69.60 30.87 -8.28
C GLN C 151 69.58 29.36 -8.57
N ILE C 152 68.45 28.83 -9.05
CA ILE C 152 68.31 27.38 -9.22
C ILE C 152 68.53 26.88 -10.65
N ASN C 153 68.96 27.78 -11.54
CA ASN C 153 69.26 27.45 -12.94
C ASN C 153 68.08 26.89 -13.75
N LYS C 154 66.90 27.48 -13.57
CA LYS C 154 65.69 27.08 -14.29
C LYS C 154 64.99 28.29 -14.91
N PRO C 155 64.13 28.06 -15.93
CA PRO C 155 63.31 29.16 -16.45
C PRO C 155 62.51 29.85 -15.36
N ARG C 156 62.37 31.17 -15.48
CA ARG C 156 61.66 31.98 -14.49
C ARG C 156 60.19 31.58 -14.38
N LEU C 157 59.69 31.53 -13.15
CA LEU C 157 58.27 31.36 -12.89
C LEU C 157 57.50 32.56 -13.44
N MET C 158 56.33 32.30 -14.02
CA MET C 158 55.48 33.34 -14.58
C MET C 158 54.60 33.97 -13.50
N VAL C 159 54.31 35.26 -13.65
CA VAL C 159 53.33 35.93 -12.80
C VAL C 159 52.28 36.61 -13.67
N THR C 160 51.03 36.18 -13.53
CA THR C 160 49.91 36.74 -14.29
C THR C 160 48.78 37.17 -13.35
N ALA C 161 47.75 37.80 -13.91
CA ALA C 161 46.57 38.20 -13.14
C ALA C 161 45.29 38.21 -13.98
N ALA C 162 44.22 37.69 -13.37
CA ALA C 162 42.87 37.90 -13.89
C ALA C 162 42.38 39.23 -13.35
N VAL C 163 41.86 40.07 -14.25
CA VAL C 163 41.50 41.45 -13.90
C VAL C 163 40.07 41.82 -14.31
N ALA C 164 39.57 42.89 -13.69
CA ALA C 164 38.20 43.37 -13.85
C ALA C 164 37.86 43.83 -15.27
N ALA C 165 36.60 43.63 -15.65
CA ALA C 165 36.06 44.18 -16.89
C ALA C 165 35.19 45.42 -16.64
N GLY C 166 34.71 45.58 -15.40
CA GLY C 166 33.87 46.72 -15.04
C GLY C 166 34.72 47.98 -14.95
N ILE C 167 34.28 49.04 -15.63
CA ILE C 167 35.11 50.26 -15.76
C ILE C 167 35.42 50.91 -14.41
N SER C 168 34.41 51.06 -13.55
CA SER C 168 34.65 51.64 -12.22
C SER C 168 35.58 50.78 -11.37
N ASN C 169 35.49 49.46 -11.52
CA ASN C 169 36.37 48.52 -10.81
C ASN C 169 37.82 48.58 -11.32
N ILE C 170 37.99 48.78 -12.62
CA ILE C 170 39.31 48.97 -13.22
C ILE C 170 39.96 50.25 -12.67
N GLN C 171 39.17 51.31 -12.56
CA GLN C 171 39.65 52.62 -12.10
C GLN C 171 40.06 52.64 -10.62
N SER C 172 39.29 51.95 -9.78
CA SER C 172 39.63 51.83 -8.35
C SER C 172 40.62 50.69 -8.06
N GLY C 173 40.88 49.84 -9.04
CA GLY C 173 41.63 48.60 -8.83
C GLY C 173 43.09 48.53 -9.23
N TYR C 174 43.44 49.17 -10.34
CA TYR C 174 44.74 48.93 -10.97
C TYR C 174 45.47 50.20 -11.38
N GLU C 175 46.78 50.20 -11.17
CA GLU C 175 47.65 51.22 -11.73
C GLU C 175 48.20 50.60 -13.02
N ILE C 176 47.47 50.79 -14.11
CA ILE C 176 47.65 50.00 -15.34
C ILE C 176 49.06 50.11 -15.97
N PRO C 177 49.54 51.36 -16.21
CA PRO C 177 50.89 51.48 -16.78
C PRO C 177 51.99 50.71 -16.00
N GLN C 178 52.06 50.89 -14.68
CA GLN C 178 53.14 50.26 -13.89
C GLN C 178 52.91 48.76 -13.68
N LEU C 179 51.68 48.37 -13.40
CA LEU C 179 51.35 46.96 -13.21
C LEU C 179 51.66 46.13 -14.45
N SER C 180 51.38 46.71 -15.62
CA SER C 180 51.59 46.01 -16.89
C SER C 180 53.06 45.72 -17.22
N GLN C 181 53.97 46.45 -16.57
CA GLN C 181 55.41 46.24 -16.74
C GLN C 181 55.90 44.98 -16.02
N TYR C 182 55.14 44.56 -15.00
CA TYR C 182 55.55 43.44 -14.14
C TYR C 182 54.85 42.13 -14.45
N LEU C 183 53.56 42.22 -14.81
CA LEU C 183 52.78 41.06 -15.21
C LEU C 183 53.22 40.52 -16.57
N ASP C 184 53.27 39.21 -16.68
CA ASP C 184 53.56 38.53 -17.95
C ASP C 184 52.36 38.58 -18.87
N TYR C 185 51.19 38.28 -18.32
CA TYR C 185 49.95 38.34 -19.08
C TYR C 185 48.83 38.89 -18.20
N ILE C 186 47.87 39.53 -18.84
CA ILE C 186 46.73 40.13 -18.16
C ILE C 186 45.48 39.47 -18.70
N HIS C 187 44.81 38.69 -17.85
CA HIS C 187 43.62 37.96 -18.24
C HIS C 187 42.36 38.77 -17.91
N VAL C 188 41.83 39.48 -18.90
CA VAL C 188 40.65 40.33 -18.70
C VAL C 188 39.37 39.49 -18.69
N MET C 189 38.59 39.64 -17.62
CA MET C 189 37.38 38.84 -17.42
C MET C 189 36.16 39.42 -18.14
N THR C 190 36.26 39.43 -19.48
CA THR C 190 35.22 39.95 -20.37
C THR C 190 34.02 39.01 -20.49
N TYR C 191 33.42 38.71 -19.35
CA TYR C 191 32.18 37.93 -19.26
C TYR C 191 31.44 38.36 -17.99
N ASP C 192 30.25 37.81 -17.77
CA ASP C 192 29.34 38.28 -16.71
C ASP C 192 29.01 39.76 -16.91
N LEU C 193 28.99 40.21 -18.16
CA LEU C 193 28.76 41.63 -18.47
C LEU C 193 27.28 42.00 -18.32
N HIS C 194 26.42 41.00 -18.38
CA HIS C 194 25.00 41.12 -18.03
C HIS C 194 24.56 39.85 -17.31
N GLY C 195 23.48 39.95 -16.55
CA GLY C 195 22.91 38.82 -15.83
C GLY C 195 21.63 39.23 -15.13
N SER C 196 20.97 38.25 -14.50
CA SER C 196 19.65 38.48 -13.90
C SER C 196 19.65 39.57 -12.83
N TRP C 197 20.82 39.82 -12.25
CA TRP C 197 20.98 40.87 -11.24
C TRP C 197 20.52 42.24 -11.71
N GLU C 198 20.43 42.43 -13.03
CA GLU C 198 20.04 43.72 -13.62
C GLU C 198 18.53 43.91 -13.78
N GLY C 199 17.77 42.82 -13.71
CA GLY C 199 16.32 42.89 -13.83
C GLY C 199 15.81 42.89 -15.26
N TYR C 200 16.71 42.66 -16.23
CA TYR C 200 16.35 42.49 -17.64
C TYR C 200 17.33 41.56 -18.36
N THR C 201 16.90 40.99 -19.49
CA THR C 201 17.76 40.11 -20.29
C THR C 201 18.95 40.87 -20.85
N GLY C 202 20.09 40.18 -20.93
CA GLY C 202 21.32 40.75 -21.44
C GLY C 202 22.30 39.64 -21.73
N GLU C 203 23.28 39.94 -22.58
CA GLU C 203 24.24 38.94 -23.03
C GLU C 203 25.44 38.82 -22.09
N ASN C 204 25.92 37.59 -21.95
CA ASN C 204 27.05 37.29 -21.06
C ASN C 204 28.34 37.98 -21.49
N SER C 205 28.65 37.89 -22.78
CA SER C 205 29.90 38.39 -23.33
C SER C 205 29.71 38.96 -24.76
N PRO C 206 28.90 40.03 -24.90
CA PRO C 206 28.67 40.58 -26.24
C PRO C 206 29.93 41.28 -26.76
N LEU C 207 30.27 41.04 -28.02
CA LEU C 207 31.43 41.69 -28.64
C LEU C 207 31.25 43.21 -28.74
N TYR C 208 30.07 43.64 -29.18
CA TYR C 208 29.75 45.06 -29.31
C TYR C 208 28.53 45.41 -28.49
N LYS C 209 28.30 46.72 -28.32
CA LYS C 209 27.14 47.23 -27.61
C LYS C 209 25.83 46.97 -28.36
N TYR C 210 24.73 46.95 -27.63
CA TYR C 210 23.40 46.90 -28.22
C TYR C 210 23.01 48.34 -28.62
N PRO C 211 22.28 48.50 -29.74
CA PRO C 211 21.92 49.85 -30.22
C PRO C 211 21.31 50.76 -29.17
N THR C 212 20.53 50.20 -28.24
CA THR C 212 19.90 50.99 -27.17
C THR C 212 20.78 51.21 -25.93
N ASP C 213 22.01 50.69 -25.94
CA ASP C 213 22.96 50.91 -24.85
C ASP C 213 23.44 52.36 -24.85
N THR C 214 23.21 53.04 -23.72
CA THR C 214 23.61 54.44 -23.54
C THR C 214 24.37 54.60 -22.21
N GLY C 215 25.18 55.64 -22.11
CA GLY C 215 25.93 55.94 -20.90
C GLY C 215 26.87 54.83 -20.51
N SER C 216 26.86 54.45 -19.23
CA SER C 216 27.73 53.39 -18.72
C SER C 216 27.38 52.00 -19.26
N ASN C 217 26.09 51.79 -19.59
CA ASN C 217 25.65 50.56 -20.27
C ASN C 217 26.40 50.31 -21.58
N ALA C 218 26.91 51.37 -22.19
CA ALA C 218 27.69 51.26 -23.43
C ALA C 218 29.11 50.74 -23.21
N TYR C 219 29.48 50.51 -21.95
CA TYR C 219 30.80 49.97 -21.62
C TYR C 219 30.80 48.45 -21.48
N LEU C 220 29.60 47.87 -21.48
CA LEU C 220 29.41 46.44 -21.16
C LEU C 220 29.52 45.51 -22.38
N ASN C 221 30.66 45.58 -23.06
CA ASN C 221 30.94 44.73 -24.19
C ASN C 221 32.43 44.49 -24.34
N VAL C 222 32.80 43.42 -25.05
CA VAL C 222 34.21 43.00 -25.18
C VAL C 222 35.08 44.09 -25.82
N ASP C 223 34.58 44.69 -26.90
CA ASP C 223 35.30 45.74 -27.62
C ASP C 223 35.67 46.93 -26.72
N TYR C 224 34.69 47.48 -26.00
CA TYR C 224 34.96 48.61 -25.12
C TYR C 224 35.98 48.28 -24.02
N VAL C 225 35.77 47.16 -23.35
CA VAL C 225 36.61 46.74 -22.23
C VAL C 225 38.07 46.56 -22.63
N MET C 226 38.29 45.78 -23.68
CA MET C 226 39.64 45.49 -24.16
C MET C 226 40.37 46.76 -24.59
N ASN C 227 39.65 47.65 -25.28
CA ASN C 227 40.23 48.93 -25.70
C ASN C 227 40.49 49.88 -24.53
N TYR C 228 39.68 49.79 -23.47
CA TYR C 228 39.94 50.59 -22.28
C TYR C 228 41.30 50.25 -21.66
N TRP C 229 41.58 48.95 -21.52
CA TRP C 229 42.85 48.47 -20.96
C TRP C 229 44.02 48.90 -21.84
N LYS C 230 43.84 48.75 -23.14
CA LYS C 230 44.86 49.12 -24.14
C LYS C 230 45.16 50.64 -24.08
N ASP C 231 44.11 51.46 -24.11
CA ASP C 231 44.26 52.93 -24.12
C ASP C 231 44.86 53.48 -22.83
N ASN C 232 44.67 52.76 -21.74
CA ASN C 232 45.11 53.22 -20.43
C ASN C 232 46.39 52.58 -19.87
N GLY C 233 47.15 51.89 -20.74
CA GLY C 233 48.52 51.52 -20.41
C GLY C 233 49.00 50.08 -20.53
N ALA C 234 48.09 49.15 -20.86
CA ALA C 234 48.46 47.74 -20.95
C ALA C 234 48.84 47.37 -22.39
N PRO C 235 50.07 46.86 -22.60
CA PRO C 235 50.50 46.44 -23.94
C PRO C 235 49.53 45.42 -24.54
N ALA C 236 49.15 45.62 -25.79
CA ALA C 236 48.18 44.72 -26.47
C ALA C 236 48.60 43.24 -26.42
N GLU C 237 49.89 42.99 -26.55
CA GLU C 237 50.44 41.63 -26.57
C GLU C 237 50.31 40.90 -25.23
N LYS C 238 50.27 41.66 -24.13
CA LYS C 238 50.07 41.07 -22.81
C LYS C 238 48.59 40.85 -22.48
N LEU C 239 47.71 41.50 -23.24
CA LEU C 239 46.27 41.45 -22.98
C LEU C 239 45.64 40.21 -23.60
N ILE C 240 44.92 39.46 -22.76
CA ILE C 240 44.34 38.18 -23.13
C ILE C 240 42.82 38.27 -22.96
N VAL C 241 42.09 38.06 -24.05
CA VAL C 241 40.63 38.25 -24.07
C VAL C 241 39.90 37.07 -23.41
N GLY C 242 38.99 37.38 -22.49
CA GLY C 242 38.20 36.36 -21.80
C GLY C 242 37.05 35.81 -22.61
N PHE C 243 37.02 34.49 -22.74
CA PHE C 243 35.99 33.77 -23.48
C PHE C 243 35.25 32.83 -22.52
N PRO C 244 33.93 33.03 -22.37
CA PRO C 244 33.10 32.16 -21.52
C PRO C 244 32.50 30.92 -22.22
N THR C 245 32.71 29.75 -21.65
CA THR C 245 32.07 28.51 -22.13
C THR C 245 30.80 28.16 -21.34
N TYR C 246 30.07 29.21 -20.98
CA TYR C 246 28.81 29.10 -20.24
C TYR C 246 27.96 30.32 -20.58
N GLY C 247 26.68 30.27 -20.21
CA GLY C 247 25.78 31.41 -20.35
C GLY C 247 25.05 31.78 -19.07
N HIS C 248 24.39 32.94 -19.07
CA HIS C 248 23.52 33.34 -17.95
C HIS C 248 22.08 33.20 -18.36
N ASN C 249 21.26 32.63 -17.49
CA ASN C 249 19.83 32.48 -17.78
C ASN C 249 18.93 33.32 -16.87
N PHE C 250 17.69 33.52 -17.33
CA PHE C 250 16.75 34.46 -16.73
C PHE C 250 15.36 33.83 -16.73
N ILE C 251 14.51 34.30 -15.82
CA ILE C 251 13.08 34.06 -15.91
C ILE C 251 12.39 35.32 -16.46
N LEU C 252 11.85 35.21 -17.67
CA LEU C 252 11.15 36.33 -18.32
C LEU C 252 9.90 36.71 -17.55
N SER C 253 9.70 38.01 -17.36
CA SER C 253 8.48 38.52 -16.72
C SER C 253 7.28 38.28 -17.63
N ASN C 254 7.51 38.37 -18.93
CA ASN C 254 6.50 38.09 -19.95
C ASN C 254 7.12 37.28 -21.08
N PRO C 255 6.72 36.01 -21.22
CA PRO C 255 7.28 35.11 -22.23
C PRO C 255 7.08 35.56 -23.68
N SER C 256 6.18 36.53 -23.89
CA SER C 256 5.94 37.07 -25.22
C SER C 256 6.96 38.14 -25.63
N ASN C 257 7.77 38.60 -24.66
CA ASN C 257 8.88 39.50 -24.94
C ASN C 257 10.22 38.82 -24.64
N THR C 258 10.98 38.54 -25.70
CA THR C 258 12.18 37.73 -25.61
C THR C 258 13.41 38.42 -26.20
N GLY C 259 13.32 39.73 -26.40
CA GLY C 259 14.43 40.48 -26.95
C GLY C 259 15.45 40.87 -25.90
N ILE C 260 16.49 41.57 -26.32
CA ILE C 260 17.51 42.10 -25.41
C ILE C 260 16.91 43.26 -24.61
N GLY C 261 17.01 43.18 -23.28
CA GLY C 261 16.45 44.21 -22.42
C GLY C 261 15.01 43.95 -21.99
N ALA C 262 14.52 42.74 -22.26
CA ALA C 262 13.19 42.31 -21.81
C ALA C 262 13.16 42.12 -20.28
N PRO C 263 12.07 42.58 -19.62
CA PRO C 263 11.98 42.49 -18.17
C PRO C 263 12.07 41.06 -17.65
N THR C 264 12.85 40.87 -16.59
CA THR C 264 13.01 39.57 -15.96
C THR C 264 12.64 39.62 -14.49
N SER C 265 12.25 38.47 -13.94
CA SER C 265 11.81 38.39 -12.55
C SER C 265 12.84 37.68 -11.66
N GLY C 266 13.93 37.21 -12.27
CA GLY C 266 15.01 36.58 -11.49
C GLY C 266 15.87 35.63 -12.30
N ALA C 267 16.85 35.05 -11.63
CA ALA C 267 17.74 34.05 -12.24
C ALA C 267 16.98 32.86 -12.78
N GLY C 268 17.42 32.36 -13.94
CA GLY C 268 16.90 31.14 -14.49
C GLY C 268 17.37 29.94 -13.68
N PRO C 269 16.92 28.73 -14.04
CA PRO C 269 17.20 27.56 -13.20
C PRO C 269 18.64 27.04 -13.35
N ALA C 270 19.21 26.62 -12.22
CA ALA C 270 20.52 25.96 -12.24
C ALA C 270 20.41 24.64 -13.00
N GLY C 271 21.47 24.28 -13.71
CA GLY C 271 21.51 23.03 -14.47
C GLY C 271 21.79 21.82 -13.60
N PRO C 272 21.47 20.61 -14.10
CA PRO C 272 21.64 19.38 -13.30
C PRO C 272 23.09 18.95 -13.12
N TYR C 273 23.99 19.49 -13.94
CA TYR C 273 25.41 19.12 -13.86
C TYR C 273 26.27 20.14 -13.10
N ALA C 274 26.17 21.42 -13.45
CA ALA C 274 26.98 22.46 -12.80
C ALA C 274 26.31 23.00 -11.54
N LYS C 275 24.96 22.99 -11.53
CA LYS C 275 24.15 23.41 -10.38
C LYS C 275 24.42 24.82 -9.86
N GLU C 276 24.72 25.73 -10.79
CA GLU C 276 24.94 27.13 -10.45
C GLU C 276 23.75 27.97 -10.88
N SER C 277 23.15 28.67 -9.93
CA SER C 277 21.95 29.47 -10.17
C SER C 277 22.22 30.55 -11.21
N GLY C 278 21.30 30.68 -12.16
CA GLY C 278 21.42 31.67 -13.23
C GLY C 278 22.53 31.37 -14.24
N ILE C 279 23.09 30.16 -14.17
CA ILE C 279 24.21 29.75 -15.02
C ILE C 279 23.93 28.40 -15.66
N TRP C 280 24.24 28.30 -16.96
CA TRP C 280 24.26 27.02 -17.66
C TRP C 280 25.60 26.83 -18.37
N ALA C 281 26.25 25.70 -18.12
CA ALA C 281 27.42 25.28 -18.90
C ALA C 281 27.03 25.21 -20.36
N TYR C 282 27.99 25.38 -21.27
CA TYR C 282 27.68 25.28 -22.69
C TYR C 282 26.98 23.95 -23.05
N TYR C 283 27.40 22.86 -22.42
CA TYR C 283 26.78 21.55 -22.69
C TYR C 283 25.36 21.46 -22.12
N GLU C 284 25.10 22.22 -21.04
CA GLU C 284 23.76 22.31 -20.47
C GLU C 284 22.83 23.11 -21.38
N ILE C 285 23.38 24.13 -22.06
CA ILE C 285 22.65 24.88 -23.07
C ILE C 285 22.30 24.00 -24.28
N CYS C 286 23.23 23.14 -24.69
CA CYS C 286 22.98 22.20 -25.80
C CYS C 286 21.80 21.25 -25.53
N THR C 287 21.58 20.89 -24.26
CA THR C 287 20.39 20.17 -23.82
C THR C 287 19.14 21.03 -24.00
N PHE C 288 19.22 22.28 -23.55
CA PHE C 288 18.14 23.26 -23.72
C PHE C 288 17.71 23.33 -25.20
N LEU C 289 18.69 23.39 -26.10
CA LEU C 289 18.44 23.43 -27.54
C LEU C 289 17.91 22.11 -28.10
N LYS C 290 18.40 20.99 -27.57
CA LYS C 290 17.94 19.65 -27.96
C LYS C 290 16.51 19.38 -27.52
N ASN C 291 16.10 20.00 -26.43
CA ASN C 291 14.75 19.80 -25.89
C ASN C 291 13.71 20.77 -26.47
N GLY C 292 14.09 21.48 -27.53
CA GLY C 292 13.17 22.31 -28.31
C GLY C 292 13.20 23.81 -28.10
N ALA C 293 14.27 24.33 -27.50
CA ALA C 293 14.42 25.78 -27.34
C ALA C 293 14.63 26.48 -28.68
N THR C 294 14.04 27.67 -28.81
CA THR C 294 14.19 28.51 -29.99
C THR C 294 15.46 29.36 -29.87
N GLN C 295 16.30 29.36 -30.90
CA GLN C 295 17.52 30.17 -30.92
C GLN C 295 17.28 31.53 -31.56
N GLY C 296 18.05 32.52 -31.09
CA GLY C 296 18.10 33.83 -31.71
C GLY C 296 19.54 34.24 -31.93
N TRP C 297 19.75 35.11 -32.92
CA TRP C 297 21.05 35.72 -33.14
C TRP C 297 20.96 37.23 -32.89
N ASP C 298 21.60 37.66 -31.80
CA ASP C 298 21.69 39.07 -31.41
C ASP C 298 22.73 39.74 -32.32
N ALA C 299 22.28 40.13 -33.51
CA ALA C 299 23.17 40.54 -34.60
C ALA C 299 24.14 41.70 -34.27
N PRO C 300 23.64 42.82 -33.71
CA PRO C 300 24.56 43.92 -33.35
C PRO C 300 25.68 43.51 -32.39
N GLN C 301 25.41 42.56 -31.49
CA GLN C 301 26.38 42.19 -30.47
C GLN C 301 27.18 40.92 -30.82
N GLU C 302 26.80 40.30 -31.94
CA GLU C 302 27.48 39.12 -32.48
C GLU C 302 27.50 37.92 -31.54
N VAL C 303 26.38 37.69 -30.86
CA VAL C 303 26.25 36.59 -29.89
C VAL C 303 24.86 35.95 -29.96
N PRO C 304 24.79 34.62 -29.69
CA PRO C 304 23.49 33.96 -29.69
C PRO C 304 22.72 34.14 -28.39
N TYR C 305 21.41 33.90 -28.46
CA TYR C 305 20.59 33.68 -27.28
C TYR C 305 19.57 32.60 -27.61
N ALA C 306 18.84 32.15 -26.60
CA ALA C 306 17.82 31.12 -26.78
C ALA C 306 16.76 31.23 -25.68
N TYR C 307 15.56 30.75 -25.99
CA TYR C 307 14.43 30.86 -25.07
C TYR C 307 13.43 29.73 -25.27
N GLN C 308 12.72 29.40 -24.20
CA GLN C 308 11.66 28.40 -24.19
C GLN C 308 10.70 28.77 -23.08
N GLY C 309 9.47 29.09 -23.44
CA GLY C 309 8.48 29.57 -22.46
C GLY C 309 9.03 30.78 -21.72
N ASN C 310 9.15 30.66 -20.40
CA ASN C 310 9.64 31.78 -19.57
C ASN C 310 11.14 31.76 -19.26
N VAL C 311 11.88 30.83 -19.88
CA VAL C 311 13.32 30.73 -19.66
C VAL C 311 14.09 31.30 -20.84
N TRP C 312 15.07 32.16 -20.54
CA TRP C 312 15.86 32.88 -21.56
C TRP C 312 17.33 32.80 -21.16
N VAL C 313 18.20 32.51 -22.12
CA VAL C 313 19.63 32.37 -21.84
C VAL C 313 20.44 33.13 -22.89
N GLY C 314 21.44 33.87 -22.42
CA GLY C 314 22.39 34.57 -23.28
C GLY C 314 23.75 33.90 -23.14
N TYR C 315 24.38 33.58 -24.26
CA TYR C 315 25.57 32.73 -24.25
C TYR C 315 26.46 32.94 -25.46
N ASP C 316 27.43 32.04 -25.62
CA ASP C 316 28.36 32.03 -26.74
C ASP C 316 28.34 30.65 -27.39
N ASN C 317 28.48 30.63 -28.72
CA ASN C 317 28.56 29.36 -29.48
C ASN C 317 29.78 29.33 -30.41
N VAL C 318 29.88 28.31 -31.26
CA VAL C 318 31.03 28.20 -32.20
C VAL C 318 31.16 29.47 -33.05
N LYS C 319 30.01 29.98 -33.52
CA LYS C 319 29.94 31.17 -34.38
C LYS C 319 30.43 32.44 -33.69
N SER C 320 29.93 32.71 -32.48
CA SER C 320 30.37 33.89 -31.73
C SER C 320 31.84 33.79 -31.30
N PHE C 321 32.28 32.60 -30.92
CA PHE C 321 33.69 32.36 -30.59
C PHE C 321 34.61 32.65 -31.79
N ASP C 322 34.21 32.17 -32.96
CA ASP C 322 34.96 32.39 -34.19
C ASP C 322 35.06 33.87 -34.55
N ILE C 323 33.92 34.57 -34.47
CA ILE C 323 33.85 36.02 -34.73
C ILE C 323 34.79 36.82 -33.82
N LYS C 324 34.77 36.49 -32.53
CA LYS C 324 35.61 37.19 -31.54
C LYS C 324 37.08 36.85 -31.75
N ALA C 325 37.35 35.62 -32.17
CA ALA C 325 38.72 35.18 -32.45
C ALA C 325 39.34 35.98 -33.59
N GLN C 326 38.57 36.20 -34.67
CA GLN C 326 39.04 37.03 -35.78
C GLN C 326 39.24 38.47 -35.31
N TRP C 327 38.29 38.96 -34.52
CA TRP C 327 38.35 40.30 -33.94
C TRP C 327 39.62 40.48 -33.09
N LEU C 328 39.89 39.51 -32.24
CA LEU C 328 41.08 39.46 -31.39
C LEU C 328 42.36 39.62 -32.23
N LYS C 329 42.44 38.86 -33.32
CA LYS C 329 43.61 38.89 -34.21
C LYS C 329 43.76 40.23 -34.92
N HIS C 330 42.64 40.80 -35.36
CA HIS C 330 42.66 42.11 -36.02
C HIS C 330 43.22 43.18 -35.07
N ASN C 331 42.80 43.10 -33.81
CA ASN C 331 43.21 44.09 -32.80
C ASN C 331 44.53 43.76 -32.11
N LYS C 332 45.17 42.70 -32.60
CA LYS C 332 46.52 42.31 -32.20
C LYS C 332 46.72 42.05 -30.70
N PHE C 333 45.71 41.45 -30.06
CA PHE C 333 45.83 41.04 -28.66
C PHE C 333 46.68 39.77 -28.54
N GLY C 334 47.18 39.49 -27.34
CA GLY C 334 48.09 38.36 -27.11
C GLY C 334 47.48 36.99 -27.25
N GLY C 335 46.15 36.91 -27.14
CA GLY C 335 45.44 35.65 -27.29
C GLY C 335 44.14 35.59 -26.52
N ALA C 336 43.69 34.38 -26.22
CA ALA C 336 42.41 34.15 -25.56
C ALA C 336 42.58 33.35 -24.27
N MET C 337 41.70 33.60 -23.31
CA MET C 337 41.59 32.75 -22.13
C MET C 337 40.15 32.28 -21.99
N VAL C 338 39.98 31.12 -21.36
CA VAL C 338 38.69 30.43 -21.34
C VAL C 338 38.27 30.09 -19.90
N TRP C 339 37.14 30.66 -19.48
CA TRP C 339 36.44 30.22 -18.28
C TRP C 339 35.18 29.44 -18.71
N ALA C 340 35.16 28.11 -18.57
CA ALA C 340 36.24 27.28 -18.08
C ALA C 340 36.27 25.96 -18.88
N ILE C 341 37.42 25.29 -18.89
CA ILE C 341 37.60 24.10 -19.74
C ILE C 341 36.54 23.00 -19.45
N ASP C 342 36.18 22.88 -18.17
CA ASP C 342 35.20 21.90 -17.72
C ASP C 342 33.75 22.22 -18.07
N LEU C 343 33.49 23.42 -18.61
CA LEU C 343 32.14 23.84 -18.98
C LEU C 343 31.87 23.73 -20.49
N ASP C 344 32.92 23.53 -21.28
CA ASP C 344 32.80 23.17 -22.70
C ASP C 344 32.21 21.74 -22.79
N ASP C 345 31.73 21.35 -23.96
CA ASP C 345 31.23 19.97 -24.16
C ASP C 345 32.40 19.02 -24.40
N PHE C 346 33.06 18.64 -23.31
CA PHE C 346 34.28 17.84 -23.37
C PHE C 346 34.05 16.38 -23.77
N THR C 347 32.88 15.84 -23.44
CA THR C 347 32.52 14.48 -23.87
C THR C 347 32.10 14.44 -25.34
N GLY C 348 31.64 15.59 -25.85
CA GLY C 348 31.09 15.69 -27.20
C GLY C 348 29.70 15.05 -27.34
N THR C 349 29.10 14.68 -26.21
CA THR C 349 27.84 13.95 -26.20
C THR C 349 26.59 14.84 -26.09
N PHE C 350 26.80 16.14 -25.92
CA PHE C 350 25.69 17.06 -25.69
C PHE C 350 25.35 17.91 -26.91
N CYS C 351 26.38 18.37 -27.61
CA CYS C 351 26.23 19.37 -28.66
C CYS C 351 26.39 18.81 -30.07
N ASN C 352 26.96 17.60 -30.14
CA ASN C 352 27.25 16.92 -31.41
C ASN C 352 28.11 17.78 -32.36
N GLN C 353 29.14 18.40 -31.79
CA GLN C 353 30.04 19.30 -32.53
C GLN C 353 31.49 18.87 -32.31
N GLY C 354 31.69 17.63 -31.86
CA GLY C 354 33.00 17.14 -31.48
C GLY C 354 33.32 17.41 -30.02
N LYS C 355 34.44 16.88 -29.54
CA LYS C 355 34.88 17.13 -28.17
C LYS C 355 35.49 18.52 -28.06
N PHE C 356 35.17 19.22 -26.97
CA PHE C 356 35.64 20.59 -26.73
C PHE C 356 35.35 21.53 -27.93
N PRO C 357 34.08 21.64 -28.35
CA PRO C 357 33.83 22.37 -29.60
C PRO C 357 34.22 23.85 -29.56
N LEU C 358 33.92 24.52 -28.43
CA LEU C 358 34.21 25.94 -28.31
C LEU C 358 35.71 26.22 -28.26
N ILE C 359 36.45 25.44 -27.48
CA ILE C 359 37.89 25.64 -27.36
C ILE C 359 38.62 25.22 -28.65
N SER C 360 38.15 24.15 -29.29
CA SER C 360 38.70 23.73 -30.58
C SER C 360 38.54 24.81 -31.65
N THR C 361 37.41 25.53 -31.59
CA THR C 361 37.18 26.70 -32.45
C THR C 361 38.29 27.73 -32.27
N LEU C 362 38.64 28.01 -31.02
CA LEU C 362 39.68 28.99 -30.69
C LEU C 362 41.07 28.57 -31.16
N LYS C 363 41.45 27.33 -30.86
CA LYS C 363 42.73 26.77 -31.31
C LYS C 363 42.89 26.89 -32.82
N LYS C 364 41.87 26.47 -33.57
CA LYS C 364 41.85 26.55 -35.02
C LYS C 364 41.94 28.00 -35.51
N ALA C 365 41.08 28.87 -34.98
CA ALA C 365 41.04 30.28 -35.37
C ALA C 365 42.34 31.03 -35.06
N LEU C 366 42.99 30.69 -33.96
CA LEU C 366 44.25 31.33 -33.58
C LEU C 366 45.47 30.70 -34.28
N GLY C 367 45.21 29.67 -35.09
CA GLY C 367 46.25 29.01 -35.88
C GLY C 367 47.32 28.32 -35.06
N LEU C 368 46.93 27.77 -33.91
CA LEU C 368 47.88 27.14 -33.00
C LEU C 368 48.43 25.83 -33.55
N GLN C 369 49.74 25.65 -33.40
CA GLN C 369 50.44 24.46 -33.89
C GLN C 369 50.36 23.32 -32.87
N SER C 370 50.39 22.09 -33.38
CA SER C 370 50.33 20.89 -32.54
C SER C 370 51.67 20.16 -32.49
N ALA C 371 52.72 20.81 -32.98
CA ALA C 371 54.07 20.23 -33.06
C ALA C 371 54.58 19.74 -31.71
N SER C 372 54.36 20.54 -30.67
CA SER C 372 54.83 20.24 -29.32
C SER C 372 54.20 18.99 -28.70
N CYS C 373 53.08 18.53 -29.26
CA CYS C 373 52.33 17.40 -28.72
C CYS C 373 52.78 16.05 -29.33
N THR C 374 53.92 16.08 -30.01
CA THR C 374 54.51 14.89 -30.62
C THR C 374 54.71 13.75 -29.60
N ALA C 375 54.34 12.53 -30.00
CA ALA C 375 54.50 11.36 -29.16
C ALA C 375 55.39 10.33 -29.88
N PRO C 376 56.67 10.23 -29.47
CA PRO C 376 57.61 9.34 -30.13
C PRO C 376 57.41 7.87 -29.75
N ALA C 377 58.08 6.97 -30.48
CA ALA C 377 58.08 5.53 -30.18
C ALA C 377 59.02 5.23 -29.00
N GLN C 378 58.70 5.81 -27.85
CA GLN C 378 59.38 5.58 -26.59
C GLN C 378 58.29 5.58 -25.52
N PRO C 379 58.19 4.49 -24.74
CA PRO C 379 57.14 4.42 -23.72
C PRO C 379 57.45 5.29 -22.51
N TYR D 1 -18.57 -12.42 33.81
CA TYR D 1 -17.27 -13.07 33.49
C TYR D 1 -16.31 -13.09 34.68
N GLN D 2 -15.40 -14.06 34.67
CA GLN D 2 -14.33 -14.13 35.64
C GLN D 2 -13.06 -13.44 35.14
N LEU D 3 -12.34 -12.81 36.07
CA LEU D 3 -10.98 -12.38 35.82
C LEU D 3 -10.09 -12.94 36.93
N THR D 4 -9.33 -13.97 36.57
CA THR D 4 -8.54 -14.73 37.54
C THR D 4 -7.07 -14.38 37.40
N CYS D 5 -6.48 -13.86 38.47
CA CYS D 5 -5.11 -13.34 38.40
C CYS D 5 -4.16 -14.10 39.33
N TYR D 6 -3.07 -14.63 38.75
CA TYR D 6 -2.06 -15.37 39.50
C TYR D 6 -1.01 -14.45 40.13
N PHE D 7 -0.82 -14.62 41.45
CA PHE D 7 0.24 -13.96 42.22
C PHE D 7 1.32 -15.00 42.48
N THR D 8 2.59 -14.61 42.33
CA THR D 8 3.69 -15.55 42.53
C THR D 8 4.53 -15.19 43.75
N ASN D 9 4.76 -16.17 44.62
CA ASN D 9 5.40 -15.95 45.92
C ASN D 9 6.93 -15.84 45.88
N TRP D 10 7.50 -15.82 44.66
CA TRP D 10 8.92 -15.56 44.49
C TRP D 10 9.17 -14.15 43.95
N ALA D 11 8.09 -13.45 43.59
CA ALA D 11 8.17 -12.06 43.14
C ALA D 11 8.75 -11.16 44.22
N GLN D 12 8.61 -11.60 45.47
CA GLN D 12 9.15 -10.89 46.64
C GLN D 12 10.67 -10.67 46.60
N TYR D 13 11.37 -11.53 45.87
CA TYR D 13 12.84 -11.49 45.84
C TYR D 13 13.43 -10.62 44.72
N ARG D 14 12.57 -10.02 43.92
CA ARG D 14 13.01 -9.19 42.80
C ARG D 14 13.56 -7.84 43.31
N PRO D 15 14.68 -7.37 42.73
CA PRO D 15 15.33 -6.15 43.19
C PRO D 15 14.51 -4.88 42.95
N GLY D 16 14.55 -3.97 43.93
CA GLY D 16 13.95 -2.64 43.82
C GLY D 16 12.51 -2.59 43.34
N LEU D 17 12.31 -1.95 42.19
CA LEU D 17 10.99 -1.78 41.58
C LEU D 17 10.27 -3.08 41.21
N GLY D 18 11.02 -4.17 41.08
CA GLY D 18 10.45 -5.47 40.70
C GLY D 18 9.74 -6.21 41.82
N ARG D 19 10.11 -5.91 43.06
CA ARG D 19 9.52 -6.57 44.23
C ARG D 19 8.01 -6.37 44.28
N PHE D 20 7.28 -7.48 44.38
CA PHE D 20 5.81 -7.45 44.41
C PHE D 20 5.28 -8.29 45.56
N MET D 21 4.45 -7.67 46.41
CA MET D 21 3.88 -8.30 47.59
C MET D 21 2.36 -8.29 47.48
N PRO D 22 1.66 -9.14 48.27
CA PRO D 22 0.21 -9.20 48.14
C PRO D 22 -0.47 -7.83 48.29
N ASP D 23 0.09 -6.94 49.12
CA ASP D 23 -0.50 -5.61 49.33
C ASP D 23 -0.31 -4.65 48.15
N ASP D 24 0.46 -5.09 47.15
CA ASP D 24 0.57 -4.37 45.87
C ASP D 24 -0.57 -4.70 44.90
N ILE D 25 -1.40 -5.68 45.26
CA ILE D 25 -2.57 -6.06 44.47
C ILE D 25 -3.72 -5.09 44.72
N ASN D 26 -4.26 -4.50 43.65
CA ASN D 26 -5.50 -3.74 43.73
C ASN D 26 -6.68 -4.72 43.89
N PRO D 27 -7.37 -4.68 45.03
CA PRO D 27 -8.42 -5.68 45.31
C PRO D 27 -9.64 -5.60 44.39
N CYS D 28 -9.76 -4.49 43.66
CA CYS D 28 -10.90 -4.27 42.76
C CYS D 28 -10.59 -4.56 41.28
N LEU D 29 -9.45 -5.18 41.01
CA LEU D 29 -9.08 -5.54 39.64
C LEU D 29 -9.61 -6.89 39.17
N CYS D 30 -9.40 -7.92 39.97
CA CYS D 30 -9.75 -9.30 39.59
C CYS D 30 -10.88 -9.86 40.44
N THR D 31 -11.62 -10.82 39.89
CA THR D 31 -12.69 -11.50 40.64
C THR D 31 -12.15 -12.69 41.45
N HIS D 32 -11.10 -13.32 40.92
CA HIS D 32 -10.44 -14.45 41.57
C HIS D 32 -8.94 -14.17 41.63
N LEU D 33 -8.36 -14.43 42.79
CA LEU D 33 -6.92 -14.30 42.97
C LEU D 33 -6.35 -15.66 43.34
N ILE D 34 -5.29 -16.09 42.65
CA ILE D 34 -4.67 -17.40 42.89
C ILE D 34 -3.22 -17.26 43.37
N TYR D 35 -2.91 -17.92 44.48
CA TYR D 35 -1.58 -17.89 45.11
C TYR D 35 -0.71 -19.04 44.60
N ALA D 36 0.38 -18.70 43.91
CA ALA D 36 1.31 -19.68 43.38
C ALA D 36 2.69 -19.59 44.07
N PHE D 37 3.23 -20.67 44.62
CA PHE D 37 2.61 -22.00 44.72
C PHE D 37 2.76 -22.57 46.15
N ALA D 38 1.87 -23.51 46.49
CA ALA D 38 2.07 -24.38 47.64
C ALA D 38 2.89 -25.61 47.21
N GLY D 39 3.47 -26.30 48.20
CA GLY D 39 4.24 -27.52 47.95
C GLY D 39 3.59 -28.75 48.53
N MET D 40 4.35 -29.84 48.57
CA MET D 40 3.85 -31.11 49.11
C MET D 40 4.96 -31.85 49.86
N GLN D 41 4.62 -32.34 51.05
CA GLN D 41 5.51 -33.20 51.85
C GLN D 41 4.71 -34.39 52.35
N ASN D 42 5.20 -35.59 52.06
CA ASN D 42 4.55 -36.84 52.50
C ASN D 42 3.05 -36.85 52.22
N ASN D 43 2.70 -36.49 50.97
CA ASN D 43 1.31 -36.48 50.48
C ASN D 43 0.40 -35.45 51.16
N GLU D 44 0.99 -34.45 51.80
CA GLU D 44 0.24 -33.37 52.43
C GLU D 44 0.65 -32.02 51.83
N ILE D 45 -0.31 -31.15 51.58
CA ILE D 45 -0.03 -29.79 51.12
C ILE D 45 0.79 -28.99 52.16
N THR D 46 1.70 -28.15 51.67
CA THR D 46 2.59 -27.43 52.58
C THR D 46 3.01 -26.06 52.02
N THR D 47 3.39 -25.16 52.92
CA THR D 47 4.04 -23.91 52.52
C THR D 47 5.40 -24.20 51.90
N ILE D 48 6.00 -23.20 51.27
CA ILE D 48 7.29 -23.35 50.62
C ILE D 48 8.26 -22.24 51.02
N GLU D 49 7.73 -21.04 51.22
CA GLU D 49 8.56 -19.90 51.62
C GLU D 49 8.45 -19.61 53.12
N TRP D 50 9.53 -19.08 53.67
CA TRP D 50 9.65 -18.67 55.07
C TRP D 50 8.54 -17.73 55.55
N ASN D 51 7.97 -16.94 54.64
CA ASN D 51 6.91 -15.98 54.98
C ASN D 51 5.55 -16.24 54.32
N ASP D 52 5.38 -17.42 53.74
CA ASP D 52 4.11 -17.81 53.08
C ASP D 52 2.88 -17.51 53.92
N VAL D 53 2.89 -17.89 55.20
CA VAL D 53 1.72 -17.69 56.04
C VAL D 53 1.39 -16.20 56.20
N THR D 54 2.42 -15.37 56.36
CA THR D 54 2.27 -13.92 56.43
C THR D 54 1.67 -13.39 55.13
N LEU D 55 2.18 -13.90 54.00
CA LEU D 55 1.64 -13.57 52.69
C LEU D 55 0.20 -14.08 52.49
N TYR D 56 -0.09 -15.30 52.95
CA TYR D 56 -1.47 -15.85 52.89
C TYR D 56 -2.46 -14.90 53.55
N GLN D 57 -2.08 -14.39 54.72
CA GLN D 57 -2.95 -13.53 55.54
C GLN D 57 -3.19 -12.18 54.88
N ALA D 58 -2.12 -11.60 54.32
CA ALA D 58 -2.22 -10.37 53.53
C ALA D 58 -3.06 -10.60 52.28
N PHE D 59 -2.79 -11.70 51.57
CA PHE D 59 -3.47 -12.09 50.33
C PHE D 59 -4.97 -12.26 50.54
N ASN D 60 -5.34 -13.08 51.53
CA ASN D 60 -6.74 -13.36 51.80
C ASN D 60 -7.44 -12.20 52.51
N GLY D 61 -6.64 -11.37 53.19
CA GLY D 61 -7.13 -10.14 53.81
C GLY D 61 -7.68 -9.12 52.84
N LEU D 62 -7.26 -9.21 51.58
CA LEU D 62 -7.78 -8.37 50.49
C LEU D 62 -9.30 -8.49 50.30
N LYS D 63 -9.85 -9.64 50.72
CA LYS D 63 -11.30 -9.87 50.68
C LYS D 63 -12.08 -8.94 51.61
N ASN D 64 -11.39 -8.32 52.58
CA ASN D 64 -12.01 -7.32 53.45
C ASN D 64 -12.30 -6.00 52.71
N LYS D 65 -11.59 -5.80 51.61
CA LYS D 65 -11.72 -4.60 50.78
C LYS D 65 -12.63 -4.83 49.57
N ASN D 66 -12.72 -6.08 49.12
CA ASN D 66 -13.64 -6.47 48.06
C ASN D 66 -14.30 -7.81 48.37
N SER D 67 -15.55 -7.76 48.84
CA SER D 67 -16.28 -8.95 49.25
C SER D 67 -16.59 -9.96 48.13
N GLN D 68 -16.59 -9.47 46.89
CA GLN D 68 -16.85 -10.32 45.72
C GLN D 68 -15.66 -11.24 45.41
N LEU D 69 -14.47 -10.77 45.77
CA LEU D 69 -13.21 -11.50 45.56
C LEU D 69 -13.20 -12.87 46.23
N LYS D 70 -12.78 -13.87 45.46
CA LYS D 70 -12.52 -15.22 45.99
C LYS D 70 -11.06 -15.56 45.74
N THR D 71 -10.45 -16.27 46.68
CA THR D 71 -9.03 -16.65 46.54
C THR D 71 -8.83 -18.16 46.42
N LEU D 72 -7.76 -18.54 45.71
CA LEU D 72 -7.39 -19.94 45.62
C LEU D 72 -5.90 -20.09 45.85
N LEU D 73 -5.52 -21.27 46.33
CA LEU D 73 -4.13 -21.64 46.49
C LEU D 73 -3.77 -22.63 45.39
N ALA D 74 -2.71 -22.33 44.64
CA ALA D 74 -2.24 -23.22 43.59
C ALA D 74 -1.14 -24.14 44.11
N ILE D 75 -1.25 -25.42 43.77
CA ILE D 75 -0.22 -26.41 44.11
C ILE D 75 0.48 -26.89 42.82
N GLY D 76 1.80 -26.96 42.85
CA GLY D 76 2.57 -27.52 41.74
C GLY D 76 3.51 -26.54 41.07
N GLY D 77 3.36 -26.40 39.76
CA GLY D 77 4.23 -25.54 38.96
C GLY D 77 5.28 -26.31 38.18
N TRP D 78 6.12 -25.55 37.46
CA TRP D 78 7.12 -26.13 36.56
C TRP D 78 8.19 -26.88 37.32
N ASN D 79 8.84 -26.21 38.27
CA ASN D 79 9.94 -26.82 39.05
C ASN D 79 9.53 -27.99 39.94
N PHE D 80 8.31 -27.93 40.48
CA PHE D 80 7.73 -29.01 41.28
C PHE D 80 7.72 -30.33 40.52
N GLY D 81 7.45 -30.27 39.22
CA GLY D 81 7.46 -31.45 38.38
C GLY D 81 6.27 -32.35 38.67
N THR D 82 6.42 -33.63 38.35
CA THR D 82 5.30 -34.57 38.36
C THR D 82 5.40 -35.64 39.45
N ALA D 83 6.63 -36.00 39.83
CA ALA D 83 6.86 -37.09 40.79
C ALA D 83 5.95 -37.09 42.04
N PRO D 84 5.86 -35.96 42.78
CA PRO D 84 5.01 -35.97 43.97
C PRO D 84 3.52 -36.17 43.67
N PHE D 85 3.04 -35.60 42.57
CA PHE D 85 1.66 -35.82 42.12
C PHE D 85 1.39 -37.29 41.77
N THR D 86 2.27 -37.90 40.98
CA THR D 86 2.15 -39.33 40.63
C THR D 86 2.04 -40.22 41.89
N ALA D 87 2.98 -40.05 42.82
CA ALA D 87 2.97 -40.80 44.07
C ALA D 87 1.68 -40.56 44.86
N MET D 88 1.26 -39.29 44.93
CA MET D 88 0.03 -38.90 45.63
C MET D 88 -1.25 -39.52 45.06
N VAL D 89 -1.37 -39.57 43.73
CA VAL D 89 -2.59 -40.13 43.09
C VAL D 89 -2.59 -41.66 42.95
N SER D 90 -1.42 -42.26 43.09
CA SER D 90 -1.21 -43.71 42.92
C SER D 90 -2.19 -44.61 43.68
N THR D 91 -2.49 -44.25 44.93
CA THR D 91 -3.33 -45.06 45.80
C THR D 91 -4.47 -44.24 46.42
N PRO D 92 -5.60 -44.90 46.76
CA PRO D 92 -6.68 -44.20 47.47
C PRO D 92 -6.24 -43.59 48.81
N GLU D 93 -5.34 -44.29 49.53
CA GLU D 93 -4.82 -43.81 50.82
C GLU D 93 -4.06 -42.50 50.67
N ASN D 94 -3.17 -42.42 49.68
CA ASN D 94 -2.39 -41.20 49.45
C ASN D 94 -3.27 -40.01 49.07
N ARG D 95 -4.27 -40.27 48.21
CA ARG D 95 -5.23 -39.24 47.78
C ARG D 95 -6.06 -38.69 48.93
N GLN D 96 -6.54 -39.58 49.80
CA GLN D 96 -7.32 -39.17 50.98
C GLN D 96 -6.47 -38.41 52.02
N THR D 97 -5.22 -38.84 52.17
CA THR D 97 -4.23 -38.13 53.00
C THR D 97 -4.09 -36.69 52.50
N PHE D 98 -3.91 -36.55 51.19
CA PHE D 98 -3.82 -35.24 50.55
C PHE D 98 -5.10 -34.40 50.68
N ILE D 99 -6.25 -35.01 50.42
CA ILE D 99 -7.53 -34.30 50.51
C ILE D 99 -7.78 -33.75 51.94
N THR D 100 -7.53 -34.60 52.94
CA THR D 100 -7.61 -34.21 54.35
C THR D 100 -6.73 -32.99 54.65
N SER D 101 -5.46 -33.06 54.22
CA SER D 101 -4.53 -31.96 54.42
C SER D 101 -5.01 -30.67 53.76
N VAL D 102 -5.58 -30.80 52.56
CA VAL D 102 -6.06 -29.65 51.79
C VAL D 102 -7.21 -28.91 52.48
N ILE D 103 -8.23 -29.65 52.93
CA ILE D 103 -9.37 -29.04 53.61
C ILE D 103 -8.91 -28.22 54.84
N LYS D 104 -8.05 -28.84 55.65
CA LYS D 104 -7.50 -28.18 56.84
C LYS D 104 -6.73 -26.92 56.48
N PHE D 105 -5.85 -27.04 55.47
CA PHE D 105 -5.00 -25.94 55.03
C PHE D 105 -5.80 -24.73 54.53
N LEU D 106 -6.79 -24.98 53.67
CA LEU D 106 -7.57 -23.89 53.06
C LEU D 106 -8.43 -23.15 54.09
N ARG D 107 -9.12 -23.89 54.94
CA ARG D 107 -10.00 -23.31 55.95
C ARG D 107 -9.25 -22.46 56.98
N GLN D 108 -8.09 -22.93 57.44
CA GLN D 108 -7.32 -22.21 58.44
C GLN D 108 -6.76 -20.87 57.94
N TYR D 109 -6.45 -20.80 56.64
CA TYR D 109 -5.93 -19.56 56.05
C TYR D 109 -6.99 -18.72 55.33
N GLU D 110 -8.22 -19.22 55.28
CA GLU D 110 -9.34 -18.53 54.61
C GLU D 110 -9.15 -18.43 53.08
N PHE D 111 -8.59 -19.49 52.48
CA PHE D 111 -8.61 -19.68 51.02
C PHE D 111 -9.97 -20.26 50.61
N ASP D 112 -10.46 -19.84 49.45
CA ASP D 112 -11.78 -20.30 48.96
C ASP D 112 -11.71 -21.54 48.08
N GLY D 113 -10.50 -22.01 47.79
CA GLY D 113 -10.36 -23.24 47.00
C GLY D 113 -8.93 -23.62 46.64
N LEU D 114 -8.81 -24.75 45.96
CA LEU D 114 -7.53 -25.23 45.46
C LEU D 114 -7.48 -25.23 43.94
N ASP D 115 -6.37 -24.74 43.39
CA ASP D 115 -6.10 -24.78 41.96
C ASP D 115 -4.96 -25.78 41.73
N PHE D 116 -5.24 -26.83 40.96
CA PHE D 116 -4.20 -27.79 40.60
C PHE D 116 -3.35 -27.22 39.46
N ASP D 117 -2.04 -27.10 39.68
CA ASP D 117 -1.10 -26.73 38.61
C ASP D 117 -0.08 -27.84 38.38
N TRP D 118 -0.60 -29.02 38.09
CA TRP D 118 0.19 -30.20 37.74
C TRP D 118 0.63 -30.05 36.27
N GLU D 119 1.93 -29.92 36.05
CA GLU D 119 2.45 -29.79 34.70
C GLU D 119 3.34 -30.98 34.30
N TYR D 120 2.78 -32.03 33.71
CA TYR D 120 1.33 -32.22 33.47
C TYR D 120 1.04 -33.68 33.77
N PRO D 121 -0.25 -34.04 34.03
CA PRO D 121 -0.52 -35.47 34.06
C PRO D 121 -0.16 -36.08 32.70
N GLY D 122 0.45 -37.25 32.71
CA GLY D 122 0.77 -37.96 31.47
C GLY D 122 1.95 -37.44 30.67
N SER D 123 2.64 -36.41 31.18
CA SER D 123 3.85 -35.89 30.54
C SER D 123 4.84 -35.31 31.53
N ARG D 124 5.99 -34.87 31.03
CA ARG D 124 7.09 -34.40 31.89
C ARG D 124 7.41 -35.42 33.00
N GLY D 125 7.44 -36.69 32.64
CA GLY D 125 7.79 -37.76 33.59
C GLY D 125 6.62 -38.55 34.15
N SER D 126 5.44 -37.93 34.18
CA SER D 126 4.22 -38.56 34.67
C SER D 126 3.77 -39.69 33.73
N PRO D 127 3.53 -40.90 34.30
CA PRO D 127 3.10 -42.06 33.50
C PRO D 127 1.64 -41.97 33.03
N PRO D 128 1.27 -42.72 31.98
CA PRO D 128 -0.06 -42.68 31.36
C PRO D 128 -1.27 -42.91 32.28
N GLN D 129 -1.11 -43.68 33.35
CA GLN D 129 -2.23 -43.92 34.30
C GLN D 129 -2.69 -42.64 35.02
N ASP D 130 -1.83 -41.64 35.05
CA ASP D 130 -2.11 -40.38 35.74
C ASP D 130 -3.22 -39.54 35.09
N LYS D 131 -3.46 -39.77 33.80
CA LYS D 131 -4.55 -39.11 33.07
C LYS D 131 -5.90 -39.46 33.73
N HIS D 132 -6.20 -40.75 33.85
CA HIS D 132 -7.41 -41.17 34.56
C HIS D 132 -7.37 -40.87 36.06
N LEU D 133 -6.21 -41.09 36.68
CA LEU D 133 -6.10 -40.90 38.14
C LEU D 133 -6.30 -39.44 38.57
N PHE D 134 -6.03 -38.50 37.67
CA PHE D 134 -6.31 -37.08 37.92
C PHE D 134 -7.81 -36.82 38.01
N THR D 135 -8.58 -37.45 37.11
CA THR D 135 -10.03 -37.37 37.17
C THR D 135 -10.55 -37.95 38.49
N VAL D 136 -9.99 -39.10 38.89
CA VAL D 136 -10.35 -39.77 40.14
C VAL D 136 -10.08 -38.84 41.33
N LEU D 137 -8.90 -38.22 41.36
CA LEU D 137 -8.53 -37.28 42.40
C LEU D 137 -9.51 -36.11 42.52
N VAL D 138 -9.82 -35.49 41.39
CA VAL D 138 -10.70 -34.33 41.35
C VAL D 138 -12.11 -34.70 41.78
N GLN D 139 -12.60 -35.86 41.31
CA GLN D 139 -13.89 -36.38 41.75
C GLN D 139 -13.92 -36.55 43.27
N GLU D 140 -12.90 -37.23 43.79
CA GLU D 140 -12.80 -37.49 45.22
C GLU D 140 -12.68 -36.20 46.04
N MET D 141 -11.94 -35.21 45.51
CA MET D 141 -11.80 -33.92 46.17
C MET D 141 -13.12 -33.14 46.15
N ARG D 142 -13.81 -33.22 45.03
CA ARG D 142 -15.13 -32.60 44.87
C ARG D 142 -16.10 -33.12 45.93
N GLU D 143 -16.15 -34.44 46.10
CA GLU D 143 -17.07 -35.06 47.05
C GLU D 143 -16.74 -34.71 48.50
N ALA D 144 -15.44 -34.72 48.83
CA ALA D 144 -14.98 -34.33 50.15
C ALA D 144 -15.34 -32.88 50.47
N PHE D 145 -15.16 -31.97 49.51
CA PHE D 145 -15.48 -30.55 49.66
C PHE D 145 -16.98 -30.33 49.92
N GLU D 146 -17.82 -31.04 49.15
CA GLU D 146 -19.27 -30.95 49.27
C GLU D 146 -19.77 -31.45 50.62
N GLN D 147 -19.15 -32.53 51.10
CA GLN D 147 -19.46 -33.10 52.41
C GLN D 147 -19.06 -32.15 53.53
N GLU D 148 -17.84 -31.61 53.44
CA GLU D 148 -17.33 -30.63 54.42
C GLU D 148 -18.20 -29.37 54.48
N ALA D 149 -18.68 -28.91 53.32
CA ALA D 149 -19.54 -27.74 53.22
C ALA D 149 -20.82 -27.90 54.04
N LYS D 150 -21.43 -29.08 53.94
CA LYS D 150 -22.65 -29.38 54.69
C LYS D 150 -22.36 -29.61 56.18
N GLN D 151 -21.16 -30.11 56.49
CA GLN D 151 -20.71 -30.34 57.86
C GLN D 151 -20.54 -29.06 58.65
N ILE D 152 -19.97 -28.03 58.03
CA ILE D 152 -19.64 -26.79 58.72
C ILE D 152 -20.58 -25.61 58.41
N ASN D 153 -21.56 -25.86 57.54
CA ASN D 153 -22.57 -24.86 57.16
C ASN D 153 -21.94 -23.61 56.52
N LYS D 154 -21.07 -23.84 55.53
CA LYS D 154 -20.43 -22.77 54.78
C LYS D 154 -20.40 -23.14 53.30
N PRO D 155 -20.32 -22.14 52.40
CA PRO D 155 -20.09 -22.42 50.98
C PRO D 155 -18.92 -23.38 50.76
N ARG D 156 -19.10 -24.28 49.80
CA ARG D 156 -18.10 -25.31 49.46
C ARG D 156 -16.81 -24.72 48.91
N LEU D 157 -15.69 -25.35 49.22
CA LEU D 157 -14.40 -24.96 48.63
C LEU D 157 -14.42 -25.28 47.13
N MET D 158 -13.83 -24.41 46.34
CA MET D 158 -13.71 -24.61 44.91
C MET D 158 -12.55 -25.54 44.55
N VAL D 159 -12.70 -26.27 43.45
CA VAL D 159 -11.60 -27.02 42.86
C VAL D 159 -11.41 -26.63 41.38
N THR D 160 -10.24 -26.10 41.06
CA THR D 160 -9.93 -25.69 39.68
C THR D 160 -8.61 -26.32 39.22
N ALA D 161 -8.28 -26.13 37.95
CA ALA D 161 -7.01 -26.62 37.40
C ALA D 161 -6.45 -25.73 36.28
N ALA D 162 -5.16 -25.42 36.37
CA ALA D 162 -4.41 -24.90 35.22
C ALA D 162 -4.06 -26.08 34.33
N VAL D 163 -4.40 -25.97 33.05
CA VAL D 163 -4.28 -27.10 32.12
C VAL D 163 -3.45 -26.76 30.88
N ALA D 164 -2.92 -27.80 30.23
CA ALA D 164 -2.07 -27.66 29.04
C ALA D 164 -2.78 -27.02 27.84
N ALA D 165 -1.99 -26.27 27.05
CA ALA D 165 -2.44 -25.73 25.77
C ALA D 165 -1.90 -26.55 24.57
N GLY D 166 -0.83 -27.31 24.80
CA GLY D 166 -0.22 -28.13 23.75
C GLY D 166 -1.06 -29.37 23.46
N ILE D 167 -1.44 -29.55 22.19
CA ILE D 167 -2.40 -30.62 21.81
C ILE D 167 -1.95 -32.01 22.26
N SER D 168 -0.67 -32.34 22.09
CA SER D 168 -0.16 -33.63 22.55
C SER D 168 -0.34 -33.80 24.05
N ASN D 169 0.05 -32.79 24.82
CA ASN D 169 -0.07 -32.81 26.28
C ASN D 169 -1.51 -32.88 26.78
N ILE D 170 -2.43 -32.27 26.03
CA ILE D 170 -3.86 -32.34 26.33
C ILE D 170 -4.38 -33.78 26.14
N GLN D 171 -4.00 -34.38 25.00
CA GLN D 171 -4.43 -35.74 24.67
C GLN D 171 -3.88 -36.80 25.63
N SER D 172 -2.65 -36.63 26.10
CA SER D 172 -2.06 -37.57 27.05
C SER D 172 -2.37 -37.24 28.51
N GLY D 173 -2.95 -36.06 28.75
CA GLY D 173 -3.11 -35.55 30.12
C GLY D 173 -4.47 -35.65 30.77
N TYR D 174 -5.54 -35.46 30.01
CA TYR D 174 -6.85 -35.22 30.59
C TYR D 174 -7.99 -35.96 29.92
N GLU D 175 -8.92 -36.48 30.75
CA GLU D 175 -10.17 -37.01 30.27
C GLU D 175 -11.16 -35.85 30.28
N ILE D 176 -11.17 -35.08 29.18
CA ILE D 176 -11.87 -33.79 29.15
C ILE D 176 -13.36 -33.83 29.51
N PRO D 177 -14.15 -34.77 28.92
CA PRO D 177 -15.58 -34.72 29.26
C PRO D 177 -15.85 -34.82 30.77
N GLN D 178 -15.34 -35.87 31.42
CA GLN D 178 -15.64 -36.11 32.85
C GLN D 178 -14.94 -35.12 33.79
N LEU D 179 -13.66 -34.84 33.52
CA LEU D 179 -12.88 -33.87 34.30
C LEU D 179 -13.51 -32.47 34.32
N SER D 180 -13.95 -32.00 33.16
CA SER D 180 -14.54 -30.67 33.04
C SER D 180 -15.84 -30.51 33.82
N GLN D 181 -16.58 -31.60 33.99
CA GLN D 181 -17.83 -31.58 34.74
C GLN D 181 -17.60 -31.39 36.24
N TYR D 182 -16.47 -31.89 36.74
CA TYR D 182 -16.19 -31.85 38.17
C TYR D 182 -15.37 -30.63 38.62
N LEU D 183 -14.52 -30.11 37.74
CA LEU D 183 -13.78 -28.88 37.98
C LEU D 183 -14.73 -27.69 37.94
N ASP D 184 -14.51 -26.70 38.79
CA ASP D 184 -15.30 -25.48 38.77
C ASP D 184 -14.88 -24.54 37.63
N TYR D 185 -13.57 -24.43 37.41
CA TYR D 185 -13.03 -23.65 36.30
C TYR D 185 -11.80 -24.32 35.70
N ILE D 186 -11.62 -24.13 34.40
CA ILE D 186 -10.51 -24.70 33.65
C ILE D 186 -9.61 -23.57 33.13
N HIS D 187 -8.43 -23.45 33.73
CA HIS D 187 -7.51 -22.35 33.42
C HIS D 187 -6.48 -22.77 32.35
N VAL D 188 -6.81 -22.50 31.09
CA VAL D 188 -6.01 -22.96 29.96
C VAL D 188 -4.81 -22.06 29.75
N MET D 189 -3.62 -22.65 29.85
CA MET D 189 -2.36 -21.91 29.77
C MET D 189 -1.98 -21.55 28.33
N THR D 190 -2.82 -20.71 27.70
CA THR D 190 -2.63 -20.30 26.31
C THR D 190 -1.55 -19.22 26.18
N TYR D 191 -0.34 -19.61 26.56
CA TYR D 191 0.85 -18.76 26.42
C TYR D 191 2.08 -19.66 26.34
N ASP D 192 3.26 -19.07 26.09
CA ASP D 192 4.48 -19.82 25.78
C ASP D 192 4.32 -20.73 24.56
N LEU D 193 3.48 -20.28 23.62
CA LEU D 193 3.14 -21.05 22.42
C LEU D 193 4.26 -21.05 21.40
N HIS D 194 5.10 -20.02 21.46
CA HIS D 194 6.29 -19.89 20.63
C HIS D 194 7.41 -19.28 21.47
N GLY D 195 8.66 -19.58 21.08
CA GLY D 195 9.83 -19.12 21.82
C GLY D 195 11.10 -19.52 21.12
N SER D 196 12.23 -19.07 21.67
CA SER D 196 13.55 -19.25 21.03
C SER D 196 13.94 -20.72 20.83
N TRP D 197 13.29 -21.63 21.57
CA TRP D 197 13.49 -23.05 21.39
C TRP D 197 13.21 -23.51 19.95
N GLU D 198 12.34 -22.77 19.27
CA GLU D 198 11.94 -23.07 17.89
C GLU D 198 13.03 -22.78 16.85
N GLY D 199 13.88 -21.80 17.14
CA GLY D 199 14.92 -21.38 16.19
C GLY D 199 14.50 -20.25 15.27
N TYR D 200 13.28 -19.76 15.45
CA TYR D 200 12.73 -18.65 14.67
C TYR D 200 11.88 -17.80 15.60
N THR D 201 11.67 -16.53 15.24
CA THR D 201 10.77 -15.66 16.01
C THR D 201 9.33 -16.18 15.94
N GLY D 202 8.58 -15.92 17.00
CA GLY D 202 7.19 -16.33 17.08
C GLY D 202 6.56 -15.73 18.31
N GLU D 203 5.23 -15.72 18.34
CA GLU D 203 4.48 -15.00 19.37
C GLU D 203 4.17 -15.84 20.61
N ASN D 204 4.18 -15.15 21.75
CA ASN D 204 3.91 -15.79 23.05
C ASN D 204 2.49 -16.34 23.13
N SER D 205 1.52 -15.52 22.72
CA SER D 205 0.10 -15.86 22.79
C SER D 205 -0.70 -15.27 21.61
N PRO D 206 -0.42 -15.76 20.38
CA PRO D 206 -1.17 -15.26 19.21
C PRO D 206 -2.62 -15.75 19.24
N LEU D 207 -3.56 -14.86 18.88
CA LEU D 207 -4.97 -15.20 18.90
C LEU D 207 -5.29 -16.21 17.79
N TYR D 208 -4.71 -15.99 16.62
CA TYR D 208 -4.95 -16.84 15.46
C TYR D 208 -3.65 -17.39 14.92
N LYS D 209 -3.75 -18.41 14.06
CA LYS D 209 -2.58 -18.92 13.38
C LYS D 209 -2.02 -17.88 12.41
N TYR D 210 -0.75 -18.03 12.06
CA TYR D 210 -0.15 -17.22 11.01
C TYR D 210 -0.62 -17.79 9.66
N PRO D 211 -0.80 -16.93 8.64
CA PRO D 211 -1.38 -17.40 7.36
C PRO D 211 -0.68 -18.61 6.74
N THR D 212 0.62 -18.74 6.99
CA THR D 212 1.42 -19.81 6.41
C THR D 212 1.47 -21.09 7.26
N ASP D 213 0.81 -21.07 8.42
CA ASP D 213 0.82 -22.21 9.35
C ASP D 213 0.07 -23.42 8.81
N THR D 214 0.73 -24.57 8.86
CA THR D 214 0.15 -25.83 8.42
C THR D 214 0.50 -26.96 9.38
N GLY D 215 -0.30 -28.03 9.34
CA GLY D 215 -0.07 -29.19 10.22
C GLY D 215 -0.22 -28.83 11.69
N SER D 216 0.64 -29.39 12.53
CA SER D 216 0.60 -29.14 13.98
C SER D 216 0.97 -27.69 14.35
N ASN D 217 1.62 -26.98 13.43
CA ASN D 217 1.98 -25.58 13.62
C ASN D 217 0.75 -24.67 13.68
N ALA D 218 -0.33 -25.10 13.03
CA ALA D 218 -1.59 -24.37 13.01
C ALA D 218 -2.36 -24.47 14.33
N TYR D 219 -1.85 -25.26 15.27
CA TYR D 219 -2.53 -25.47 16.57
C TYR D 219 -2.02 -24.52 17.65
N LEU D 220 -0.90 -23.85 17.37
CA LEU D 220 -0.20 -23.04 18.38
C LEU D 220 -0.76 -21.62 18.48
N ASN D 221 -2.04 -21.52 18.80
CA ASN D 221 -2.71 -20.23 18.95
C ASN D 221 -3.94 -20.35 19.84
N VAL D 222 -4.35 -19.23 20.43
CA VAL D 222 -5.45 -19.21 21.41
C VAL D 222 -6.74 -19.79 20.82
N ASP D 223 -7.10 -19.35 19.60
CA ASP D 223 -8.30 -19.80 18.90
C ASP D 223 -8.40 -21.32 18.82
N TYR D 224 -7.37 -21.96 18.28
CA TYR D 224 -7.40 -23.41 18.14
C TYR D 224 -7.50 -24.11 19.49
N VAL D 225 -6.69 -23.68 20.45
CA VAL D 225 -6.59 -24.33 21.75
C VAL D 225 -7.91 -24.30 22.54
N MET D 226 -8.51 -23.12 22.66
CA MET D 226 -9.76 -22.96 23.41
C MET D 226 -10.90 -23.75 22.78
N ASN D 227 -10.94 -23.74 21.45
CA ASN D 227 -11.94 -24.50 20.69
C ASN D 227 -11.71 -26.02 20.75
N TYR D 228 -10.45 -26.45 20.79
CA TYR D 228 -10.16 -27.87 20.99
C TYR D 228 -10.74 -28.39 22.32
N TRP D 229 -10.47 -27.65 23.40
CA TRP D 229 -11.02 -27.97 24.72
C TRP D 229 -12.54 -28.06 24.71
N LYS D 230 -13.18 -27.07 24.08
CA LYS D 230 -14.64 -27.00 23.96
C LYS D 230 -15.19 -28.17 23.13
N ASP D 231 -14.57 -28.41 21.96
CA ASP D 231 -15.03 -29.45 21.04
C ASP D 231 -14.80 -30.88 21.55
N ASN D 232 -13.98 -31.01 22.59
CA ASN D 232 -13.73 -32.32 23.19
C ASN D 232 -14.30 -32.49 24.59
N GLY D 233 -15.25 -31.63 24.98
CA GLY D 233 -16.06 -31.88 26.17
C GLY D 233 -16.19 -30.80 27.23
N ALA D 234 -15.33 -29.79 27.19
CA ALA D 234 -15.35 -28.73 28.20
C ALA D 234 -16.44 -27.69 27.94
N PRO D 235 -17.33 -27.46 28.93
CA PRO D 235 -18.35 -26.42 28.79
C PRO D 235 -17.69 -25.05 28.67
N ALA D 236 -18.19 -24.24 27.73
CA ALA D 236 -17.64 -22.91 27.47
C ALA D 236 -17.58 -22.04 28.73
N GLU D 237 -18.66 -22.02 29.50
CA GLU D 237 -18.76 -21.23 30.74
C GLU D 237 -17.64 -21.52 31.75
N LYS D 238 -17.09 -22.73 31.69
CA LYS D 238 -16.04 -23.17 32.60
C LYS D 238 -14.62 -22.93 32.06
N LEU D 239 -14.51 -22.66 30.76
CA LEU D 239 -13.21 -22.41 30.14
C LEU D 239 -12.75 -20.97 30.37
N ILE D 240 -11.53 -20.84 30.88
CA ILE D 240 -10.94 -19.54 31.18
C ILE D 240 -9.69 -19.36 30.31
N VAL D 241 -9.67 -18.29 29.53
CA VAL D 241 -8.60 -18.03 28.55
C VAL D 241 -7.38 -17.44 29.23
N GLY D 242 -6.19 -17.97 28.93
CA GLY D 242 -4.94 -17.50 29.54
C GLY D 242 -4.31 -16.28 28.88
N PHE D 243 -4.04 -15.26 29.68
CA PHE D 243 -3.48 -14.00 29.20
C PHE D 243 -2.11 -13.75 29.85
N PRO D 244 -1.07 -13.58 29.02
CA PRO D 244 0.27 -13.36 29.57
C PRO D 244 0.66 -11.88 29.66
N THR D 245 1.13 -11.46 30.84
CA THR D 245 1.62 -10.09 31.03
C THR D 245 3.15 -10.00 30.90
N TYR D 246 3.69 -10.80 29.98
CA TYR D 246 5.11 -10.89 29.71
C TYR D 246 5.28 -11.38 28.27
N GLY D 247 6.50 -11.32 27.74
CA GLY D 247 6.80 -11.84 26.42
C GLY D 247 8.03 -12.72 26.37
N HIS D 248 8.20 -13.43 25.25
CA HIS D 248 9.43 -14.17 25.00
C HIS D 248 10.32 -13.35 24.08
N ASN D 249 11.60 -13.27 24.40
CA ASN D 249 12.55 -12.55 23.55
C ASN D 249 13.59 -13.48 22.87
N PHE D 250 14.26 -12.93 21.86
CA PHE D 250 15.07 -13.71 20.92
C PHE D 250 16.34 -12.96 20.54
N ILE D 251 17.38 -13.69 20.17
CA ILE D 251 18.51 -13.10 19.45
C ILE D 251 18.35 -13.40 17.97
N LEU D 252 18.18 -12.35 17.16
CA LEU D 252 18.04 -12.47 15.72
C LEU D 252 19.37 -12.87 15.07
N SER D 253 19.32 -13.88 14.19
CA SER D 253 20.50 -14.31 13.44
C SER D 253 21.00 -13.24 12.46
N ASN D 254 20.06 -12.43 11.96
CA ASN D 254 20.36 -11.31 11.08
C ASN D 254 19.45 -10.12 11.41
N PRO D 255 20.02 -9.04 11.96
CA PRO D 255 19.20 -7.87 12.33
C PRO D 255 18.30 -7.33 11.20
N SER D 256 18.61 -7.71 9.95
CA SER D 256 17.83 -7.28 8.80
C SER D 256 16.51 -8.05 8.62
N ASN D 257 16.47 -9.30 9.06
CA ASN D 257 15.24 -10.11 9.05
C ASN D 257 14.53 -10.03 10.40
N THR D 258 13.38 -9.36 10.43
CA THR D 258 12.72 -8.98 11.69
C THR D 258 11.25 -9.37 11.78
N GLY D 259 10.73 -10.06 10.76
CA GLY D 259 9.33 -10.45 10.75
C GLY D 259 9.07 -11.70 11.58
N ILE D 260 7.86 -12.22 11.48
CA ILE D 260 7.51 -13.50 12.10
C ILE D 260 8.16 -14.62 11.31
N GLY D 261 8.80 -15.54 12.03
CA GLY D 261 9.47 -16.69 11.41
C GLY D 261 10.90 -16.39 10.99
N ALA D 262 11.44 -15.25 11.46
CA ALA D 262 12.83 -14.87 11.18
C ALA D 262 13.77 -15.76 12.00
N PRO D 263 14.90 -16.19 11.40
CA PRO D 263 15.86 -17.05 12.10
C PRO D 263 16.45 -16.40 13.35
N THR D 264 16.56 -17.19 14.40
CA THR D 264 17.12 -16.75 15.67
C THR D 264 18.23 -17.73 16.10
N SER D 265 19.11 -17.26 16.98
CA SER D 265 20.28 -18.05 17.36
C SER D 265 20.29 -18.44 18.83
N GLY D 266 19.24 -18.02 19.55
CA GLY D 266 19.12 -18.30 20.98
C GLY D 266 18.15 -17.37 21.68
N ALA D 267 18.02 -17.56 22.99
CA ALA D 267 17.16 -16.72 23.83
C ALA D 267 17.71 -15.31 23.99
N GLY D 268 16.81 -14.33 24.08
CA GLY D 268 17.20 -12.97 24.37
C GLY D 268 17.57 -12.81 25.83
N PRO D 269 18.05 -11.61 26.21
CA PRO D 269 18.56 -11.34 27.56
C PRO D 269 17.47 -11.24 28.64
N ALA D 270 17.83 -11.67 29.85
CA ALA D 270 16.99 -11.48 31.02
C ALA D 270 16.94 -10.00 31.37
N GLY D 271 15.78 -9.55 31.85
CA GLY D 271 15.61 -8.18 32.31
C GLY D 271 16.25 -7.98 33.69
N PRO D 272 16.47 -6.73 34.09
CA PRO D 272 17.10 -6.54 35.39
C PRO D 272 16.16 -6.81 36.59
N TYR D 273 14.85 -6.85 36.34
CA TYR D 273 13.86 -6.96 37.42
C TYR D 273 13.28 -8.36 37.64
N ALA D 274 12.74 -8.97 36.58
CA ALA D 274 12.17 -10.32 36.68
C ALA D 274 13.25 -11.41 36.62
N LYS D 275 14.42 -11.06 36.08
CA LYS D 275 15.59 -11.94 36.02
C LYS D 275 15.36 -13.27 35.33
N GLU D 276 14.56 -13.27 34.27
CA GLU D 276 14.24 -14.51 33.59
C GLU D 276 14.82 -14.54 32.19
N SER D 277 15.74 -15.49 31.96
CA SER D 277 16.35 -15.68 30.64
C SER D 277 15.28 -15.92 29.58
N GLY D 278 15.35 -15.16 28.49
CA GLY D 278 14.43 -15.28 27.38
C GLY D 278 13.02 -14.74 27.63
N ILE D 279 12.85 -14.01 28.73
CA ILE D 279 11.55 -13.47 29.14
C ILE D 279 11.70 -12.03 29.61
N TRP D 280 10.83 -11.14 29.12
CA TRP D 280 10.66 -9.82 29.72
C TRP D 280 9.25 -9.60 30.25
N ALA D 281 9.15 -9.11 31.49
CA ALA D 281 7.88 -8.65 32.03
C ALA D 281 7.35 -7.51 31.17
N TYR D 282 6.03 -7.28 31.17
CA TYR D 282 5.47 -6.21 30.34
C TYR D 282 6.19 -4.87 30.59
N TYR D 283 6.46 -4.58 31.86
CA TYR D 283 7.12 -3.33 32.23
C TYR D 283 8.57 -3.24 31.75
N GLU D 284 9.24 -4.39 31.66
CA GLU D 284 10.57 -4.45 31.05
C GLU D 284 10.54 -4.19 29.54
N ILE D 285 9.45 -4.61 28.88
CA ILE D 285 9.24 -4.34 27.46
C ILE D 285 9.00 -2.84 27.21
N CYS D 286 8.30 -2.18 28.13
CA CYS D 286 8.09 -0.73 28.04
C CYS D 286 9.40 0.06 28.05
N THR D 287 10.35 -0.37 28.89
CA THR D 287 11.72 0.18 28.91
C THR D 287 12.40 -0.05 27.56
N PHE D 288 12.23 -1.25 27.01
CA PHE D 288 12.75 -1.63 25.68
C PHE D 288 12.26 -0.63 24.62
N LEU D 289 10.97 -0.31 24.70
CA LEU D 289 10.37 0.68 23.79
C LEU D 289 10.85 2.11 24.08
N LYS D 290 11.00 2.44 25.35
CA LYS D 290 11.51 3.75 25.79
C LYS D 290 12.90 4.03 25.21
N ASN D 291 13.72 2.99 25.16
CA ASN D 291 15.12 3.14 24.74
C ASN D 291 15.38 2.91 23.23
N GLY D 292 14.30 2.97 22.44
CA GLY D 292 14.41 3.12 20.99
C GLY D 292 13.92 1.98 20.11
N ALA D 293 13.40 0.91 20.70
CA ALA D 293 12.99 -0.27 19.93
C ALA D 293 11.90 0.07 18.93
N THR D 294 11.86 -0.68 17.83
CA THR D 294 10.86 -0.49 16.78
C THR D 294 9.61 -1.26 17.14
N GLN D 295 8.46 -0.59 17.05
CA GLN D 295 7.18 -1.21 17.33
C GLN D 295 6.63 -1.95 16.10
N GLY D 296 6.36 -3.24 16.28
CA GLY D 296 5.78 -4.07 15.23
C GLY D 296 4.37 -4.56 15.57
N TRP D 297 3.61 -4.91 14.55
CA TRP D 297 2.28 -5.50 14.73
C TRP D 297 2.12 -6.75 13.85
N ASP D 298 1.85 -7.88 14.49
CA ASP D 298 1.58 -9.14 13.81
C ASP D 298 0.06 -9.16 13.60
N ALA D 299 -0.36 -8.60 12.47
CA ALA D 299 -1.78 -8.33 12.21
C ALA D 299 -2.68 -9.57 12.11
N PRO D 300 -2.24 -10.62 11.38
CA PRO D 300 -3.12 -11.79 11.35
C PRO D 300 -3.31 -12.47 12.70
N GLN D 301 -2.36 -12.28 13.62
CA GLN D 301 -2.42 -12.94 14.93
C GLN D 301 -2.87 -12.02 16.07
N GLU D 302 -3.02 -10.72 15.76
CA GLU D 302 -3.53 -9.67 16.65
C GLU D 302 -2.69 -9.41 17.91
N VAL D 303 -1.38 -9.51 17.77
CA VAL D 303 -0.45 -9.32 18.88
C VAL D 303 0.76 -8.49 18.44
N PRO D 304 1.33 -7.71 19.38
CA PRO D 304 2.46 -6.85 19.05
C PRO D 304 3.80 -7.59 19.08
N TYR D 305 4.81 -6.96 18.49
CA TYR D 305 6.18 -7.39 18.68
C TYR D 305 7.10 -6.17 18.59
N ALA D 306 8.32 -6.31 19.09
CA ALA D 306 9.26 -5.19 19.04
C ALA D 306 10.67 -5.69 18.79
N TYR D 307 11.51 -4.85 18.21
CA TYR D 307 12.88 -5.25 17.91
C TYR D 307 13.84 -4.08 17.89
N GLN D 308 15.11 -4.38 18.18
CA GLN D 308 16.18 -3.38 18.15
C GLN D 308 17.49 -4.14 17.97
N GLY D 309 18.23 -3.80 16.92
CA GLY D 309 19.47 -4.52 16.58
C GLY D 309 19.20 -5.99 16.38
N ASN D 310 19.91 -6.83 17.14
CA ASN D 310 19.68 -8.28 17.07
C ASN D 310 18.74 -8.81 18.16
N VAL D 311 17.90 -7.94 18.73
CA VAL D 311 17.00 -8.35 19.80
C VAL D 311 15.54 -8.17 19.38
N TRP D 312 14.72 -9.19 19.63
CA TRP D 312 13.35 -9.27 19.14
C TRP D 312 12.50 -9.83 20.28
N VAL D 313 11.32 -9.25 20.48
CA VAL D 313 10.42 -9.73 21.54
C VAL D 313 8.98 -9.85 21.04
N GLY D 314 8.33 -10.96 21.37
CA GLY D 314 6.92 -11.17 21.02
C GLY D 314 6.09 -11.17 22.28
N TYR D 315 5.06 -10.33 22.32
CA TYR D 315 4.35 -10.07 23.58
C TYR D 315 2.89 -9.66 23.41
N ASP D 316 2.32 -9.12 24.48
CA ASP D 316 0.97 -8.58 24.50
C ASP D 316 0.94 -7.15 25.05
N ASN D 317 0.07 -6.33 24.47
CA ASN D 317 -0.15 -4.96 24.94
C ASN D 317 -1.64 -4.70 25.21
N VAL D 318 -1.99 -3.46 25.47
CA VAL D 318 -3.37 -3.09 25.77
C VAL D 318 -4.30 -3.47 24.60
N LYS D 319 -3.87 -3.17 23.38
CA LYS D 319 -4.63 -3.46 22.16
C LYS D 319 -4.93 -4.96 21.99
N SER D 320 -3.91 -5.80 22.12
CA SER D 320 -4.07 -7.25 21.92
C SER D 320 -4.94 -7.88 23.01
N PHE D 321 -4.77 -7.40 24.24
CA PHE D 321 -5.58 -7.82 25.38
C PHE D 321 -7.07 -7.52 25.13
N ASP D 322 -7.35 -6.30 24.67
CA ASP D 322 -8.73 -5.88 24.39
C ASP D 322 -9.38 -6.69 23.26
N ILE D 323 -8.63 -6.90 22.19
CA ILE D 323 -9.08 -7.73 21.06
C ILE D 323 -9.48 -9.12 21.57
N LYS D 324 -8.57 -9.75 22.31
CA LYS D 324 -8.79 -11.08 22.89
C LYS D 324 -9.98 -11.13 23.85
N ALA D 325 -10.14 -10.08 24.65
CA ALA D 325 -11.25 -9.98 25.60
C ALA D 325 -12.60 -9.92 24.89
N GLN D 326 -12.68 -9.14 23.81
CA GLN D 326 -13.88 -9.08 22.97
C GLN D 326 -14.18 -10.44 22.31
N TRP D 327 -13.13 -11.11 21.85
CA TRP D 327 -13.23 -12.45 21.23
C TRP D 327 -13.75 -13.50 22.21
N LEU D 328 -13.20 -13.46 23.42
CA LEU D 328 -13.57 -14.35 24.53
C LEU D 328 -15.05 -14.18 24.89
N LYS D 329 -15.49 -12.93 24.99
CA LYS D 329 -16.87 -12.61 25.34
C LYS D 329 -17.85 -13.14 24.28
N HIS D 330 -17.54 -12.90 23.01
CA HIS D 330 -18.41 -13.32 21.91
C HIS D 330 -18.54 -14.83 21.81
N ASN D 331 -17.47 -15.54 22.16
CA ASN D 331 -17.43 -16.99 22.20
C ASN D 331 -18.02 -17.57 23.48
N LYS D 332 -18.45 -16.69 24.38
CA LYS D 332 -19.11 -17.08 25.63
C LYS D 332 -18.29 -18.03 26.51
N PHE D 333 -16.98 -17.81 26.55
CA PHE D 333 -16.13 -18.46 27.54
C PHE D 333 -16.37 -17.81 28.91
N GLY D 334 -15.84 -18.43 29.97
CA GLY D 334 -16.11 -18.00 31.34
C GLY D 334 -15.44 -16.71 31.73
N GLY D 335 -14.35 -16.39 31.05
CA GLY D 335 -13.59 -15.18 31.33
C GLY D 335 -12.11 -15.37 31.03
N ALA D 336 -11.27 -14.63 31.74
CA ALA D 336 -9.84 -14.60 31.50
C ALA D 336 -9.04 -14.90 32.76
N MET D 337 -7.87 -15.52 32.60
CA MET D 337 -6.90 -15.63 33.68
C MET D 337 -5.58 -15.00 33.25
N VAL D 338 -4.79 -14.57 34.23
CA VAL D 338 -3.60 -13.79 33.97
C VAL D 338 -2.38 -14.42 34.64
N TRP D 339 -1.35 -14.69 33.83
CA TRP D 339 -0.02 -15.00 34.34
C TRP D 339 0.95 -13.88 33.93
N ALA D 340 1.41 -13.04 34.87
CA ALA D 340 0.99 -13.03 36.28
C ALA D 340 0.78 -11.57 36.71
N ILE D 341 0.04 -11.36 37.81
CA ILE D 341 -0.25 -10.00 38.29
C ILE D 341 1.02 -9.15 38.52
N ASP D 342 2.08 -9.81 38.98
CA ASP D 342 3.35 -9.15 39.29
C ASP D 342 4.22 -8.80 38.06
N LEU D 343 3.78 -9.19 36.86
CA LEU D 343 4.52 -8.88 35.62
C LEU D 343 3.89 -7.73 34.82
N ASP D 344 2.65 -7.37 35.16
CA ASP D 344 2.04 -6.15 34.65
C ASP D 344 2.78 -4.94 35.24
N ASP D 345 2.62 -3.76 34.63
CA ASP D 345 3.22 -2.53 35.18
C ASP D 345 2.45 -2.05 36.40
N PHE D 346 2.68 -2.70 37.53
CA PHE D 346 1.90 -2.45 38.74
C PHE D 346 2.18 -1.10 39.41
N THR D 347 3.40 -0.58 39.24
CA THR D 347 3.74 0.76 39.77
C THR D 347 3.20 1.88 38.88
N GLY D 348 3.02 1.57 37.59
CA GLY D 348 2.59 2.55 36.59
C GLY D 348 3.73 3.43 36.10
N THR D 349 4.95 3.14 36.53
CA THR D 349 6.11 4.02 36.28
C THR D 349 6.95 3.63 35.06
N PHE D 350 6.67 2.48 34.45
CA PHE D 350 7.44 2.03 33.29
C PHE D 350 6.78 2.33 31.93
N CYS D 351 5.45 2.25 31.88
CA CYS D 351 4.73 2.28 30.60
C CYS D 351 3.94 3.57 30.34
N ASN D 352 3.79 4.38 31.38
CA ASN D 352 2.98 5.61 31.34
C ASN D 352 1.51 5.37 30.94
N GLN D 353 0.97 4.23 31.34
CA GLN D 353 -0.39 3.83 31.03
C GLN D 353 -1.23 3.55 32.28
N GLY D 354 -0.91 4.23 33.39
CA GLY D 354 -1.55 3.97 34.69
C GLY D 354 -1.07 2.67 35.34
N LYS D 355 -1.52 2.41 36.57
CA LYS D 355 -1.15 1.20 37.28
C LYS D 355 -1.91 0.02 36.68
N PHE D 356 -1.24 -1.14 36.59
CA PHE D 356 -1.80 -2.34 35.98
C PHE D 356 -2.48 -2.06 34.64
N PRO D 357 -1.73 -1.55 33.64
CA PRO D 357 -2.38 -1.21 32.37
C PRO D 357 -3.05 -2.42 31.68
N LEU D 358 -2.36 -3.56 31.67
CA LEU D 358 -2.87 -4.77 31.02
C LEU D 358 -4.10 -5.37 31.70
N ILE D 359 -4.02 -5.60 33.01
CA ILE D 359 -5.12 -6.19 33.77
C ILE D 359 -6.33 -5.24 33.87
N SER D 360 -6.07 -3.95 34.03
CA SER D 360 -7.11 -2.92 33.96
C SER D 360 -7.90 -2.98 32.65
N THR D 361 -7.21 -3.26 31.54
CA THR D 361 -7.87 -3.41 30.23
C THR D 361 -8.89 -4.55 30.27
N LEU D 362 -8.50 -5.66 30.89
CA LEU D 362 -9.38 -6.84 31.01
C LEU D 362 -10.56 -6.58 31.93
N LYS D 363 -10.30 -5.92 33.07
CA LYS D 363 -11.34 -5.60 34.04
C LYS D 363 -12.44 -4.75 33.40
N LYS D 364 -12.02 -3.73 32.65
CA LYS D 364 -12.93 -2.85 31.94
C LYS D 364 -13.68 -3.58 30.82
N ALA D 365 -12.95 -4.29 29.96
CA ALA D 365 -13.56 -5.06 28.86
C ALA D 365 -14.55 -6.10 29.34
N LEU D 366 -14.30 -6.69 30.50
CA LEU D 366 -15.17 -7.74 31.03
C LEU D 366 -16.32 -7.21 31.88
N GLY D 367 -16.35 -5.88 32.07
CA GLY D 367 -17.43 -5.21 32.80
C GLY D 367 -17.54 -5.59 34.28
N LEU D 368 -16.40 -5.78 34.92
CA LEU D 368 -16.36 -6.17 36.33
C LEU D 368 -16.84 -5.05 37.24
N GLN D 369 -17.60 -5.43 38.28
CA GLN D 369 -18.26 -4.51 39.18
C GLN D 369 -18.59 -5.20 40.51
N SER D 370 -18.39 -4.51 41.63
CA SER D 370 -18.88 -4.97 42.93
C SER D 370 -19.25 -3.79 43.83
N ALA D 371 -20.18 -4.03 44.74
CA ALA D 371 -20.60 -3.01 45.71
C ALA D 371 -19.42 -2.49 46.54
N SER D 372 -18.60 -3.41 47.07
CA SER D 372 -17.37 -3.04 47.83
C SER D 372 -16.51 -2.04 47.08
N CYS D 373 -16.45 -2.22 45.76
CA CYS D 373 -15.59 -1.43 44.89
C CYS D 373 -16.26 -0.18 44.35
N THR D 374 -17.08 0.45 45.19
CA THR D 374 -17.68 1.75 44.90
C THR D 374 -17.28 2.69 46.03
N ALA D 375 -17.57 3.98 45.87
CA ALA D 375 -17.24 4.98 46.89
C ALA D 375 -18.38 5.98 47.08
N PRO D 376 -19.37 5.63 47.93
CA PRO D 376 -20.50 6.51 48.24
C PRO D 376 -20.05 7.79 48.96
N ALA D 377 -20.96 8.76 49.06
CA ALA D 377 -20.69 10.02 49.78
C ALA D 377 -20.77 9.84 51.29
N GLN D 378 -19.84 9.03 51.80
CA GLN D 378 -19.64 8.77 53.22
C GLN D 378 -18.13 8.67 53.43
N PRO D 379 -17.63 9.11 54.61
CA PRO D 379 -16.18 9.19 54.87
C PRO D 379 -15.47 7.85 54.78
#